data_6U6Y
#
_entry.id   6U6Y
#
_cell.length_a   77.340
_cell.length_b   183.620
_cell.length_c   81.560
_cell.angle_alpha   90.000
_cell.angle_beta   100.850
_cell.angle_gamma   90.000
#
_symmetry.space_group_name_H-M   'P 1 21 1'
#
loop_
_entity.id
_entity.type
_entity.pdbx_description
1 polymer 'Deoxynucleoside triphosphate triphosphohydrolase SAMHD1'
2 polymer 'RNA CGCCU'
3 non-polymer 'ZINC ION'
4 non-polymer "2'-DEOXYADENOSINE 5'-TRIPHOSPHATE"
5 water water
#
loop_
_entity_poly.entity_id
_entity_poly.type
_entity_poly.pdbx_seq_one_letter_code
_entity_poly.pdbx_strand_id
1 'polypeptide(L)'
;MWSHPQFEKGSGSENLYFQGTMKVINDPIHGHIELHPLLVRIIDTPQFQRLRYIKQLGGGYYVFPGASHNRFEHSLGVGY
LAGCLVHALGEKQPELQISERDVLCVQIAGLCHDLGHGPFSHMFDGRFIPLARPEVKWTHEQGSVMMFEHLINSNGIKPV
MEQYGLIPEEDICFIKEQIVGPLESPVEDSLWPYKGRPENKSFLYEIVSNKRNGIDVAKWDYFARDCHHLGIQNNFDYKR
FIKFARVCEVDNELRICARDKEVGNLYDMFHTRNSLHRRAYQHKVGNIIDTMITDAFLKADDYIEITGAGGKKYRISTAI
DDMEAYTKLTDNIFLEILYSTDPKLKDAREILKQIEYRNLFKYVGETQPTGQIKIKREDYESLPKEVASAKPKVLLDVKL
KAEDFIVDVINMDYGMQEKNPIDHVSFYCKTAPNRAIRITKNQVSQLLPEKFAEQLIRVYCKKVDRKSLYAARQYFVQWC
ADRNFTKPQDGDVIAPLITPQKKEWNDSTSVQNPTRLREASKSRVQLFKDDPM
;
A,B,C,D
2 'polyribonucleotide' CGCCU E,G,F,H
#
# COMPACT_ATOMS: atom_id res chain seq x y z
N MET A 22 21.06 -26.19 -8.88
CA MET A 22 21.70 -24.87 -8.86
C MET A 22 21.37 -24.10 -7.59
N LYS A 23 22.00 -22.95 -7.39
CA LYS A 23 21.87 -22.21 -6.14
C LYS A 23 20.73 -21.21 -6.20
N VAL A 24 20.06 -21.04 -5.08
CA VAL A 24 19.01 -20.03 -4.92
C VAL A 24 19.52 -18.93 -4.00
N ILE A 25 19.36 -17.68 -4.43
CA ILE A 25 19.64 -16.52 -3.62
C ILE A 25 18.31 -15.83 -3.32
N ASN A 26 18.03 -15.60 -2.03
CA ASN A 26 16.75 -15.07 -1.63
C ASN A 26 16.85 -13.54 -1.55
N ASP A 27 16.26 -12.83 -2.55
CA ASP A 27 16.22 -11.38 -2.72
C ASP A 27 14.86 -10.83 -2.28
N PRO A 28 14.84 -9.78 -1.46
CA PRO A 28 13.56 -9.20 -1.03
C PRO A 28 12.67 -8.71 -2.18
N ILE A 29 13.23 -8.44 -3.36
CA ILE A 29 12.45 -7.88 -4.46
C ILE A 29 11.95 -8.97 -5.40
N HIS A 30 12.80 -9.97 -5.68
CA HIS A 30 12.46 -11.04 -6.61
C HIS A 30 12.22 -12.39 -5.94
N GLY A 31 12.34 -12.43 -4.62
CA GLY A 31 12.17 -13.71 -3.90
C GLY A 31 13.34 -14.64 -4.20
N HIS A 32 13.03 -15.92 -4.48
CA HIS A 32 14.10 -16.91 -4.77
C HIS A 32 14.68 -16.68 -6.17
N ILE A 33 16.01 -16.55 -6.27
CA ILE A 33 16.70 -16.36 -7.57
C ILE A 33 17.56 -17.60 -7.83
N GLU A 34 17.34 -18.26 -8.96
CA GLU A 34 18.11 -19.45 -9.32
C GLU A 34 19.26 -19.04 -10.24
N LEU A 35 20.48 -19.44 -9.89
CA LEU A 35 21.67 -19.04 -10.62
C LEU A 35 22.35 -20.26 -11.23
N HIS A 36 22.47 -20.25 -12.56
CA HIS A 36 23.22 -21.27 -13.28
C HIS A 36 24.66 -21.33 -12.74
N PRO A 37 25.22 -22.53 -12.59
CA PRO A 37 26.56 -22.65 -11.99
C PRO A 37 27.62 -21.77 -12.66
N LEU A 38 27.43 -21.43 -13.93
CA LEU A 38 28.39 -20.59 -14.63
C LEU A 38 28.28 -19.14 -14.16
N LEU A 39 27.07 -18.71 -13.76
CA LEU A 39 26.90 -17.39 -13.16
C LEU A 39 27.55 -17.31 -11.78
N VAL A 40 27.34 -18.34 -10.96
CA VAL A 40 27.97 -18.44 -9.65
C VAL A 40 29.49 -18.25 -9.75
N ARG A 41 30.13 -18.86 -10.75
CA ARG A 41 31.59 -18.73 -10.82
C ARG A 41 32.03 -17.32 -11.14
N ILE A 42 31.24 -16.61 -11.95
CA ILE A 42 31.55 -15.22 -12.28
C ILE A 42 31.31 -14.32 -11.09
N ILE A 43 30.30 -14.65 -10.28
CA ILE A 43 29.95 -13.86 -9.10
C ILE A 43 31.00 -14.01 -8.01
N ASP A 44 31.51 -15.23 -7.82
CA ASP A 44 32.46 -15.53 -6.75
C ASP A 44 33.90 -15.22 -7.19
N THR A 45 34.09 -13.95 -7.53
CA THR A 45 35.36 -13.40 -7.92
C THR A 45 35.50 -12.05 -7.22
N PRO A 46 36.74 -11.62 -6.93
CA PRO A 46 36.90 -10.29 -6.32
C PRO A 46 36.38 -9.19 -7.22
N GLN A 47 36.42 -9.38 -8.53
CA GLN A 47 35.98 -8.33 -9.42
C GLN A 47 34.46 -8.14 -9.40
N PHE A 48 33.70 -9.17 -9.02
CA PHE A 48 32.25 -9.03 -8.88
C PHE A 48 31.84 -8.67 -7.45
N GLN A 49 32.55 -9.23 -6.45
CA GLN A 49 32.25 -8.93 -5.05
C GLN A 49 32.63 -7.50 -4.67
N ARG A 50 33.43 -6.85 -5.51
CA ARG A 50 33.69 -5.43 -5.35
C ARG A 50 32.37 -4.63 -5.31
N LEU A 51 31.35 -5.08 -6.07
CA LEU A 51 30.10 -4.35 -6.16
C LEU A 51 29.36 -4.28 -4.83
N ARG A 52 29.74 -5.08 -3.83
CA ARG A 52 29.21 -4.99 -2.48
C ARG A 52 29.67 -3.73 -1.74
N TYR A 53 30.62 -2.98 -2.28
CA TYR A 53 31.24 -1.88 -1.54
C TYR A 53 31.09 -0.56 -2.29
N ILE A 54 30.02 -0.47 -3.10
CA ILE A 54 29.70 0.70 -3.92
C ILE A 54 28.20 0.92 -3.79
N LYS A 55 27.82 2.02 -3.15
CA LYS A 55 26.40 2.26 -2.89
C LYS A 55 25.66 2.61 -4.18
N GLN A 56 24.52 1.93 -4.38
CA GLN A 56 23.70 2.13 -5.58
C GLN A 56 23.43 3.61 -5.83
N LEU A 57 23.01 4.34 -4.80
CA LEU A 57 22.60 5.74 -4.95
C LEU A 57 23.69 6.73 -4.51
N GLY A 58 24.95 6.30 -4.44
CA GLY A 58 26.04 7.24 -4.15
C GLY A 58 25.87 7.96 -2.83
N GLY A 59 25.89 9.28 -2.89
CA GLY A 59 25.69 10.03 -1.66
C GLY A 59 24.27 10.12 -1.18
N GLY A 60 23.31 9.56 -1.94
CA GLY A 60 21.91 9.62 -1.56
C GLY A 60 21.61 8.98 -0.21
N TYR A 61 22.46 8.03 0.22
CA TYR A 61 22.32 7.42 1.54
C TYR A 61 22.38 8.46 2.67
N TYR A 62 23.18 9.53 2.50
CA TYR A 62 23.27 10.56 3.55
C TYR A 62 22.04 11.41 3.63
N VAL A 63 21.09 11.18 2.73
CA VAL A 63 19.82 11.86 2.72
C VAL A 63 18.67 10.90 2.99
N PHE A 64 18.75 9.67 2.47
CA PHE A 64 17.73 8.65 2.66
C PHE A 64 18.30 7.46 3.41
N PRO A 65 17.93 7.28 4.68
CA PRO A 65 18.56 6.23 5.51
C PRO A 65 18.25 4.83 5.05
N GLY A 66 17.19 4.63 4.28
CA GLY A 66 16.93 3.32 3.72
C GLY A 66 17.78 2.97 2.53
N ALA A 67 18.41 3.95 1.89
CA ALA A 67 19.17 3.69 0.66
C ALA A 67 20.62 3.23 0.94
N SER A 68 20.73 2.14 1.70
CA SER A 68 22.02 1.50 1.98
C SER A 68 22.42 0.44 0.95
N HIS A 69 21.59 0.16 -0.05
CA HIS A 69 21.86 -0.96 -0.94
C HIS A 69 23.01 -0.63 -1.89
N ASN A 70 23.71 -1.67 -2.33
CA ASN A 70 24.90 -1.53 -3.15
C ASN A 70 24.65 -2.15 -4.52
N ARG A 71 25.62 -1.94 -5.44
CA ARG A 71 25.52 -2.39 -6.81
C ARG A 71 25.34 -3.90 -6.92
N PHE A 72 25.85 -4.64 -5.93
CA PHE A 72 25.86 -6.10 -5.98
C PHE A 72 24.45 -6.68 -6.09
N GLU A 73 23.56 -6.32 -5.16
CA GLU A 73 22.24 -6.95 -5.18
C GLU A 73 21.43 -6.48 -6.38
N HIS A 74 21.68 -5.25 -6.83
CA HIS A 74 21.02 -4.76 -8.04
C HIS A 74 21.44 -5.59 -9.25
N SER A 75 22.75 -5.91 -9.33
CA SER A 75 23.28 -6.68 -10.46
C SER A 75 22.73 -8.10 -10.49
N LEU A 76 22.56 -8.73 -9.31
CA LEU A 76 21.89 -10.02 -9.27
C LEU A 76 20.49 -9.89 -9.85
N GLY A 77 19.79 -8.82 -9.46
CA GLY A 77 18.45 -8.60 -9.97
C GLY A 77 18.41 -8.40 -11.48
N VAL A 78 19.38 -7.64 -12.01
CA VAL A 78 19.43 -7.43 -13.45
C VAL A 78 19.72 -8.73 -14.18
N GLY A 79 20.69 -9.51 -13.66
CA GLY A 79 20.96 -10.82 -14.23
C GLY A 79 19.73 -11.71 -14.21
N TYR A 80 18.94 -11.62 -13.14
CA TYR A 80 17.78 -12.49 -13.02
C TYR A 80 16.66 -12.06 -13.97
N LEU A 81 16.38 -10.77 -14.06
CA LEU A 81 15.32 -10.31 -14.95
C LEU A 81 15.71 -10.50 -16.41
N ALA A 82 16.98 -10.26 -16.74
CA ALA A 82 17.41 -10.52 -18.11
C ALA A 82 17.05 -11.94 -18.51
N GLY A 83 17.31 -12.91 -17.63
CA GLY A 83 17.00 -14.30 -17.93
C GLY A 83 15.51 -14.56 -18.08
N CYS A 84 14.71 -14.10 -17.10
CA CYS A 84 13.26 -14.33 -17.16
C CYS A 84 12.68 -13.85 -18.48
N LEU A 85 13.14 -12.70 -18.97
CA LEU A 85 12.60 -12.18 -20.22
C LEU A 85 13.00 -13.05 -21.42
N VAL A 86 14.28 -13.40 -21.55
CA VAL A 86 14.66 -14.22 -22.72
C VAL A 86 14.01 -15.60 -22.65
N HIS A 87 13.89 -16.17 -21.46
CA HIS A 87 13.28 -17.48 -21.35
C HIS A 87 11.76 -17.44 -21.54
N ALA A 88 11.11 -16.34 -21.13
CA ALA A 88 9.70 -16.19 -21.48
C ALA A 88 9.55 -16.05 -22.99
N LEU A 89 10.34 -15.19 -23.61
CA LEU A 89 10.23 -15.02 -25.06
C LEU A 89 10.58 -16.31 -25.79
N GLY A 90 11.46 -17.14 -25.22
CA GLY A 90 11.87 -18.35 -25.90
C GLY A 90 10.79 -19.41 -25.90
N GLU A 91 9.96 -19.44 -24.86
CA GLU A 91 8.90 -20.44 -24.78
C GLU A 91 7.72 -20.06 -25.68
N LYS A 92 7.26 -18.83 -25.60
CA LYS A 92 6.11 -18.43 -26.41
C LYS A 92 6.43 -18.28 -27.89
N GLN A 93 7.70 -18.13 -28.28
CA GLN A 93 8.07 -18.01 -29.70
C GLN A 93 9.28 -18.89 -30.03
N PRO A 94 9.09 -20.21 -30.07
CA PRO A 94 10.21 -21.09 -30.46
C PRO A 94 10.79 -20.76 -31.84
N GLU A 95 10.02 -20.13 -32.72
CA GLU A 95 10.54 -19.71 -34.01
C GLU A 95 11.66 -18.68 -33.89
N LEU A 96 11.80 -18.02 -32.73
CA LEU A 96 12.93 -17.15 -32.50
C LEU A 96 14.25 -17.92 -32.38
N GLN A 97 14.18 -19.22 -32.11
CA GLN A 97 15.37 -20.07 -31.97
C GLN A 97 16.33 -19.50 -30.92
N ILE A 98 15.81 -19.33 -29.71
CA ILE A 98 16.60 -18.81 -28.60
C ILE A 98 17.22 -20.02 -27.89
N SER A 99 18.53 -20.14 -27.99
CA SER A 99 19.19 -21.27 -27.34
C SER A 99 19.40 -20.99 -25.86
N GLU A 100 19.71 -22.05 -25.11
CA GLU A 100 20.08 -21.84 -23.72
C GLU A 100 21.44 -21.16 -23.59
N ARG A 101 22.24 -21.17 -24.66
CA ARG A 101 23.47 -20.39 -24.71
C ARG A 101 23.16 -18.90 -24.87
N ASP A 102 22.16 -18.57 -25.69
CA ASP A 102 21.64 -17.21 -25.74
C ASP A 102 21.17 -16.73 -24.37
N VAL A 103 20.52 -17.60 -23.60
CA VAL A 103 20.02 -17.22 -22.28
C VAL A 103 21.16 -16.83 -21.37
N LEU A 104 22.21 -17.67 -21.31
CA LEU A 104 23.31 -17.45 -20.39
C LEU A 104 24.10 -16.19 -20.75
N CYS A 105 24.26 -15.94 -22.05
CA CYS A 105 24.97 -14.73 -22.49
C CYS A 105 24.21 -13.48 -22.11
N VAL A 106 22.88 -13.54 -22.10
CA VAL A 106 22.11 -12.37 -21.70
C VAL A 106 22.19 -12.18 -20.18
N GLN A 107 22.03 -13.26 -19.41
CA GLN A 107 22.17 -13.20 -17.96
C GLN A 107 23.54 -12.66 -17.55
N ILE A 108 24.62 -13.19 -18.14
CA ILE A 108 25.97 -12.71 -17.84
C ILE A 108 26.05 -11.22 -18.10
N ALA A 109 25.49 -10.77 -19.24
CA ALA A 109 25.50 -9.34 -19.53
C ALA A 109 24.70 -8.57 -18.50
N GLY A 110 23.58 -9.14 -18.06
CA GLY A 110 22.82 -8.52 -17.01
C GLY A 110 23.58 -8.44 -15.70
N LEU A 111 24.30 -9.52 -15.36
CA LEU A 111 25.07 -9.54 -14.12
C LEU A 111 26.16 -8.50 -14.11
N CYS A 112 26.72 -8.21 -15.27
CA CYS A 112 28.06 -7.62 -15.37
C CYS A 112 28.01 -6.21 -15.91
N HIS A 113 26.81 -5.71 -16.24
N HIS A 113 26.81 -5.72 -16.24
CA HIS A 113 26.63 -4.39 -16.86
CA HIS A 113 26.66 -4.41 -16.86
C HIS A 113 27.11 -3.26 -15.95
C HIS A 113 27.18 -3.29 -15.96
N ASP A 114 27.12 -3.44 -14.64
CA ASP A 114 27.57 -2.40 -13.74
C ASP A 114 28.95 -2.67 -13.12
N LEU A 115 29.72 -3.61 -13.69
CA LEU A 115 30.99 -3.98 -13.09
C LEU A 115 31.96 -2.80 -13.00
N GLY A 116 31.88 -1.90 -13.98
CA GLY A 116 32.78 -0.74 -14.09
C GLY A 116 32.37 0.46 -13.24
N HIS A 117 31.30 0.35 -12.45
CA HIS A 117 30.89 1.49 -11.60
C HIS A 117 31.99 1.77 -10.58
N GLY A 118 32.30 3.06 -10.36
CA GLY A 118 33.33 3.45 -9.39
C GLY A 118 32.73 3.89 -8.07
N PRO A 119 33.53 4.40 -7.11
CA PRO A 119 33.02 4.83 -5.82
C PRO A 119 31.82 5.78 -5.96
N PHE A 120 30.74 5.48 -5.23
CA PHE A 120 29.49 6.29 -5.21
C PHE A 120 28.82 6.29 -6.59
N SER A 121 28.93 5.16 -7.30
CA SER A 121 28.32 4.91 -8.63
C SER A 121 28.47 6.09 -9.59
N HIS A 122 27.34 6.72 -9.95
CA HIS A 122 27.27 7.82 -10.95
C HIS A 122 28.13 9.05 -10.60
N MET A 123 28.38 9.31 -9.32
CA MET A 123 29.21 10.48 -8.94
C MET A 123 30.65 10.31 -9.44
N PHE A 124 31.11 9.07 -9.63
CA PHE A 124 32.51 8.85 -10.03
C PHE A 124 32.76 9.14 -11.51
N ASP A 125 31.97 8.55 -12.41
CA ASP A 125 32.13 8.86 -13.84
C ASP A 125 31.32 10.06 -14.28
N GLY A 126 30.29 10.44 -13.52
CA GLY A 126 29.50 11.60 -13.86
C GLY A 126 30.13 12.90 -13.42
N ARG A 127 30.91 12.87 -12.29
CA ARG A 127 31.47 14.15 -11.89
C ARG A 127 32.96 14.11 -11.55
N PHE A 128 33.43 13.08 -10.85
CA PHE A 128 34.81 13.09 -10.37
C PHE A 128 35.81 13.00 -11.52
N ILE A 129 35.65 11.99 -12.37
CA ILE A 129 36.60 11.82 -13.48
C ILE A 129 36.62 13.01 -14.43
N PRO A 130 35.49 13.63 -14.80
CA PRO A 130 35.59 14.84 -15.64
C PRO A 130 36.27 16.01 -14.96
N LEU A 131 36.09 16.19 -13.65
CA LEU A 131 36.78 17.28 -12.97
C LEU A 131 38.27 17.00 -12.80
N ALA A 132 38.66 15.75 -12.61
CA ALA A 132 40.05 15.42 -12.31
C ALA A 132 40.88 15.26 -13.57
N ARG A 133 40.29 14.76 -14.66
CA ARG A 133 41.00 14.52 -15.91
C ARG A 133 40.10 14.91 -17.07
N PRO A 134 39.94 16.22 -17.30
CA PRO A 134 38.97 16.68 -18.31
C PRO A 134 39.29 16.23 -19.72
N GLU A 135 40.53 15.79 -19.96
CA GLU A 135 40.97 15.31 -21.27
C GLU A 135 40.56 13.87 -21.53
N VAL A 136 40.30 13.10 -20.48
CA VAL A 136 40.01 11.67 -20.61
C VAL A 136 38.50 11.50 -20.82
N LYS A 137 38.17 10.57 -21.70
CA LYS A 137 36.80 10.13 -21.90
C LYS A 137 36.63 8.76 -21.25
N TRP A 138 35.66 8.66 -20.36
CA TRP A 138 35.46 7.48 -19.54
C TRP A 138 33.97 7.37 -19.21
N THR A 139 33.44 6.16 -19.30
CA THR A 139 32.11 5.84 -18.81
C THR A 139 32.22 4.60 -17.94
N HIS A 140 31.26 4.43 -17.04
CA HIS A 140 31.24 3.18 -16.27
C HIS A 140 31.03 1.98 -17.19
N GLU A 141 30.34 2.17 -18.32
CA GLU A 141 30.11 1.03 -19.21
C GLU A 141 31.41 0.51 -19.79
N GLN A 142 32.23 1.41 -20.33
CA GLN A 142 33.58 1.01 -20.75
C GLN A 142 34.35 0.35 -19.62
N GLY A 143 34.17 0.86 -18.40
CA GLY A 143 34.76 0.20 -17.25
C GLY A 143 34.25 -1.22 -17.09
N SER A 144 32.93 -1.41 -17.26
CA SER A 144 32.37 -2.76 -17.15
C SER A 144 33.00 -3.72 -18.14
N VAL A 145 33.24 -3.27 -19.38
CA VAL A 145 33.85 -4.14 -20.37
C VAL A 145 35.27 -4.53 -19.94
N MET A 146 36.07 -3.53 -19.52
CA MET A 146 37.43 -3.81 -19.07
C MET A 146 37.43 -4.72 -17.84
N MET A 147 36.58 -4.40 -16.86
CA MET A 147 36.48 -5.22 -15.65
C MET A 147 36.00 -6.63 -15.98
N PHE A 148 35.10 -6.76 -16.94
CA PHE A 148 34.64 -8.09 -17.33
C PHE A 148 35.77 -8.89 -17.95
N GLU A 149 36.51 -8.27 -18.85
CA GLU A 149 37.64 -8.95 -19.49
C GLU A 149 38.67 -9.38 -18.44
N HIS A 150 38.99 -8.48 -17.50
CA HIS A 150 39.88 -8.79 -16.39
C HIS A 150 39.29 -9.88 -15.51
N LEU A 151 37.98 -9.82 -15.23
CA LEU A 151 37.35 -10.88 -14.43
C LEU A 151 37.55 -12.25 -15.09
N ILE A 152 37.38 -12.34 -16.40
CA ILE A 152 37.55 -13.63 -17.07
C ILE A 152 38.99 -14.09 -17.01
N ASN A 153 39.91 -13.22 -17.40
CA ASN A 153 41.29 -13.65 -17.55
C ASN A 153 41.91 -14.10 -16.23
N SER A 154 41.62 -13.41 -15.13
CA SER A 154 42.25 -13.76 -13.84
C SER A 154 41.52 -14.87 -13.08
N ASN A 155 40.49 -15.48 -13.64
CA ASN A 155 39.79 -16.54 -12.92
C ASN A 155 39.57 -17.77 -13.80
N GLY A 156 40.13 -17.78 -15.01
CA GLY A 156 39.94 -18.87 -15.93
C GLY A 156 38.48 -19.15 -16.19
N ILE A 157 37.71 -18.15 -16.59
CA ILE A 157 36.29 -18.38 -16.83
C ILE A 157 36.07 -18.99 -18.22
N LYS A 158 36.94 -18.71 -19.18
CA LYS A 158 36.80 -19.27 -20.52
C LYS A 158 36.57 -20.79 -20.54
N PRO A 159 37.40 -21.63 -19.89
CA PRO A 159 37.09 -23.07 -19.91
C PRO A 159 35.75 -23.40 -19.26
N VAL A 160 35.41 -22.75 -18.13
CA VAL A 160 34.11 -22.97 -17.52
C VAL A 160 32.98 -22.62 -18.48
N MET A 161 33.20 -21.61 -19.33
CA MET A 161 32.19 -21.31 -20.34
C MET A 161 32.07 -22.44 -21.35
N GLU A 162 33.20 -22.93 -21.87
CA GLU A 162 33.15 -24.05 -22.80
C GLU A 162 32.48 -25.27 -22.16
N GLN A 163 32.88 -25.59 -20.92
CA GLN A 163 32.26 -26.66 -20.16
C GLN A 163 30.73 -26.59 -20.17
N TYR A 164 30.17 -25.38 -20.15
CA TYR A 164 28.72 -25.20 -20.08
C TYR A 164 28.10 -24.83 -21.42
N GLY A 165 28.84 -24.97 -22.51
CA GLY A 165 28.26 -24.84 -23.82
C GLY A 165 28.42 -23.50 -24.49
N LEU A 166 29.24 -22.60 -23.94
CA LEU A 166 29.47 -21.32 -24.58
C LEU A 166 30.67 -21.41 -25.51
N ILE A 167 30.68 -20.55 -26.52
CA ILE A 167 31.82 -20.42 -27.43
C ILE A 167 32.52 -19.09 -27.13
N PRO A 168 33.55 -19.10 -26.27
CA PRO A 168 34.13 -17.86 -25.75
C PRO A 168 34.34 -16.72 -26.73
N GLU A 169 34.98 -16.94 -27.88
CA GLU A 169 35.38 -15.80 -28.69
C GLU A 169 34.18 -14.95 -29.11
N GLU A 170 33.12 -15.58 -29.58
CA GLU A 170 31.97 -14.80 -30.00
C GLU A 170 31.05 -14.45 -28.85
N ASP A 171 30.92 -15.34 -27.86
CA ASP A 171 30.00 -15.08 -26.76
C ASP A 171 30.51 -13.96 -25.86
N ILE A 172 31.84 -13.86 -25.71
CA ILE A 172 32.39 -12.73 -24.99
C ILE A 172 32.19 -11.44 -25.77
N CYS A 173 32.31 -11.52 -27.09
CA CYS A 173 31.99 -10.37 -27.92
C CYS A 173 30.52 -9.97 -27.74
N PHE A 174 29.62 -10.96 -27.75
CA PHE A 174 28.19 -10.68 -27.53
C PHE A 174 27.97 -9.97 -26.19
N ILE A 175 28.54 -10.51 -25.12
CA ILE A 175 28.31 -9.97 -23.79
C ILE A 175 28.78 -8.52 -23.68
N LYS A 176 29.94 -8.21 -24.26
CA LYS A 176 30.45 -6.85 -24.20
C LYS A 176 29.57 -5.89 -24.99
N GLU A 177 29.01 -6.35 -26.10
CA GLU A 177 28.20 -5.47 -26.93
C GLU A 177 26.85 -5.17 -26.29
N GLN A 178 26.30 -6.11 -25.52
CA GLN A 178 25.08 -5.79 -24.76
C GLN A 178 25.33 -4.73 -23.71
N ILE A 179 26.59 -4.53 -23.30
CA ILE A 179 26.91 -3.62 -22.23
C ILE A 179 27.20 -2.23 -22.74
N VAL A 180 28.11 -2.14 -23.69
CA VAL A 180 28.63 -0.86 -24.17
C VAL A 180 28.11 -0.49 -25.55
N GLY A 181 27.61 -1.44 -26.34
CA GLY A 181 27.11 -1.16 -27.66
C GLY A 181 28.06 -1.60 -28.76
N PRO A 182 27.73 -1.26 -30.00
CA PRO A 182 28.57 -1.68 -31.13
C PRO A 182 29.76 -0.76 -31.32
N LEU A 183 30.85 -1.35 -31.80
CA LEU A 183 32.15 -0.69 -31.88
C LEU A 183 32.36 0.07 -33.21
N LEU A 191 24.79 -0.59 -42.17
CA LEU A 191 24.07 -1.83 -41.96
C LEU A 191 24.21 -2.34 -40.52
N TRP A 192 24.10 -3.66 -40.34
CA TRP A 192 24.09 -4.28 -39.02
C TRP A 192 25.45 -4.14 -38.34
N PRO A 193 25.54 -3.42 -37.21
CA PRO A 193 26.86 -3.11 -36.63
C PRO A 193 27.41 -4.18 -35.69
N TYR A 194 26.54 -4.97 -35.06
CA TYR A 194 26.98 -5.94 -34.07
C TYR A 194 27.69 -7.12 -34.75
N LYS A 195 28.44 -7.87 -33.93
CA LYS A 195 29.18 -9.01 -34.41
C LYS A 195 29.09 -10.20 -33.47
N GLY A 196 28.27 -10.13 -32.43
CA GLY A 196 28.17 -11.24 -31.50
C GLY A 196 27.00 -12.13 -31.86
N ARG A 197 25.96 -11.52 -32.43
CA ARG A 197 24.77 -12.20 -32.92
C ARG A 197 24.35 -11.53 -34.23
N PRO A 198 23.73 -12.30 -35.13
CA PRO A 198 23.30 -11.74 -36.42
C PRO A 198 21.98 -10.98 -36.31
N GLU A 199 21.50 -10.49 -37.46
CA GLU A 199 20.31 -9.63 -37.46
C GLU A 199 19.08 -10.36 -36.94
N ASN A 200 18.98 -11.67 -37.16
CA ASN A 200 17.77 -12.39 -36.77
C ASN A 200 17.62 -12.52 -35.27
N LYS A 201 18.61 -12.07 -34.49
CA LYS A 201 18.51 -12.03 -33.03
C LYS A 201 18.70 -10.63 -32.45
N SER A 202 18.50 -9.59 -33.26
CA SER A 202 18.66 -8.21 -32.83
C SER A 202 17.87 -7.89 -31.56
N PHE A 203 16.74 -8.58 -31.34
CA PHE A 203 15.92 -8.33 -30.16
C PHE A 203 16.65 -8.68 -28.87
N LEU A 204 17.74 -9.47 -28.97
CA LEU A 204 18.53 -9.81 -27.79
C LEU A 204 19.31 -8.62 -27.26
N TYR A 205 19.72 -7.68 -28.12
CA TYR A 205 20.45 -6.49 -27.66
C TYR A 205 19.55 -5.46 -27.02
N GLU A 206 18.26 -5.76 -26.84
CA GLU A 206 17.31 -4.83 -26.26
C GLU A 206 16.97 -5.12 -24.81
N ILE A 207 17.50 -6.22 -24.27
CA ILE A 207 17.09 -6.71 -22.95
C ILE A 207 17.83 -5.99 -21.84
N VAL A 208 19.16 -6.07 -21.85
CA VAL A 208 19.95 -5.63 -20.71
C VAL A 208 19.99 -4.12 -20.64
N SER A 209 20.28 -3.48 -21.76
CA SER A 209 20.15 -2.04 -21.80
C SER A 209 19.67 -1.63 -23.19
N ASN A 210 18.64 -0.81 -23.21
CA ASN A 210 17.98 -0.38 -24.43
C ASN A 210 18.40 1.06 -24.72
N LYS A 211 19.25 1.23 -25.73
CA LYS A 211 19.77 2.54 -26.11
C LYS A 211 18.81 3.32 -27.02
N ARG A 212 17.56 2.85 -27.19
CA ARG A 212 16.65 3.43 -28.18
C ARG A 212 15.38 3.96 -27.52
N ASN A 213 14.97 3.36 -26.40
CA ASN A 213 13.81 3.84 -25.67
C ASN A 213 14.00 3.95 -24.16
N GLY A 214 15.05 3.35 -23.60
CA GLY A 214 15.21 3.37 -22.16
C GLY A 214 14.23 2.51 -21.39
N ILE A 215 13.80 1.38 -21.95
CA ILE A 215 13.07 0.36 -21.20
C ILE A 215 13.84 -0.96 -21.31
N ASP A 216 14.45 -1.36 -20.21
CA ASP A 216 15.28 -2.54 -20.13
C ASP A 216 15.12 -3.12 -18.73
N VAL A 217 15.59 -4.35 -18.57
CA VAL A 217 15.41 -5.01 -17.28
C VAL A 217 16.20 -4.33 -16.17
N ALA A 218 17.29 -3.61 -16.49
CA ALA A 218 18.04 -2.95 -15.41
C ALA A 218 17.19 -1.86 -14.75
N LYS A 219 16.51 -1.04 -15.55
CA LYS A 219 15.50 -0.11 -15.02
C LYS A 219 14.46 -0.81 -14.17
N TRP A 220 13.95 -1.96 -14.62
CA TRP A 220 12.95 -2.67 -13.83
C TRP A 220 13.46 -2.97 -12.43
N ASP A 221 14.69 -3.51 -12.34
CA ASP A 221 15.22 -3.85 -11.03
C ASP A 221 15.33 -2.61 -10.13
N TYR A 222 15.97 -1.56 -10.60
CA TYR A 222 16.27 -0.47 -9.68
C TYR A 222 15.08 0.44 -9.38
N PHE A 223 14.10 0.52 -10.30
CA PHE A 223 12.82 1.13 -9.94
C PHE A 223 12.26 0.43 -8.71
N ALA A 224 12.11 -0.89 -8.79
CA ALA A 224 11.52 -1.66 -7.70
C ALA A 224 12.41 -1.62 -6.47
N ARG A 225 13.73 -1.81 -6.68
CA ARG A 225 14.65 -1.83 -5.55
C ARG A 225 14.78 -0.46 -4.89
N ASP A 226 14.96 0.59 -5.68
CA ASP A 226 15.08 1.91 -5.06
C ASP A 226 13.78 2.31 -4.37
N CYS A 227 12.62 2.04 -4.98
CA CYS A 227 11.35 2.29 -4.29
C CYS A 227 11.31 1.60 -2.94
N HIS A 228 11.69 0.33 -2.92
CA HIS A 228 11.72 -0.48 -1.71
C HIS A 228 12.59 0.15 -0.63
N HIS A 229 13.75 0.70 -1.00
CA HIS A 229 14.67 1.24 0.00
C HIS A 229 14.38 2.70 0.33
N LEU A 230 13.77 3.45 -0.58
CA LEU A 230 13.39 4.82 -0.32
C LEU A 230 12.01 4.94 0.30
N GLY A 231 11.22 3.87 0.33
CA GLY A 231 9.84 4.00 0.77
C GLY A 231 8.92 4.74 -0.18
N ILE A 232 9.41 5.19 -1.34
CA ILE A 232 8.57 5.57 -2.44
C ILE A 232 7.82 4.32 -2.90
N GLN A 233 6.69 4.53 -3.55
CA GLN A 233 5.86 3.39 -3.91
C GLN A 233 5.81 3.17 -5.42
N ASN A 234 5.90 1.90 -5.81
CA ASN A 234 6.12 1.47 -7.18
C ASN A 234 4.85 0.76 -7.65
N ASN A 235 4.18 1.36 -8.64
CA ASN A 235 2.97 0.76 -9.21
C ASN A 235 3.27 -0.22 -10.34
N PHE A 236 4.41 -0.05 -11.02
CA PHE A 236 4.76 -0.88 -12.17
C PHE A 236 4.90 -2.34 -11.75
N ASP A 237 4.36 -3.24 -12.57
CA ASP A 237 4.40 -4.67 -12.31
C ASP A 237 5.23 -5.31 -13.41
N TYR A 238 6.51 -5.57 -13.13
CA TYR A 238 7.39 -6.07 -14.20
C TYR A 238 6.99 -7.46 -14.66
N LYS A 239 6.41 -8.29 -13.76
CA LYS A 239 6.09 -9.67 -14.11
C LYS A 239 4.97 -9.75 -15.16
N ARG A 240 3.96 -8.90 -15.04
CA ARG A 240 2.92 -8.87 -16.06
C ARG A 240 3.47 -8.39 -17.39
N PHE A 241 4.42 -7.47 -17.38
CA PHE A 241 5.04 -7.04 -18.63
C PHE A 241 5.83 -8.17 -19.28
N ILE A 242 6.58 -8.92 -18.47
CA ILE A 242 7.27 -10.11 -19.01
C ILE A 242 6.27 -11.13 -19.53
N LYS A 243 5.18 -11.37 -18.79
CA LYS A 243 4.25 -12.43 -19.17
C LYS A 243 3.65 -12.18 -20.54
N PHE A 244 3.51 -10.92 -20.94
CA PHE A 244 2.79 -10.56 -22.16
C PHE A 244 3.68 -9.94 -23.23
N ALA A 245 5.00 -10.07 -23.12
CA ALA A 245 5.90 -9.50 -24.11
C ALA A 245 6.03 -10.43 -25.31
N ARG A 246 6.22 -9.83 -26.49
CA ARG A 246 6.39 -10.59 -27.71
C ARG A 246 7.37 -9.87 -28.64
N VAL A 247 8.11 -10.65 -29.41
CA VAL A 247 8.93 -10.14 -30.50
C VAL A 247 8.07 -10.02 -31.74
N CYS A 248 8.17 -8.89 -32.44
CA CYS A 248 7.36 -8.64 -33.62
C CYS A 248 8.15 -7.85 -34.65
N GLU A 249 7.65 -7.87 -35.87
CA GLU A 249 8.27 -7.15 -36.98
C GLU A 249 7.81 -5.69 -36.95
N VAL A 250 8.76 -4.78 -36.78
CA VAL A 250 8.51 -3.34 -36.74
C VAL A 250 9.57 -2.69 -37.63
N ASP A 251 9.17 -2.28 -38.84
CA ASP A 251 10.09 -1.70 -39.82
C ASP A 251 11.21 -2.69 -40.17
N ASN A 252 10.83 -3.95 -40.37
CA ASN A 252 11.74 -5.01 -40.77
C ASN A 252 12.81 -5.33 -39.73
N GLU A 253 12.62 -4.86 -38.49
CA GLU A 253 13.49 -5.22 -37.39
C GLU A 253 12.69 -6.00 -36.36
N LEU A 254 13.31 -7.02 -35.77
CA LEU A 254 12.69 -7.73 -34.66
C LEU A 254 12.86 -6.91 -33.38
N ARG A 255 11.75 -6.50 -32.79
CA ARG A 255 11.74 -5.72 -31.56
C ARG A 255 10.79 -6.35 -30.56
N ILE A 256 11.13 -6.26 -29.28
CA ILE A 256 10.22 -6.71 -28.24
C ILE A 256 9.07 -5.72 -28.13
N CYS A 257 7.85 -6.24 -28.00
CA CYS A 257 6.63 -5.43 -27.99
C CYS A 257 5.77 -5.78 -26.78
N ALA A 258 5.12 -4.76 -26.23
CA ALA A 258 4.15 -4.91 -25.16
C ALA A 258 2.75 -5.09 -25.75
N ARG A 259 1.89 -5.75 -25.00
CA ARG A 259 0.52 -5.87 -25.46
C ARG A 259 -0.19 -4.51 -25.41
N ASP A 260 -1.13 -4.33 -26.34
CA ASP A 260 -1.84 -3.05 -26.45
C ASP A 260 -2.66 -2.74 -25.20
N LYS A 261 -3.16 -3.78 -24.52
CA LYS A 261 -3.93 -3.55 -23.30
C LYS A 261 -3.05 -3.07 -22.15
N GLU A 262 -1.76 -3.40 -22.18
CA GLU A 262 -0.86 -3.15 -21.06
C GLU A 262 -0.27 -1.74 -21.05
N VAL A 263 -0.83 -0.78 -21.79
CA VAL A 263 -0.33 0.59 -21.75
C VAL A 263 -0.47 1.21 -20.36
N GLY A 264 -1.41 0.74 -19.54
CA GLY A 264 -1.58 1.30 -18.20
C GLY A 264 -0.41 0.97 -17.29
N ASN A 265 0.10 -0.26 -17.38
CA ASN A 265 1.31 -0.63 -16.63
C ASN A 265 2.50 0.21 -17.06
N LEU A 266 2.58 0.53 -18.36
CA LEU A 266 3.68 1.35 -18.83
C LEU A 266 3.56 2.78 -18.31
N TYR A 267 2.33 3.32 -18.28
CA TYR A 267 2.13 4.65 -17.71
C TYR A 267 2.58 4.69 -16.26
N ASP A 268 2.33 3.62 -15.51
CA ASP A 268 2.76 3.56 -14.12
C ASP A 268 4.28 3.56 -14.00
N MET A 269 4.96 2.76 -14.83
CA MET A 269 6.41 2.71 -14.79
C MET A 269 7.03 4.09 -15.04
N PHE A 270 6.55 4.81 -16.06
CA PHE A 270 7.07 6.14 -16.34
C PHE A 270 6.78 7.10 -15.19
N HIS A 271 5.66 6.92 -14.47
CA HIS A 271 5.41 7.78 -13.32
C HIS A 271 6.34 7.45 -12.16
N THR A 272 6.66 6.16 -11.98
CA THR A 272 7.67 5.79 -10.99
C THR A 272 9.05 6.35 -11.39
N ARG A 273 9.44 6.24 -12.66
CA ARG A 273 10.68 6.84 -13.08
C ARG A 273 10.71 8.33 -12.76
N ASN A 274 9.61 9.05 -12.99
CA ASN A 274 9.64 10.48 -12.76
C ASN A 274 9.67 10.82 -11.28
N SER A 275 9.01 10.01 -10.44
CA SER A 275 9.07 10.25 -9.00
C SER A 275 10.48 10.03 -8.45
N LEU A 276 11.18 8.99 -8.93
CA LEU A 276 12.50 8.67 -8.39
C LEU A 276 13.52 9.74 -8.75
N HIS A 277 13.44 10.27 -9.98
CA HIS A 277 14.32 11.36 -10.37
C HIS A 277 14.02 12.62 -9.59
N ARG A 278 12.74 13.00 -9.55
CA ARG A 278 12.36 14.24 -8.88
C ARG A 278 12.60 14.16 -7.38
N ARG A 279 12.26 13.03 -6.75
CA ARG A 279 12.41 12.86 -5.32
C ARG A 279 13.82 12.43 -4.90
N ALA A 280 14.40 11.41 -5.54
CA ALA A 280 15.65 10.86 -5.04
C ALA A 280 16.86 11.27 -5.86
N TYR A 281 16.85 10.98 -7.16
CA TYR A 281 18.07 11.08 -7.95
C TYR A 281 18.54 12.52 -8.09
N GLN A 282 17.62 13.50 -7.99
CA GLN A 282 17.94 14.90 -8.17
C GLN A 282 17.71 15.69 -6.90
N HIS A 283 17.66 15.01 -5.76
CA HIS A 283 17.44 15.65 -4.48
C HIS A 283 18.49 16.73 -4.23
N LYS A 284 18.02 17.88 -3.72
CA LYS A 284 18.91 19.04 -3.56
C LYS A 284 20.10 18.73 -2.65
N VAL A 285 19.83 18.26 -1.43
CA VAL A 285 20.90 17.98 -0.50
C VAL A 285 21.72 16.78 -0.96
N GLY A 286 21.06 15.78 -1.53
CA GLY A 286 21.79 14.62 -2.01
C GLY A 286 22.81 14.97 -3.08
N ASN A 287 22.46 15.90 -3.96
CA ASN A 287 23.42 16.32 -4.98
C ASN A 287 24.55 17.16 -4.38
N ILE A 288 24.20 18.09 -3.50
CA ILE A 288 25.22 18.83 -2.75
C ILE A 288 26.24 17.88 -2.12
N ILE A 289 25.75 16.84 -1.43
CA ILE A 289 26.62 15.88 -0.78
C ILE A 289 27.53 15.18 -1.79
N ASP A 290 27.00 14.88 -2.99
CA ASP A 290 27.85 14.25 -4.01
C ASP A 290 29.04 15.15 -4.39
N THR A 291 28.80 16.45 -4.52
CA THR A 291 29.87 17.37 -4.87
C THR A 291 30.83 17.59 -3.73
N MET A 292 30.40 17.40 -2.49
CA MET A 292 31.32 17.47 -1.37
C MET A 292 32.23 16.24 -1.35
N ILE A 293 31.68 15.05 -1.62
CA ILE A 293 32.54 13.88 -1.72
C ILE A 293 33.53 14.06 -2.86
N THR A 294 33.07 14.56 -4.01
CA THR A 294 33.96 14.78 -5.15
C THR A 294 35.04 15.80 -4.82
N ASP A 295 34.68 16.84 -4.07
CA ASP A 295 35.65 17.83 -3.62
C ASP A 295 36.72 17.19 -2.76
N ALA A 296 36.31 16.39 -1.78
CA ALA A 296 37.25 15.70 -0.92
C ALA A 296 38.18 14.80 -1.74
N PHE A 297 37.60 14.01 -2.67
CA PHE A 297 38.44 13.14 -3.51
C PHE A 297 39.45 13.98 -4.30
N LEU A 298 39.03 15.15 -4.80
CA LEU A 298 39.94 15.94 -5.62
C LEU A 298 41.11 16.47 -4.80
N LYS A 299 40.85 16.80 -3.54
CA LYS A 299 41.88 17.25 -2.61
C LYS A 299 42.76 16.10 -2.17
N ALA A 300 42.25 14.88 -2.21
CA ALA A 300 43.02 13.70 -1.82
C ALA A 300 43.77 13.05 -2.97
N ASP A 301 43.41 13.36 -4.22
CA ASP A 301 43.89 12.60 -5.36
C ASP A 301 45.41 12.52 -5.41
N ASP A 302 46.10 13.61 -5.05
CA ASP A 302 47.56 13.60 -5.18
C ASP A 302 48.27 12.74 -4.14
N TYR A 303 47.56 12.21 -3.15
CA TYR A 303 48.20 11.59 -2.01
C TYR A 303 47.75 10.16 -1.71
N ILE A 304 46.60 9.74 -2.20
CA ILE A 304 46.19 8.36 -2.05
C ILE A 304 46.92 7.54 -3.11
N GLU A 305 47.40 6.36 -2.71
CA GLU A 305 48.08 5.45 -3.61
C GLU A 305 47.36 4.12 -3.63
N ILE A 306 46.99 3.66 -4.81
CA ILE A 306 46.34 2.36 -4.98
C ILE A 306 47.26 1.49 -5.85
N THR A 307 47.55 0.29 -5.38
CA THR A 307 48.55 -0.54 -6.05
C THR A 307 47.87 -1.40 -7.11
N GLY A 308 48.29 -1.20 -8.36
CA GLY A 308 47.75 -1.94 -9.49
C GLY A 308 48.66 -3.05 -9.92
N ALA A 309 48.49 -3.49 -11.17
CA ALA A 309 49.28 -4.60 -11.70
C ALA A 309 50.76 -4.25 -11.66
N GLY A 310 51.56 -5.22 -11.24
CA GLY A 310 53.00 -5.07 -11.21
C GLY A 310 53.54 -4.24 -10.06
N GLY A 311 52.70 -3.89 -9.10
CA GLY A 311 53.12 -2.99 -8.06
C GLY A 311 53.11 -1.54 -8.46
N LYS A 312 52.74 -1.22 -9.71
CA LYS A 312 52.64 0.19 -10.08
C LYS A 312 51.59 0.86 -9.20
N LYS A 313 51.80 2.13 -8.89
CA LYS A 313 50.91 2.83 -7.98
C LYS A 313 50.02 3.82 -8.74
N TYR A 314 48.74 3.82 -8.39
CA TYR A 314 47.77 4.67 -9.08
C TYR A 314 47.12 5.62 -8.08
N ARG A 315 46.57 6.68 -8.65
CA ARG A 315 45.74 7.60 -7.90
C ARG A 315 44.25 7.32 -8.15
N ILE A 316 43.39 8.02 -7.43
CA ILE A 316 41.95 7.81 -7.56
C ILE A 316 41.52 8.03 -9.02
N SER A 317 42.01 9.12 -9.63
CA SER A 317 41.69 9.46 -11.01
C SER A 317 42.37 8.55 -12.04
N THR A 318 43.38 7.77 -11.66
CA THR A 318 44.09 6.94 -12.63
C THR A 318 43.90 5.45 -12.39
N ALA A 319 43.22 5.07 -11.31
CA ALA A 319 42.87 3.67 -11.12
C ALA A 319 41.99 3.14 -12.25
N ILE A 320 41.28 4.02 -12.95
CA ILE A 320 40.47 3.58 -14.07
C ILE A 320 41.31 3.05 -15.21
N ASP A 321 42.64 3.24 -15.15
CA ASP A 321 43.54 2.85 -16.22
C ASP A 321 44.20 1.52 -15.97
N ASP A 322 43.94 0.89 -14.83
CA ASP A 322 44.52 -0.41 -14.48
C ASP A 322 43.49 -1.19 -13.69
N MET A 323 43.00 -2.29 -14.25
CA MET A 323 41.86 -2.96 -13.65
C MET A 323 42.20 -3.61 -12.31
N GLU A 324 43.43 -4.07 -12.13
CA GLU A 324 43.83 -4.60 -10.83
C GLU A 324 43.66 -3.57 -9.72
N ALA A 325 44.08 -2.32 -9.98
CA ALA A 325 43.92 -1.22 -9.03
C ALA A 325 42.44 -0.84 -8.85
N TYR A 326 41.70 -0.71 -9.97
CA TYR A 326 40.28 -0.38 -9.91
C TYR A 326 39.50 -1.35 -9.05
N THR A 327 39.92 -2.63 -9.04
CA THR A 327 39.24 -3.65 -8.23
C THR A 327 39.22 -3.26 -6.75
N LYS A 328 40.22 -2.50 -6.33
CA LYS A 328 40.39 -2.12 -4.93
C LYS A 328 39.95 -0.69 -4.66
N LEU A 329 39.24 -0.08 -5.61
CA LEU A 329 38.78 1.30 -5.51
C LEU A 329 37.26 1.28 -5.37
N THR A 330 36.77 1.48 -4.14
CA THR A 330 35.35 1.40 -3.84
C THR A 330 34.98 2.53 -2.88
N ASP A 331 33.80 2.43 -2.25
CA ASP A 331 33.41 3.44 -1.28
C ASP A 331 34.38 3.52 -0.12
N ASN A 332 35.19 2.46 0.06
CA ASN A 332 36.17 2.42 1.12
C ASN A 332 37.01 3.67 1.15
N ILE A 333 37.26 4.27 -0.03
CA ILE A 333 38.13 5.43 -0.15
C ILE A 333 37.59 6.62 0.67
N PHE A 334 36.28 6.68 0.85
CA PHE A 334 35.70 7.64 1.80
C PHE A 334 36.29 7.47 3.19
N LEU A 335 36.21 6.26 3.74
CA LEU A 335 36.68 6.01 5.10
C LEU A 335 38.20 6.07 5.21
N GLU A 336 38.92 5.65 4.17
CA GLU A 336 40.37 5.72 4.23
C GLU A 336 40.83 7.18 4.32
N ILE A 337 40.12 8.09 3.66
CA ILE A 337 40.38 9.52 3.83
C ILE A 337 39.89 9.99 5.20
N LEU A 338 38.69 9.56 5.60
CA LEU A 338 38.11 10.04 6.86
C LEU A 338 38.91 9.58 8.06
N TYR A 339 39.46 8.37 8.03
CA TYR A 339 40.27 7.81 9.13
C TYR A 339 41.75 8.15 9.06
N SER A 340 42.22 8.83 8.02
CA SER A 340 43.64 9.04 7.86
C SER A 340 44.17 10.04 8.87
N THR A 341 45.48 9.92 9.14
CA THR A 341 46.22 10.87 9.97
C THR A 341 47.20 11.70 9.17
N ASP A 342 47.49 11.31 7.94
CA ASP A 342 48.49 11.97 7.11
C ASP A 342 48.22 13.47 7.04
N PRO A 343 49.22 14.31 7.29
CA PRO A 343 49.00 15.77 7.15
C PRO A 343 48.62 16.20 5.75
N LYS A 344 49.13 15.56 4.70
CA LYS A 344 48.78 15.96 3.34
C LYS A 344 47.32 15.69 3.01
N LEU A 345 46.65 14.83 3.78
CA LEU A 345 45.26 14.49 3.56
C LEU A 345 44.31 15.36 4.38
N LYS A 346 44.87 16.30 5.17
CA LYS A 346 44.06 17.08 6.08
C LYS A 346 42.93 17.82 5.36
N ASP A 347 43.23 18.47 4.23
CA ASP A 347 42.21 19.25 3.55
C ASP A 347 41.05 18.36 3.09
N ALA A 348 41.37 17.19 2.54
CA ALA A 348 40.35 16.25 2.12
C ALA A 348 39.56 15.74 3.32
N ARG A 349 40.26 15.37 4.38
CA ARG A 349 39.61 14.87 5.58
C ARG A 349 38.61 15.89 6.15
N GLU A 350 38.96 17.17 6.12
CA GLU A 350 38.07 18.17 6.70
C GLU A 350 36.81 18.38 5.87
N ILE A 351 36.88 18.13 4.55
CA ILE A 351 35.67 18.16 3.74
C ILE A 351 34.73 17.01 4.13
N LEU A 352 35.28 15.81 4.35
CA LEU A 352 34.42 14.71 4.79
C LEU A 352 33.86 14.96 6.18
N LYS A 353 34.67 15.54 7.06
CA LYS A 353 34.21 15.83 8.41
C LYS A 353 33.07 16.85 8.41
N GLN A 354 33.08 17.81 7.48
CA GLN A 354 31.95 18.73 7.42
C GLN A 354 30.64 18.03 7.02
N ILE A 355 30.70 16.97 6.20
CA ILE A 355 29.51 16.16 5.91
C ILE A 355 28.93 15.55 7.18
N GLU A 356 29.80 14.96 8.02
CA GLU A 356 29.34 14.38 9.27
C GLU A 356 28.69 15.45 10.15
N TYR A 357 29.36 16.59 10.32
CA TYR A 357 28.84 17.68 11.14
C TYR A 357 27.61 18.34 10.53
N ARG A 358 27.27 18.01 9.28
CA ARG A 358 26.15 18.60 8.57
C ARG A 358 26.34 20.09 8.30
N ASN A 359 27.59 20.50 8.07
CA ASN A 359 27.87 21.85 7.56
C ASN A 359 28.20 21.71 6.08
N LEU A 360 27.16 21.64 5.26
CA LEU A 360 27.30 21.35 3.84
C LEU A 360 27.45 22.64 3.04
N PHE A 361 27.80 22.49 1.77
CA PHE A 361 27.79 23.62 0.85
C PHE A 361 26.35 24.17 0.79
N LYS A 362 26.22 25.44 0.45
CA LYS A 362 24.91 26.07 0.46
C LYS A 362 24.38 26.29 -0.95
N TYR A 363 23.08 26.02 -1.12
CA TYR A 363 22.44 26.12 -2.42
C TYR A 363 22.28 27.58 -2.83
N VAL A 364 22.70 27.89 -4.05
CA VAL A 364 22.63 29.25 -4.57
C VAL A 364 21.47 29.41 -5.56
N GLY A 365 21.31 28.46 -6.48
CA GLY A 365 20.23 28.53 -7.43
C GLY A 365 20.30 27.43 -8.46
N GLU A 366 19.45 27.55 -9.47
CA GLU A 366 19.27 26.56 -10.52
C GLU A 366 19.00 27.29 -11.83
N THR A 367 19.25 26.59 -12.94
CA THR A 367 19.09 27.17 -14.26
C THR A 367 18.94 26.04 -15.26
N GLN A 368 18.64 26.41 -16.51
CA GLN A 368 18.54 25.52 -17.63
C GLN A 368 19.22 26.14 -18.85
N PRO A 369 19.91 25.36 -19.67
CA PRO A 369 20.43 25.87 -20.94
C PRO A 369 19.32 25.98 -21.97
N THR A 370 19.20 27.15 -22.61
CA THR A 370 18.09 27.47 -23.51
C THR A 370 18.40 27.00 -24.93
N GLY A 371 17.75 25.91 -25.35
CA GLY A 371 17.94 25.35 -26.68
C GLY A 371 19.39 25.25 -27.06
N GLN A 372 20.23 25.08 -26.04
CA GLN A 372 21.66 25.36 -26.11
C GLN A 372 22.44 24.06 -26.08
N ILE A 373 23.76 24.19 -26.11
CA ILE A 373 24.63 23.04 -26.04
C ILE A 373 24.31 22.24 -24.80
N LYS A 374 24.55 20.93 -24.88
CA LYS A 374 24.85 20.22 -23.65
C LYS A 374 26.12 20.87 -23.11
N ILE A 375 26.03 21.43 -21.90
CA ILE A 375 27.27 21.74 -21.22
C ILE A 375 28.05 20.43 -21.11
N LYS A 376 29.24 20.40 -21.68
CA LYS A 376 29.94 19.15 -21.89
C LYS A 376 30.96 18.88 -20.79
N ARG A 377 31.22 17.59 -20.56
CA ARG A 377 32.07 17.17 -19.46
C ARG A 377 33.44 17.84 -19.51
N GLU A 378 34.02 17.99 -20.72
CA GLU A 378 35.33 18.62 -20.86
C GLU A 378 35.33 20.02 -20.27
N ASP A 379 34.15 20.64 -20.15
CA ASP A 379 34.01 22.01 -19.67
C ASP A 379 33.59 22.11 -18.21
N TYR A 380 33.33 20.98 -17.54
CA TYR A 380 32.86 21.04 -16.15
C TYR A 380 33.84 21.84 -15.29
N GLU A 381 35.14 21.71 -15.54
CA GLU A 381 36.12 22.31 -14.66
C GLU A 381 36.22 23.81 -14.85
N SER A 382 35.96 24.29 -16.07
CA SER A 382 36.01 25.72 -16.34
C SER A 382 34.83 26.49 -15.74
N LEU A 383 33.76 25.79 -15.35
CA LEU A 383 32.52 26.48 -14.92
C LEU A 383 32.70 27.36 -13.69
N PRO A 384 33.26 26.89 -12.56
CA PRO A 384 33.42 27.79 -11.41
C PRO A 384 34.17 29.07 -11.72
N LYS A 385 35.12 29.06 -12.66
CA LYS A 385 35.81 30.29 -13.02
C LYS A 385 34.85 31.28 -13.69
N GLU A 386 34.05 30.80 -14.65
CA GLU A 386 33.09 31.66 -15.34
C GLU A 386 32.16 32.34 -14.35
N VAL A 387 31.68 31.61 -13.35
CA VAL A 387 30.77 32.18 -12.35
C VAL A 387 31.47 33.28 -11.54
N ALA A 388 32.69 33.03 -11.11
CA ALA A 388 33.42 34.07 -10.37
C ALA A 388 33.82 35.24 -11.28
N SER A 389 34.15 34.95 -12.55
CA SER A 389 34.53 36.01 -13.47
C SER A 389 33.35 36.84 -13.97
N ALA A 390 32.12 36.38 -13.76
CA ALA A 390 30.96 37.18 -14.11
C ALA A 390 30.97 38.51 -13.36
N LYS A 391 30.36 39.52 -13.96
CA LYS A 391 30.37 40.88 -13.41
C LYS A 391 28.97 41.29 -12.96
N PRO A 392 28.58 41.00 -11.71
CA PRO A 392 27.39 41.67 -11.17
C PRO A 392 27.79 43.07 -10.79
N LYS A 393 27.46 44.08 -11.60
CA LYS A 393 28.02 45.40 -11.33
C LYS A 393 27.26 46.13 -10.23
N VAL A 394 26.14 45.60 -9.76
CA VAL A 394 25.61 46.08 -8.50
C VAL A 394 26.59 45.55 -7.46
N LEU A 395 27.60 46.36 -7.14
CA LEU A 395 28.80 45.86 -6.48
C LEU A 395 28.64 45.94 -4.97
N LEU A 396 29.01 44.87 -4.29
CA LEU A 396 29.00 44.79 -2.85
C LEU A 396 30.41 44.49 -2.35
N ASP A 397 30.52 44.46 -1.01
CA ASP A 397 31.82 44.27 -0.39
C ASP A 397 32.47 42.98 -0.85
N VAL A 398 31.78 41.86 -0.61
CA VAL A 398 32.41 40.55 -0.74
C VAL A 398 32.64 40.20 -2.19
N LYS A 399 33.79 39.61 -2.46
CA LYS A 399 34.12 39.05 -3.77
C LYS A 399 34.53 37.62 -3.51
N LEU A 400 34.32 36.78 -4.51
CA LEU A 400 34.52 35.35 -4.36
C LEU A 400 35.41 34.81 -5.46
N LYS A 401 36.19 33.77 -5.12
CA LYS A 401 37.06 33.13 -6.07
C LYS A 401 36.35 31.92 -6.69
N ALA A 402 37.03 31.27 -7.64
CA ALA A 402 36.45 30.09 -8.26
C ALA A 402 36.33 28.96 -7.25
N GLU A 403 37.31 28.82 -6.35
CA GLU A 403 37.29 27.74 -5.38
C GLU A 403 36.08 27.80 -4.47
N ASP A 404 35.38 28.94 -4.41
CA ASP A 404 34.23 29.05 -3.53
C ASP A 404 32.93 28.59 -4.18
N PHE A 405 32.94 28.34 -5.47
CA PHE A 405 31.74 27.96 -6.19
C PHE A 405 31.84 26.51 -6.60
N ILE A 406 30.74 25.79 -6.46
CA ILE A 406 30.55 24.47 -7.03
C ILE A 406 29.49 24.62 -8.13
N VAL A 407 29.74 24.00 -9.28
CA VAL A 407 28.78 23.97 -10.39
C VAL A 407 28.38 22.53 -10.67
N ASP A 408 27.08 22.26 -10.68
CA ASP A 408 26.56 20.89 -10.72
C ASP A 408 25.71 20.71 -11.97
N VAL A 409 26.22 19.95 -12.92
CA VAL A 409 25.52 19.67 -14.17
C VAL A 409 24.82 18.33 -14.00
N ILE A 410 23.49 18.39 -13.97
CA ILE A 410 22.62 17.23 -13.80
C ILE A 410 22.08 16.88 -15.18
N ASN A 411 22.52 15.76 -15.74
CA ASN A 411 22.08 15.31 -17.05
C ASN A 411 20.96 14.27 -16.87
N MET A 412 19.87 14.45 -17.59
CA MET A 412 18.78 13.49 -17.52
C MET A 412 18.50 12.89 -18.90
N HIS A 424 7.90 5.91 -27.58
CA HIS A 424 8.64 5.15 -28.59
C HIS A 424 8.56 3.66 -28.31
N VAL A 425 7.43 3.23 -27.74
CA VAL A 425 7.16 1.84 -27.46
C VAL A 425 6.24 1.29 -28.54
N SER A 426 6.58 0.14 -29.10
CA SER A 426 5.75 -0.51 -30.11
C SER A 426 4.87 -1.58 -29.48
N PHE A 427 3.62 -1.66 -29.94
CA PHE A 427 2.62 -2.52 -29.35
C PHE A 427 2.07 -3.49 -30.39
N TYR A 428 1.38 -4.51 -29.89
CA TYR A 428 0.75 -5.50 -30.74
C TYR A 428 -0.62 -5.82 -30.17
N CYS A 429 -1.61 -5.93 -31.06
CA CYS A 429 -2.92 -6.45 -30.69
C CYS A 429 -2.90 -7.97 -30.71
N LYS A 430 -3.76 -8.58 -29.90
CA LYS A 430 -3.79 -10.04 -29.80
C LYS A 430 -4.43 -10.69 -31.02
N THR A 431 -5.29 -9.97 -31.73
CA THR A 431 -5.87 -10.52 -32.96
C THR A 431 -4.86 -10.56 -34.11
N ALA A 432 -3.84 -9.70 -34.09
CA ALA A 432 -2.76 -9.70 -35.06
C ALA A 432 -1.44 -9.71 -34.28
N PRO A 433 -0.95 -10.90 -33.90
CA PRO A 433 0.15 -10.95 -32.92
C PRO A 433 1.52 -10.54 -33.44
N ASN A 434 1.78 -10.58 -34.75
CA ASN A 434 3.04 -10.06 -35.30
C ASN A 434 2.82 -8.87 -36.23
N ARG A 435 1.73 -8.13 -36.03
CA ARG A 435 1.48 -6.86 -36.72
C ARG A 435 1.60 -5.72 -35.72
N ALA A 436 2.39 -4.71 -36.07
CA ALA A 436 2.60 -3.57 -35.19
C ALA A 436 1.46 -2.56 -35.34
N ILE A 437 1.39 -1.63 -34.40
CA ILE A 437 0.34 -0.60 -34.42
C ILE A 437 0.83 0.73 -35.01
N GLU A 454 16.09 18.68 -19.73
CA GLU A 454 17.12 17.81 -20.29
C GLU A 454 18.45 17.96 -19.56
N GLN A 455 18.75 19.19 -19.13
CA GLN A 455 19.96 19.47 -18.36
C GLN A 455 19.65 20.55 -17.35
N LEU A 456 19.98 20.31 -16.09
CA LEU A 456 19.86 21.31 -15.04
C LEU A 456 21.25 21.65 -14.51
N ILE A 457 21.39 22.91 -14.08
CA ILE A 457 22.67 23.44 -13.61
C ILE A 457 22.41 24.09 -12.27
N ARG A 458 23.00 23.53 -11.22
CA ARG A 458 22.89 24.12 -9.90
C ARG A 458 24.25 24.66 -9.49
N VAL A 459 24.24 25.77 -8.75
CA VAL A 459 25.45 26.38 -8.22
C VAL A 459 25.36 26.39 -6.70
N TYR A 460 26.41 25.92 -6.03
CA TYR A 460 26.51 26.00 -4.59
C TYR A 460 27.74 26.81 -4.20
N CYS A 461 27.76 27.27 -2.95
CA CYS A 461 28.84 28.12 -2.47
C CYS A 461 29.44 27.49 -1.22
N LYS A 462 30.78 27.44 -1.16
CA LYS A 462 31.44 26.79 -0.05
C LYS A 462 31.48 27.67 1.20
N LYS A 463 31.20 28.96 1.06
CA LYS A 463 31.12 29.87 2.19
C LYS A 463 29.66 30.10 2.57
N VAL A 464 29.37 29.98 3.86
CA VAL A 464 28.01 29.85 4.34
C VAL A 464 27.52 31.13 5.04
N ASP A 465 28.21 32.26 4.86
CA ASP A 465 27.78 33.53 5.44
C ASP A 465 26.68 34.17 4.58
N ARG A 466 26.00 35.15 5.17
CA ARG A 466 24.91 35.82 4.47
C ARG A 466 25.41 36.59 3.26
N LYS A 467 26.62 37.13 3.34
CA LYS A 467 27.16 38.06 2.34
C LYS A 467 27.71 37.33 1.12
N SER A 468 28.49 36.26 1.32
CA SER A 468 28.93 35.48 0.17
C SER A 468 27.74 34.82 -0.51
N LEU A 469 26.79 34.29 0.27
CA LEU A 469 25.61 33.70 -0.31
C LEU A 469 24.79 34.74 -1.07
N TYR A 470 24.71 35.96 -0.54
CA TYR A 470 24.09 37.04 -1.28
C TYR A 470 24.88 37.37 -2.53
N ALA A 471 26.20 37.48 -2.41
CA ALA A 471 27.05 37.75 -3.58
C ALA A 471 27.02 36.58 -4.55
N ALA A 472 27.18 35.35 -4.05
CA ALA A 472 27.14 34.17 -4.92
C ALA A 472 25.91 34.20 -5.80
N ARG A 473 24.76 34.58 -5.23
CA ARG A 473 23.55 34.69 -6.03
C ARG A 473 23.70 35.71 -7.14
N GLN A 474 24.32 36.87 -6.84
CA GLN A 474 24.52 37.90 -7.86
C GLN A 474 25.41 37.39 -8.98
N TYR A 475 26.48 36.68 -8.63
CA TYR A 475 27.35 36.08 -9.64
C TYR A 475 26.60 35.03 -10.43
N PHE A 476 25.80 34.21 -9.76
CA PHE A 476 25.03 33.18 -10.43
C PHE A 476 24.04 33.80 -11.42
N VAL A 477 23.22 34.76 -10.95
CA VAL A 477 22.23 35.40 -11.82
C VAL A 477 22.91 36.08 -12.99
N GLN A 478 24.07 36.70 -12.76
CA GLN A 478 24.82 37.31 -13.84
C GLN A 478 25.33 36.26 -14.83
N TRP A 479 25.91 35.18 -14.32
CA TRP A 479 26.47 34.13 -15.16
C TRP A 479 25.42 33.58 -16.12
N CYS A 480 24.20 33.35 -15.65
CA CYS A 480 23.15 32.81 -16.52
C CYS A 480 22.79 33.76 -17.66
N ALA A 481 22.73 35.06 -17.39
CA ALA A 481 22.49 36.00 -18.49
C ALA A 481 23.62 35.95 -19.52
N ASP A 482 24.87 35.87 -19.06
CA ASP A 482 26.01 35.84 -19.97
C ASP A 482 25.89 34.68 -20.96
N ARG A 483 25.48 33.52 -20.49
CA ARG A 483 25.38 32.33 -21.33
C ARG A 483 23.97 32.12 -21.86
N ASN A 484 23.08 33.07 -21.63
CA ASN A 484 21.70 33.00 -22.08
C ASN A 484 20.99 31.79 -21.49
N PHE A 485 21.14 31.60 -20.18
CA PHE A 485 20.39 30.59 -19.46
C PHE A 485 19.15 31.23 -18.83
N THR A 486 18.19 30.40 -18.44
CA THR A 486 16.94 30.89 -17.86
C THR A 486 17.20 31.66 -16.57
N LYS A 487 16.38 32.67 -16.30
CA LYS A 487 16.61 33.51 -15.12
C LYS A 487 16.33 32.71 -13.87
N PRO A 488 17.28 32.62 -12.93
CA PRO A 488 17.01 31.87 -11.70
C PRO A 488 16.11 32.67 -10.77
N GLN A 489 15.11 31.99 -10.20
CA GLN A 489 14.38 32.53 -9.05
C GLN A 489 13.50 31.47 -8.37
N THR B 21 -8.50 -19.53 -21.46
CA THR B 21 -8.67 -18.14 -21.05
C THR B 21 -9.91 -17.94 -20.16
N MET B 22 -9.76 -17.13 -19.10
CA MET B 22 -10.81 -16.88 -18.12
C MET B 22 -11.12 -15.39 -18.03
N LYS B 23 -12.25 -15.07 -17.39
CA LYS B 23 -12.68 -13.70 -17.20
C LYS B 23 -12.26 -13.23 -15.80
N VAL B 24 -11.66 -12.05 -15.73
CA VAL B 24 -11.11 -11.49 -14.50
C VAL B 24 -11.97 -10.30 -14.09
N ILE B 25 -12.40 -10.29 -12.83
CA ILE B 25 -13.04 -9.13 -12.20
C ILE B 25 -12.06 -8.54 -11.20
N ASN B 26 -11.96 -7.21 -11.14
CA ASN B 26 -11.07 -6.54 -10.18
C ASN B 26 -11.89 -6.05 -8.98
N ASP B 27 -11.70 -6.69 -7.83
CA ASP B 27 -12.32 -6.40 -6.55
C ASP B 27 -11.33 -5.66 -5.62
N PRO B 28 -11.78 -4.60 -4.95
CA PRO B 28 -10.90 -3.87 -4.02
C PRO B 28 -10.48 -4.67 -2.79
N ILE B 29 -11.12 -5.80 -2.48
CA ILE B 29 -10.71 -6.59 -1.33
C ILE B 29 -9.70 -7.66 -1.73
N HIS B 30 -9.94 -8.33 -2.86
CA HIS B 30 -9.15 -9.48 -3.26
C HIS B 30 -8.26 -9.21 -4.46
N GLY B 31 -8.46 -8.09 -5.14
CA GLY B 31 -7.68 -7.76 -6.34
C GLY B 31 -8.26 -8.44 -7.57
N HIS B 32 -7.43 -9.14 -8.33
CA HIS B 32 -7.91 -9.84 -9.56
C HIS B 32 -8.56 -11.18 -9.19
N ILE B 33 -9.80 -11.38 -9.63
CA ILE B 33 -10.55 -12.64 -9.34
C ILE B 33 -10.77 -13.36 -10.67
N GLU B 34 -10.20 -14.55 -10.83
CA GLU B 34 -10.39 -15.31 -12.05
C GLU B 34 -11.64 -16.16 -11.91
N LEU B 35 -12.50 -16.12 -12.92
CA LEU B 35 -13.76 -16.84 -12.90
C LEU B 35 -13.80 -17.85 -14.04
N HIS B 36 -13.99 -19.11 -13.67
CA HIS B 36 -14.23 -20.18 -14.63
C HIS B 36 -15.50 -19.86 -15.44
N PRO B 37 -15.50 -20.23 -16.73
CA PRO B 37 -16.68 -19.91 -17.58
C PRO B 37 -18.00 -20.34 -17.00
N LEU B 38 -18.04 -21.43 -16.22
CA LEU B 38 -19.29 -21.89 -15.63
C LEU B 38 -19.82 -20.91 -14.59
N LEU B 39 -18.93 -20.31 -13.79
CA LEU B 39 -19.38 -19.27 -12.84
C LEU B 39 -19.87 -18.03 -13.60
N VAL B 40 -19.21 -17.67 -14.69
CA VAL B 40 -19.63 -16.51 -15.47
C VAL B 40 -21.08 -16.68 -15.94
N ARG B 41 -21.47 -17.90 -16.33
CA ARG B 41 -22.85 -18.12 -16.77
C ARG B 41 -23.82 -18.08 -15.59
N ILE B 42 -23.43 -18.62 -14.45
CA ILE B 42 -24.28 -18.55 -13.25
C ILE B 42 -24.45 -17.11 -12.79
N ILE B 43 -23.36 -16.33 -12.87
CA ILE B 43 -23.37 -14.95 -12.41
C ILE B 43 -24.24 -14.09 -13.32
N ASP B 44 -24.19 -14.34 -14.62
CA ASP B 44 -24.86 -13.48 -15.60
C ASP B 44 -26.31 -13.91 -15.86
N THR B 45 -27.06 -14.05 -14.78
CA THR B 45 -28.48 -14.36 -14.78
C THR B 45 -29.20 -13.36 -13.88
N PRO B 46 -30.50 -13.11 -14.14
CA PRO B 46 -31.23 -12.19 -13.25
C PRO B 46 -31.32 -12.66 -11.81
N GLN B 47 -31.21 -13.97 -11.54
CA GLN B 47 -31.31 -14.44 -10.17
C GLN B 47 -30.05 -14.15 -9.38
N PHE B 48 -28.92 -14.01 -10.05
CA PHE B 48 -27.69 -13.60 -9.38
C PHE B 48 -27.56 -12.08 -9.35
N GLN B 49 -27.79 -11.42 -10.49
CA GLN B 49 -27.64 -9.97 -10.55
C GLN B 49 -28.64 -9.26 -9.64
N ARG B 50 -29.68 -9.99 -9.22
CA ARG B 50 -30.58 -9.49 -8.20
C ARG B 50 -29.81 -9.02 -6.96
N LEU B 51 -28.64 -9.62 -6.70
CA LEU B 51 -27.93 -9.34 -5.47
C LEU B 51 -27.30 -7.96 -5.47
N ARG B 52 -27.26 -7.28 -6.62
CA ARG B 52 -26.78 -5.90 -6.72
C ARG B 52 -27.67 -4.88 -6.02
N TYR B 53 -28.89 -5.26 -5.66
CA TYR B 53 -29.93 -4.37 -5.15
C TYR B 53 -30.35 -4.80 -3.74
N ILE B 54 -29.44 -5.40 -2.98
CA ILE B 54 -29.71 -5.80 -1.61
C ILE B 54 -28.48 -5.44 -0.78
N LYS B 55 -28.63 -4.45 0.11
CA LYS B 55 -27.49 -3.93 0.87
C LYS B 55 -27.02 -4.94 1.91
N GLN B 56 -25.69 -5.17 1.95
CA GLN B 56 -25.10 -6.16 2.85
C GLN B 56 -25.62 -5.97 4.27
N LEU B 57 -25.64 -4.73 4.75
CA LEU B 57 -25.92 -4.43 6.15
C LEU B 57 -27.29 -3.78 6.33
N GLY B 58 -28.21 -3.98 5.39
CA GLY B 58 -29.53 -3.38 5.44
C GLY B 58 -29.51 -1.93 5.87
N GLY B 59 -30.17 -1.64 7.00
CA GLY B 59 -30.27 -0.29 7.52
C GLY B 59 -28.95 0.34 7.93
N GLY B 60 -27.87 -0.46 8.06
CA GLY B 60 -26.60 0.08 8.51
C GLY B 60 -26.10 1.25 7.68
N TYR B 61 -26.41 1.26 6.38
CA TYR B 61 -26.01 2.36 5.51
C TYR B 61 -26.55 3.71 6.01
N TYR B 62 -27.69 3.71 6.70
CA TYR B 62 -28.24 4.95 7.25
C TYR B 62 -27.43 5.45 8.44
N VAL B 63 -26.53 4.62 8.95
CA VAL B 63 -25.61 5.02 10.01
C VAL B 63 -24.18 5.17 9.49
N PHE B 64 -23.74 4.25 8.63
CA PHE B 64 -22.38 4.28 8.12
C PHE B 64 -22.43 4.64 6.64
N PRO B 65 -22.09 5.88 6.29
CA PRO B 65 -22.20 6.31 4.88
C PRO B 65 -21.31 5.53 3.92
N GLY B 66 -20.31 4.80 4.42
CA GLY B 66 -19.48 3.95 3.59
C GLY B 66 -20.01 2.56 3.33
N ALA B 67 -21.00 2.11 4.10
CA ALA B 67 -21.55 0.76 3.97
C ALA B 67 -22.63 0.72 2.90
N SER B 68 -22.24 1.13 1.69
CA SER B 68 -23.11 1.09 0.52
C SER B 68 -23.03 -0.26 -0.20
N HIS B 69 -22.27 -1.21 0.33
CA HIS B 69 -21.97 -2.38 -0.47
C HIS B 69 -23.15 -3.35 -0.46
N ASN B 70 -23.21 -4.16 -1.51
CA ASN B 70 -24.34 -5.04 -1.76
C ASN B 70 -23.91 -6.48 -1.64
N ARG B 71 -24.90 -7.38 -1.58
CA ARG B 71 -24.60 -8.80 -1.44
C ARG B 71 -23.83 -9.34 -2.63
N PHE B 72 -23.99 -8.73 -3.81
CA PHE B 72 -23.39 -9.21 -5.06
C PHE B 72 -21.87 -9.30 -4.95
N GLU B 73 -21.21 -8.17 -4.69
CA GLU B 73 -19.76 -8.15 -4.57
C GLU B 73 -19.30 -9.05 -3.43
N HIS B 74 -20.09 -9.15 -2.36
CA HIS B 74 -19.74 -10.08 -1.29
C HIS B 74 -19.68 -11.52 -1.81
N SER B 75 -20.69 -11.92 -2.59
CA SER B 75 -20.79 -13.29 -3.09
C SER B 75 -19.69 -13.64 -4.09
N LEU B 76 -19.32 -12.70 -4.96
CA LEU B 76 -18.14 -12.90 -5.79
C LEU B 76 -16.94 -13.22 -4.91
N GLY B 77 -16.80 -12.49 -3.80
CA GLY B 77 -15.65 -12.69 -2.93
C GLY B 77 -15.68 -14.03 -2.24
N VAL B 78 -16.88 -14.47 -1.83
CA VAL B 78 -17.04 -15.76 -1.16
C VAL B 78 -16.79 -16.92 -2.12
N GLY B 79 -17.20 -16.78 -3.38
CA GLY B 79 -16.83 -17.76 -4.38
C GLY B 79 -15.33 -17.84 -4.59
N TYR B 80 -14.66 -16.69 -4.64
CA TYR B 80 -13.22 -16.68 -4.89
C TYR B 80 -12.46 -17.29 -3.72
N LEU B 81 -12.80 -16.88 -2.48
CA LEU B 81 -12.14 -17.42 -1.30
C LEU B 81 -12.40 -18.91 -1.15
N ALA B 82 -13.64 -19.34 -1.42
CA ALA B 82 -13.95 -20.77 -1.44
C ALA B 82 -12.97 -21.52 -2.33
N GLY B 83 -12.83 -21.05 -3.58
CA GLY B 83 -11.92 -21.69 -4.51
C GLY B 83 -10.46 -21.62 -4.07
N CYS B 84 -10.08 -20.52 -3.42
CA CYS B 84 -8.69 -20.38 -2.98
C CYS B 84 -8.32 -21.42 -1.94
N LEU B 85 -9.21 -21.70 -0.99
CA LEU B 85 -8.92 -22.64 0.08
C LEU B 85 -8.96 -24.08 -0.43
N VAL B 86 -10.03 -24.44 -1.15
CA VAL B 86 -10.13 -25.80 -1.67
C VAL B 86 -8.95 -26.13 -2.58
N HIS B 87 -8.44 -25.14 -3.32
CA HIS B 87 -7.34 -25.39 -4.24
C HIS B 87 -6.04 -25.62 -3.48
N ALA B 88 -5.76 -24.80 -2.47
CA ALA B 88 -4.54 -24.93 -1.68
C ALA B 88 -4.49 -26.25 -0.93
N LEU B 89 -5.59 -26.60 -0.24
CA LEU B 89 -5.72 -27.94 0.34
C LEU B 89 -5.47 -29.04 -0.68
N GLY B 90 -5.97 -28.87 -1.90
CA GLY B 90 -5.85 -29.93 -2.89
C GLY B 90 -4.43 -30.11 -3.38
N GLU B 91 -3.74 -29.02 -3.68
CA GLU B 91 -2.42 -29.13 -4.30
C GLU B 91 -1.35 -29.57 -3.31
N LYS B 92 -1.53 -29.28 -2.03
CA LYS B 92 -0.58 -29.71 -1.00
C LYS B 92 -0.91 -31.09 -0.42
N GLN B 93 -2.11 -31.60 -0.64
CA GLN B 93 -2.48 -32.94 -0.15
C GLN B 93 -3.24 -33.66 -1.25
N PRO B 94 -2.54 -34.19 -2.25
CA PRO B 94 -3.21 -34.99 -3.29
C PRO B 94 -3.89 -36.25 -2.75
N GLU B 95 -3.52 -36.71 -1.54
CA GLU B 95 -4.18 -37.88 -0.97
C GLU B 95 -5.65 -37.61 -0.68
N LEU B 96 -6.04 -36.34 -0.53
CA LEU B 96 -7.46 -36.02 -0.40
C LEU B 96 -8.21 -36.31 -1.70
N GLN B 97 -7.51 -36.26 -2.83
CA GLN B 97 -8.11 -36.48 -4.14
C GLN B 97 -9.26 -35.50 -4.38
N ILE B 98 -8.91 -34.22 -4.27
CA ILE B 98 -9.85 -33.14 -4.58
C ILE B 98 -9.88 -32.97 -6.09
N SER B 99 -11.01 -33.27 -6.71
CA SER B 99 -11.11 -33.16 -8.15
C SER B 99 -11.22 -31.69 -8.56
N GLU B 100 -11.06 -31.43 -9.86
CA GLU B 100 -11.37 -30.10 -10.35
C GLU B 100 -12.88 -29.87 -10.36
N ARG B 101 -13.64 -30.96 -10.31
CA ARG B 101 -15.09 -30.85 -10.15
C ARG B 101 -15.45 -30.40 -8.73
N ASP B 102 -14.74 -30.93 -7.72
CA ASP B 102 -14.98 -30.49 -6.35
C ASP B 102 -14.77 -28.98 -6.21
N VAL B 103 -13.68 -28.48 -6.80
CA VAL B 103 -13.38 -27.05 -6.73
C VAL B 103 -14.56 -26.23 -7.24
N LEU B 104 -15.03 -26.55 -8.46
CA LEU B 104 -16.12 -25.80 -9.08
C LEU B 104 -17.39 -25.87 -8.23
N CYS B 105 -17.66 -27.01 -7.60
CA CYS B 105 -18.87 -27.15 -6.81
C CYS B 105 -18.80 -26.35 -5.52
N VAL B 106 -17.62 -26.25 -4.94
CA VAL B 106 -17.45 -25.42 -3.76
C VAL B 106 -17.49 -23.94 -4.14
N GLN B 107 -16.91 -23.57 -5.27
CA GLN B 107 -17.02 -22.20 -5.77
C GLN B 107 -18.48 -21.80 -5.98
N ILE B 108 -19.25 -22.68 -6.63
CA ILE B 108 -20.66 -22.38 -6.93
C ILE B 108 -21.45 -22.21 -5.63
N ALA B 109 -21.23 -23.11 -4.67
CA ALA B 109 -21.86 -22.91 -3.37
C ALA B 109 -21.44 -21.58 -2.73
N GLY B 110 -20.16 -21.20 -2.89
CA GLY B 110 -19.71 -19.91 -2.37
C GLY B 110 -20.41 -18.73 -3.03
N LEU B 111 -20.58 -18.78 -4.36
CA LEU B 111 -21.28 -17.72 -5.09
C LEU B 111 -22.75 -17.63 -4.68
N CYS B 112 -23.37 -18.75 -4.33
CA CYS B 112 -24.81 -18.81 -4.22
C CYS B 112 -25.33 -18.96 -2.80
N HIS B 113 -24.44 -19.07 -1.81
CA HIS B 113 -24.90 -19.22 -0.42
C HIS B 113 -25.84 -18.10 0.03
N ASP B 114 -25.86 -16.96 -0.65
CA ASP B 114 -26.66 -15.85 -0.21
C ASP B 114 -27.71 -15.44 -1.23
N LEU B 115 -28.01 -16.30 -2.22
CA LEU B 115 -29.02 -15.97 -3.22
C LEU B 115 -30.38 -15.69 -2.57
N GLY B 116 -30.66 -16.38 -1.47
CA GLY B 116 -31.97 -16.29 -0.80
C GLY B 116 -32.15 -15.08 0.10
N HIS B 117 -31.23 -14.13 0.08
CA HIS B 117 -31.39 -12.93 0.95
C HIS B 117 -32.54 -12.06 0.45
N GLY B 118 -33.23 -11.38 1.36
CA GLY B 118 -34.35 -10.50 0.97
C GLY B 118 -33.99 -9.04 1.14
N PRO B 119 -34.91 -8.08 0.88
CA PRO B 119 -34.62 -6.66 1.04
C PRO B 119 -33.98 -6.34 2.40
N PHE B 120 -32.85 -5.62 2.38
CA PHE B 120 -32.08 -5.19 3.58
C PHE B 120 -31.50 -6.40 4.31
N SER B 121 -31.17 -7.46 3.56
CA SER B 121 -30.54 -8.72 4.05
C SER B 121 -31.18 -9.25 5.33
N HIS B 122 -30.40 -9.30 6.41
CA HIS B 122 -30.79 -9.88 7.73
C HIS B 122 -32.15 -9.39 8.24
N MET B 123 -32.46 -8.11 8.07
CA MET B 123 -33.74 -7.53 8.56
C MET B 123 -34.95 -8.28 7.96
N PHE B 124 -34.78 -8.96 6.83
CA PHE B 124 -35.91 -9.60 6.16
C PHE B 124 -36.30 -10.90 6.84
N ASP B 125 -35.36 -11.82 6.95
CA ASP B 125 -35.64 -13.11 7.58
C ASP B 125 -35.45 -13.06 9.09
N GLY B 126 -34.75 -12.07 9.59
CA GLY B 126 -34.56 -11.94 11.03
C GLY B 126 -35.69 -11.17 11.70
N ARG B 127 -36.32 -10.22 10.96
CA ARG B 127 -37.39 -9.47 11.62
C ARG B 127 -38.70 -9.44 10.85
N PHE B 128 -38.67 -9.24 9.52
CA PHE B 128 -39.90 -8.97 8.77
C PHE B 128 -40.79 -10.21 8.68
N ILE B 129 -40.25 -11.33 8.19
CA ILE B 129 -41.04 -12.56 8.11
C ILE B 129 -41.53 -13.04 9.47
N PRO B 130 -40.71 -13.08 10.53
CA PRO B 130 -41.26 -13.41 11.86
C PRO B 130 -42.43 -12.53 12.29
N LEU B 131 -42.35 -11.23 12.03
CA LEU B 131 -43.45 -10.37 12.43
C LEU B 131 -44.65 -10.44 11.50
N ALA B 132 -44.47 -10.87 10.25
CA ALA B 132 -45.58 -10.86 9.31
C ALA B 132 -46.28 -12.20 9.21
N ARG B 133 -45.54 -13.30 9.33
CA ARG B 133 -46.07 -14.65 9.19
C ARG B 133 -45.38 -15.51 10.23
N PRO B 134 -45.74 -15.37 11.51
CA PRO B 134 -45.04 -16.13 12.57
C PRO B 134 -45.20 -17.63 12.44
N GLU B 135 -46.10 -18.09 11.58
CA GLU B 135 -46.31 -19.53 11.40
C GLU B 135 -45.18 -20.17 10.61
N VAL B 136 -44.69 -19.51 9.55
CA VAL B 136 -43.69 -20.13 8.69
C VAL B 136 -42.34 -20.08 9.39
N LYS B 137 -41.51 -21.08 9.12
CA LYS B 137 -40.11 -21.06 9.58
C LYS B 137 -39.25 -20.85 8.35
N TRP B 138 -38.74 -19.64 8.18
CA TRP B 138 -38.08 -19.23 6.96
C TRP B 138 -36.66 -18.76 7.26
N THR B 139 -35.74 -19.06 6.36
CA THR B 139 -34.38 -18.54 6.45
C THR B 139 -33.91 -18.17 5.05
N HIS B 140 -32.95 -17.25 4.97
CA HIS B 140 -32.38 -16.96 3.66
C HIS B 140 -31.66 -18.17 3.06
N GLU B 141 -31.11 -19.08 3.89
CA GLU B 141 -30.45 -20.25 3.33
C GLU B 141 -31.44 -21.13 2.59
N GLN B 142 -32.60 -21.40 3.22
CA GLN B 142 -33.72 -22.00 2.49
C GLN B 142 -34.02 -21.22 1.22
N GLY B 143 -34.07 -19.89 1.33
CA GLY B 143 -34.21 -19.07 0.14
C GLY B 143 -33.10 -19.30 -0.87
N SER B 144 -31.84 -19.38 -0.41
CA SER B 144 -30.75 -19.60 -1.35
C SER B 144 -30.96 -20.88 -2.13
N VAL B 145 -31.37 -21.95 -1.45
CA VAL B 145 -31.60 -23.23 -2.11
C VAL B 145 -32.66 -23.08 -3.19
N MET B 146 -33.82 -22.49 -2.84
CA MET B 146 -34.91 -22.34 -3.81
C MET B 146 -34.52 -21.45 -4.97
N MET B 147 -33.85 -20.35 -4.68
CA MET B 147 -33.41 -19.45 -5.74
C MET B 147 -32.33 -20.10 -6.63
N PHE B 148 -31.44 -20.91 -6.05
CA PHE B 148 -30.44 -21.59 -6.85
C PHE B 148 -31.09 -22.54 -7.85
N GLU B 149 -31.99 -23.40 -7.36
CA GLU B 149 -32.72 -24.29 -8.26
C GLU B 149 -33.45 -23.48 -9.33
N HIS B 150 -34.03 -22.35 -8.95
CA HIS B 150 -34.72 -21.52 -9.94
C HIS B 150 -33.74 -20.89 -10.92
N LEU B 151 -32.56 -20.47 -10.43
CA LEU B 151 -31.51 -20.00 -11.32
C LEU B 151 -31.14 -21.06 -12.34
N ILE B 152 -30.83 -22.29 -11.87
CA ILE B 152 -30.41 -23.37 -12.76
C ILE B 152 -31.44 -23.62 -13.86
N ASN B 153 -32.72 -23.75 -13.46
CA ASN B 153 -33.74 -24.15 -14.43
C ASN B 153 -34.08 -23.03 -15.39
N SER B 154 -34.01 -21.78 -14.92
CA SER B 154 -34.40 -20.65 -15.77
C SER B 154 -33.32 -20.30 -16.80
N ASN B 155 -32.10 -20.79 -16.64
CA ASN B 155 -31.00 -20.34 -17.47
C ASN B 155 -30.21 -21.49 -18.08
N GLY B 156 -30.75 -22.71 -18.06
CA GLY B 156 -30.13 -23.84 -18.75
C GLY B 156 -28.73 -24.12 -18.29
N ILE B 157 -28.50 -24.04 -16.97
CA ILE B 157 -27.15 -24.25 -16.43
C ILE B 157 -26.76 -25.72 -16.42
N LYS B 158 -27.71 -26.65 -16.44
CA LYS B 158 -27.38 -28.07 -16.40
C LYS B 158 -26.55 -28.52 -17.58
N PRO B 159 -26.93 -28.25 -18.84
CA PRO B 159 -26.04 -28.59 -19.97
C PRO B 159 -24.67 -27.91 -19.93
N VAL B 160 -24.58 -26.72 -19.32
CA VAL B 160 -23.28 -26.07 -19.17
C VAL B 160 -22.46 -26.78 -18.09
N MET B 161 -23.11 -27.26 -17.04
CA MET B 161 -22.40 -28.03 -16.02
C MET B 161 -21.86 -29.33 -16.58
N GLU B 162 -22.66 -30.02 -17.39
CA GLU B 162 -22.20 -31.26 -18.02
C GLU B 162 -21.01 -31.00 -18.93
N GLN B 163 -21.12 -29.97 -19.76
CA GLN B 163 -20.04 -29.60 -20.67
C GLN B 163 -18.71 -29.41 -19.93
N TYR B 164 -18.76 -28.91 -18.69
CA TYR B 164 -17.54 -28.68 -17.94
C TYR B 164 -17.26 -29.78 -16.91
N GLY B 165 -17.93 -30.92 -17.01
CA GLY B 165 -17.57 -32.08 -16.22
C GLY B 165 -18.34 -32.28 -14.92
N LEU B 166 -19.39 -31.52 -14.68
CA LEU B 166 -20.20 -31.74 -13.49
C LEU B 166 -21.30 -32.75 -13.80
N ILE B 167 -21.63 -33.55 -12.80
CA ILE B 167 -22.80 -34.42 -12.94
C ILE B 167 -23.95 -33.82 -12.14
N PRO B 168 -24.91 -33.19 -12.82
CA PRO B 168 -25.83 -32.28 -12.15
C PRO B 168 -26.62 -32.85 -10.99
N GLU B 169 -27.05 -34.12 -11.05
CA GLU B 169 -27.89 -34.64 -9.99
C GLU B 169 -27.19 -34.59 -8.64
N GLU B 170 -26.01 -35.21 -8.56
CA GLU B 170 -25.29 -35.25 -7.29
C GLU B 170 -24.53 -33.96 -7.01
N ASP B 171 -24.18 -33.19 -8.04
CA ASP B 171 -23.46 -31.95 -7.83
C ASP B 171 -24.39 -30.81 -7.40
N ILE B 172 -25.58 -30.71 -8.02
CA ILE B 172 -26.56 -29.74 -7.53
C ILE B 172 -26.95 -30.07 -6.10
N CYS B 173 -27.00 -31.36 -5.77
CA CYS B 173 -27.22 -31.78 -4.38
C CYS B 173 -26.07 -31.29 -3.49
N PHE B 174 -24.83 -31.53 -3.90
CA PHE B 174 -23.66 -31.10 -3.11
C PHE B 174 -23.68 -29.59 -2.89
N ILE B 175 -23.91 -28.82 -3.95
CA ILE B 175 -24.00 -27.36 -3.81
C ILE B 175 -25.03 -26.96 -2.76
N LYS B 176 -26.22 -27.59 -2.79
CA LYS B 176 -27.28 -27.20 -1.87
C LYS B 176 -26.94 -27.57 -0.42
N GLU B 177 -26.34 -28.75 -0.21
CA GLU B 177 -25.98 -29.16 1.15
C GLU B 177 -24.92 -28.26 1.78
N GLN B 178 -24.06 -27.63 0.97
CA GLN B 178 -23.13 -26.65 1.53
C GLN B 178 -23.85 -25.35 1.91
N ILE B 179 -24.97 -25.05 1.27
CA ILE B 179 -25.65 -23.80 1.55
C ILE B 179 -26.53 -23.92 2.79
N VAL B 180 -27.27 -25.02 2.90
CA VAL B 180 -28.28 -25.15 3.95
C VAL B 180 -27.97 -26.25 4.96
N GLY B 181 -27.19 -27.27 4.58
CA GLY B 181 -26.93 -28.38 5.46
C GLY B 181 -27.68 -29.62 5.00
N PRO B 182 -27.52 -30.72 5.73
CA PRO B 182 -28.17 -31.97 5.34
C PRO B 182 -29.61 -32.04 5.83
N LEU B 183 -30.32 -33.02 5.30
CA LEU B 183 -31.76 -33.19 5.56
C LEU B 183 -32.04 -34.14 6.72
N TRP B 192 -23.64 -40.76 8.63
CA TRP B 192 -23.28 -39.78 7.62
C TRP B 192 -24.52 -39.27 6.89
N PRO B 193 -24.89 -38.01 7.16
CA PRO B 193 -26.18 -37.50 6.66
C PRO B 193 -26.16 -36.93 5.26
N TYR B 194 -25.00 -36.71 4.64
CA TYR B 194 -24.96 -36.04 3.35
C TYR B 194 -25.08 -37.06 2.21
N LYS B 195 -25.63 -36.59 1.08
CA LYS B 195 -25.81 -37.41 -0.10
C LYS B 195 -25.07 -36.89 -1.32
N GLY B 196 -24.35 -35.77 -1.20
CA GLY B 196 -23.65 -35.18 -2.32
C GLY B 196 -22.19 -35.58 -2.39
N ARG B 197 -21.61 -35.96 -1.26
CA ARG B 197 -20.22 -36.42 -1.19
C ARG B 197 -20.11 -37.40 -0.04
N PRO B 198 -19.23 -38.40 -0.15
CA PRO B 198 -19.05 -39.37 0.93
C PRO B 198 -18.22 -38.81 2.08
N GLU B 199 -18.02 -39.65 3.10
CA GLU B 199 -17.34 -39.21 4.32
C GLU B 199 -15.89 -38.81 4.07
N ASN B 200 -15.22 -39.42 3.10
CA ASN B 200 -13.82 -39.07 2.82
C ASN B 200 -13.64 -37.67 2.26
N LYS B 201 -14.73 -36.93 2.04
CA LYS B 201 -14.67 -35.53 1.59
C LYS B 201 -15.52 -34.64 2.48
N SER B 202 -15.67 -35.02 3.75
CA SER B 202 -16.44 -34.23 4.69
C SER B 202 -15.82 -32.85 4.92
N PHE B 203 -14.49 -32.76 4.83
CA PHE B 203 -13.84 -31.47 5.01
C PHE B 203 -14.31 -30.45 3.99
N LEU B 204 -14.81 -30.92 2.84
CA LEU B 204 -15.33 -30.00 1.82
C LEU B 204 -16.54 -29.24 2.33
N TYR B 205 -17.34 -29.85 3.20
CA TYR B 205 -18.55 -29.24 3.76
C TYR B 205 -18.25 -28.20 4.83
N GLU B 206 -16.97 -27.88 5.05
CA GLU B 206 -16.58 -26.88 6.03
C GLU B 206 -16.14 -25.57 5.40
N ILE B 207 -16.02 -25.51 4.08
CA ILE B 207 -15.48 -24.31 3.42
C ILE B 207 -16.47 -23.15 3.51
N VAL B 208 -17.63 -23.32 2.88
CA VAL B 208 -18.56 -22.20 2.69
C VAL B 208 -19.26 -21.84 4.00
N SER B 209 -19.89 -22.81 4.65
CA SER B 209 -20.57 -22.56 5.91
C SER B 209 -20.16 -23.59 6.94
N ASN B 210 -19.66 -23.10 8.08
CA ASN B 210 -19.20 -23.97 9.16
C ASN B 210 -19.32 -23.14 10.43
N LYS B 211 -20.38 -23.34 11.19
CA LYS B 211 -20.53 -22.67 12.46
C LYS B 211 -20.29 -23.62 13.64
N ARG B 212 -19.91 -24.86 13.37
CA ARG B 212 -19.32 -25.69 14.42
C ARG B 212 -18.20 -24.94 15.13
N ASN B 213 -17.29 -24.32 14.37
CA ASN B 213 -16.31 -23.42 14.95
C ASN B 213 -16.47 -21.96 14.51
N GLY B 214 -17.18 -21.70 13.43
CA GLY B 214 -17.33 -20.35 12.92
C GLY B 214 -16.20 -19.86 12.06
N ILE B 215 -15.49 -20.76 11.37
CA ILE B 215 -14.36 -20.42 10.53
C ILE B 215 -14.68 -20.89 9.12
N ASP B 216 -15.17 -19.98 8.29
CA ASP B 216 -15.53 -20.28 6.91
C ASP B 216 -15.13 -19.11 6.04
N VAL B 217 -15.14 -19.35 4.73
CA VAL B 217 -14.67 -18.32 3.83
C VAL B 217 -15.64 -17.16 3.77
N ALA B 218 -16.95 -17.41 3.99
CA ALA B 218 -17.89 -16.30 3.91
C ALA B 218 -17.59 -15.27 5.00
N LYS B 219 -17.38 -15.72 6.24
CA LYS B 219 -16.96 -14.80 7.29
C LYS B 219 -15.67 -14.07 6.92
N TRP B 220 -14.73 -14.76 6.28
CA TRP B 220 -13.50 -14.10 5.83
C TRP B 220 -13.81 -12.91 4.92
N ASP B 221 -14.59 -13.13 3.87
CA ASP B 221 -14.90 -12.02 2.95
C ASP B 221 -15.62 -10.87 3.65
N TYR B 222 -16.69 -11.17 4.40
CA TYR B 222 -17.46 -10.03 4.93
C TYR B 222 -16.72 -9.27 6.02
N PHE B 223 -15.93 -9.97 6.87
CA PHE B 223 -15.03 -9.27 7.80
C PHE B 223 -14.14 -8.28 7.07
N ALA B 224 -13.44 -8.73 6.02
CA ALA B 224 -12.59 -7.82 5.26
C ALA B 224 -13.41 -6.75 4.54
N ARG B 225 -14.55 -7.14 3.93
CA ARG B 225 -15.33 -6.18 3.16
C ARG B 225 -16.04 -5.17 4.06
N ASP B 226 -16.72 -5.64 5.10
CA ASP B 226 -17.36 -4.72 6.03
C ASP B 226 -16.34 -3.79 6.71
N CYS B 227 -15.16 -4.32 7.10
CA CYS B 227 -14.15 -3.44 7.72
C CYS B 227 -13.70 -2.37 6.74
N HIS B 228 -13.58 -2.73 5.47
CA HIS B 228 -13.16 -1.80 4.44
C HIS B 228 -14.19 -0.68 4.22
N HIS B 229 -15.48 -0.98 4.35
CA HIS B 229 -16.52 0.02 4.11
C HIS B 229 -16.89 0.81 5.37
N LEU B 230 -16.72 0.21 6.55
CA LEU B 230 -17.01 0.87 7.80
C LEU B 230 -15.83 1.69 8.32
N GLY B 231 -14.65 1.55 7.72
CA GLY B 231 -13.44 2.17 8.27
C GLY B 231 -12.97 1.58 9.57
N ILE B 232 -13.31 0.33 9.85
CA ILE B 232 -12.76 -0.40 11.00
C ILE B 232 -11.58 -1.23 10.54
N GLN B 233 -10.57 -1.41 11.40
CA GLN B 233 -9.37 -2.14 11.01
C GLN B 233 -9.62 -3.65 11.16
N ASN B 234 -9.23 -4.39 10.13
CA ASN B 234 -9.32 -5.84 10.10
C ASN B 234 -7.94 -6.41 10.45
N ASN B 235 -7.86 -7.20 11.51
CA ASN B 235 -6.59 -7.78 11.95
C ASN B 235 -6.43 -9.25 11.57
N PHE B 236 -7.42 -9.83 10.90
CA PHE B 236 -7.33 -11.23 10.45
C PHE B 236 -6.83 -11.27 9.02
N ASP B 237 -5.70 -11.94 8.80
CA ASP B 237 -5.11 -12.11 7.47
C ASP B 237 -5.58 -13.45 6.91
N TYR B 238 -6.61 -13.42 6.05
CA TYR B 238 -7.11 -14.67 5.50
C TYR B 238 -6.07 -15.37 4.64
N LYS B 239 -5.29 -14.61 3.86
CA LYS B 239 -4.30 -15.20 2.97
C LYS B 239 -3.34 -16.09 3.76
N ARG B 240 -2.87 -15.59 4.91
CA ARG B 240 -1.95 -16.34 5.74
C ARG B 240 -2.60 -17.65 6.20
N PHE B 241 -3.89 -17.61 6.50
CA PHE B 241 -4.57 -18.80 6.99
C PHE B 241 -4.73 -19.85 5.89
N ILE B 242 -5.04 -19.43 4.67
CA ILE B 242 -5.19 -20.37 3.56
C ILE B 242 -3.86 -21.04 3.27
N LYS B 243 -2.77 -20.26 3.30
CA LYS B 243 -1.46 -20.80 2.99
C LYS B 243 -1.09 -21.96 3.92
N PHE B 244 -1.46 -21.88 5.20
CA PHE B 244 -0.99 -22.85 6.19
C PHE B 244 -2.10 -23.76 6.72
N ALA B 245 -3.21 -23.91 5.99
CA ALA B 245 -4.27 -24.79 6.43
C ALA B 245 -4.09 -26.18 5.83
N ARG B 246 -4.52 -27.19 6.59
CA ARG B 246 -4.35 -28.58 6.16
C ARG B 246 -5.50 -29.40 6.70
N VAL B 247 -5.80 -30.50 6.02
CA VAL B 247 -6.83 -31.43 6.48
C VAL B 247 -6.17 -32.52 7.30
N CYS B 248 -6.76 -32.84 8.45
CA CYS B 248 -6.24 -33.85 9.37
C CYS B 248 -7.38 -34.58 10.03
N GLU B 249 -7.07 -35.73 10.64
CA GLU B 249 -8.06 -36.52 11.34
C GLU B 249 -8.18 -36.01 12.78
N VAL B 250 -9.40 -35.68 13.19
CA VAL B 250 -9.72 -35.27 14.55
C VAL B 250 -11.00 -36.01 14.91
N ASP B 251 -10.91 -36.97 15.85
CA ASP B 251 -12.08 -37.73 16.29
C ASP B 251 -12.74 -38.44 15.10
N ASN B 252 -11.90 -39.10 14.30
CA ASN B 252 -12.35 -39.85 13.12
C ASN B 252 -13.00 -38.97 12.05
N GLU B 253 -12.79 -37.65 12.12
CA GLU B 253 -13.28 -36.71 11.12
C GLU B 253 -12.12 -36.13 10.34
N LEU B 254 -12.28 -36.01 9.03
CA LEU B 254 -11.35 -35.22 8.22
C LEU B 254 -11.74 -33.75 8.31
N ARG B 255 -10.84 -32.93 8.82
CA ARG B 255 -11.15 -31.56 9.22
C ARG B 255 -10.08 -30.63 8.72
N ILE B 256 -10.49 -29.41 8.40
CA ILE B 256 -9.53 -28.35 8.13
C ILE B 256 -8.97 -27.87 9.47
N CYS B 257 -7.66 -27.78 9.56
CA CYS B 257 -6.99 -27.34 10.77
C CYS B 257 -6.04 -26.19 10.44
N ALA B 258 -6.08 -25.16 11.27
CA ALA B 258 -5.06 -24.13 11.25
C ALA B 258 -3.80 -24.67 11.93
N ARG B 259 -2.68 -23.98 11.65
CA ARG B 259 -1.36 -24.34 12.23
C ARG B 259 -1.23 -23.67 13.61
N ASP B 260 -0.30 -24.15 14.44
CA ASP B 260 -0.13 -23.57 15.80
C ASP B 260 0.41 -22.15 15.73
N LYS B 261 1.21 -21.84 14.70
CA LYS B 261 1.78 -20.48 14.54
C LYS B 261 0.68 -19.45 14.33
N GLU B 262 -0.43 -19.85 13.70
CA GLU B 262 -1.52 -18.94 13.39
C GLU B 262 -2.51 -18.78 14.52
N VAL B 263 -2.16 -19.19 15.74
CA VAL B 263 -3.08 -19.00 16.85
C VAL B 263 -3.39 -17.52 17.04
N GLY B 264 -2.42 -16.64 16.78
CA GLY B 264 -2.65 -15.22 16.92
C GLY B 264 -3.50 -14.66 15.82
N ASN B 265 -3.35 -15.18 14.59
CA ASN B 265 -4.25 -14.80 13.50
C ASN B 265 -5.70 -15.10 13.86
N LEU B 266 -5.93 -16.22 14.57
CA LEU B 266 -7.30 -16.59 14.89
C LEU B 266 -7.85 -15.77 16.06
N TYR B 267 -7.03 -15.49 17.06
CA TYR B 267 -7.47 -14.57 18.11
C TYR B 267 -7.82 -13.21 17.50
N ASP B 268 -7.07 -12.78 16.48
CA ASP B 268 -7.37 -11.53 15.79
C ASP B 268 -8.69 -11.62 15.02
N MET B 269 -8.98 -12.78 14.42
CA MET B 269 -10.24 -12.93 13.69
C MET B 269 -11.44 -12.87 14.64
N PHE B 270 -11.36 -13.58 15.76
CA PHE B 270 -12.46 -13.56 16.71
C PHE B 270 -12.66 -12.16 17.29
N HIS B 271 -11.56 -11.42 17.48
CA HIS B 271 -11.68 -10.08 18.01
C HIS B 271 -12.15 -9.09 16.95
N THR B 272 -11.85 -9.34 15.69
CA THR B 272 -12.39 -8.49 14.63
C THR B 272 -13.88 -8.76 14.43
N ARG B 273 -14.28 -10.03 14.50
CA ARG B 273 -15.69 -10.37 14.52
C ARG B 273 -16.40 -9.65 15.67
N ASN B 274 -15.85 -9.74 16.87
CA ASN B 274 -16.51 -9.14 18.01
C ASN B 274 -16.61 -7.62 17.87
N SER B 275 -15.58 -6.99 17.32
CA SER B 275 -15.69 -5.55 17.10
C SER B 275 -16.79 -5.21 16.09
N LEU B 276 -16.90 -5.96 14.99
CA LEU B 276 -17.90 -5.65 13.99
C LEU B 276 -19.31 -5.71 14.56
N HIS B 277 -19.56 -6.67 15.46
CA HIS B 277 -20.86 -6.76 16.11
C HIS B 277 -21.08 -5.59 17.08
N ARG B 278 -20.05 -5.19 17.83
CA ARG B 278 -20.19 -4.09 18.78
C ARG B 278 -20.45 -2.77 18.08
N ARG B 279 -19.61 -2.42 17.11
CA ARG B 279 -19.69 -1.10 16.52
C ARG B 279 -20.72 -1.02 15.39
N ALA B 280 -20.93 -2.10 14.64
CA ALA B 280 -21.75 -1.99 13.44
C ALA B 280 -23.04 -2.78 13.52
N TYR B 281 -22.97 -4.11 13.66
CA TYR B 281 -24.18 -4.93 13.48
C TYR B 281 -25.20 -4.70 14.59
N GLN B 282 -24.73 -4.36 15.80
CA GLN B 282 -25.60 -4.02 16.92
C GLN B 282 -25.63 -2.52 17.17
N HIS B 283 -25.35 -1.73 16.15
CA HIS B 283 -25.42 -0.28 16.34
C HIS B 283 -26.82 0.11 16.78
N LYS B 284 -26.91 1.17 17.58
CA LYS B 284 -28.19 1.51 18.23
C LYS B 284 -29.16 2.17 17.25
N VAL B 285 -28.71 3.21 16.54
CA VAL B 285 -29.58 3.87 15.56
C VAL B 285 -29.79 3.00 14.32
N GLY B 286 -28.81 2.19 13.93
CA GLY B 286 -28.99 1.31 12.79
C GLY B 286 -30.08 0.28 13.01
N ASN B 287 -30.23 -0.18 14.24
CA ASN B 287 -31.24 -1.20 14.50
C ASN B 287 -32.63 -0.56 14.62
N ILE B 288 -32.71 0.64 15.20
CA ILE B 288 -33.94 1.41 15.16
C ILE B 288 -34.40 1.58 13.72
N ILE B 289 -33.47 1.97 12.85
CA ILE B 289 -33.83 2.15 11.44
C ILE B 289 -34.32 0.85 10.81
N ASP B 290 -33.66 -0.28 11.08
CA ASP B 290 -34.19 -1.55 10.59
C ASP B 290 -35.63 -1.76 11.04
N THR B 291 -35.94 -1.53 12.31
CA THR B 291 -37.31 -1.75 12.76
C THR B 291 -38.29 -0.77 12.11
N MET B 292 -37.86 0.48 11.85
CA MET B 292 -38.76 1.38 11.13
C MET B 292 -39.02 0.86 9.72
N ILE B 293 -37.97 0.41 9.02
CA ILE B 293 -38.18 -0.15 7.68
C ILE B 293 -39.14 -1.33 7.76
N THR B 294 -38.88 -2.25 8.69
CA THR B 294 -39.80 -3.37 8.88
C THR B 294 -41.24 -2.90 9.13
N ASP B 295 -41.41 -1.82 9.91
CA ASP B 295 -42.76 -1.31 10.23
C ASP B 295 -43.45 -0.78 8.99
N ALA B 296 -42.72 -0.05 8.14
CA ALA B 296 -43.28 0.42 6.89
C ALA B 296 -43.70 -0.75 6.00
N PHE B 297 -42.86 -1.78 5.93
CA PHE B 297 -43.20 -2.96 5.14
C PHE B 297 -44.51 -3.57 5.65
N LEU B 298 -44.63 -3.75 6.97
CA LEU B 298 -45.83 -4.38 7.51
C LEU B 298 -47.07 -3.59 7.13
N LYS B 299 -46.98 -2.27 7.17
CA LYS B 299 -48.08 -1.40 6.82
C LYS B 299 -48.32 -1.34 5.32
N ALA B 300 -47.38 -1.82 4.53
CA ALA B 300 -47.49 -1.83 3.08
C ALA B 300 -47.92 -3.19 2.54
N ASP B 301 -47.82 -4.25 3.37
CA ASP B 301 -47.89 -5.62 2.89
C ASP B 301 -49.23 -5.96 2.22
N ASP B 302 -50.34 -5.38 2.68
CA ASP B 302 -51.62 -5.74 2.09
C ASP B 302 -51.83 -5.10 0.73
N TYR B 303 -50.95 -4.20 0.31
CA TYR B 303 -51.24 -3.35 -0.84
C TYR B 303 -50.18 -3.37 -1.92
N ILE B 304 -49.00 -3.88 -1.67
CA ILE B 304 -48.03 -4.04 -2.74
C ILE B 304 -48.37 -5.31 -3.51
N GLU B 305 -48.26 -5.28 -4.84
CA GLU B 305 -48.47 -6.49 -5.64
C GLU B 305 -47.20 -6.82 -6.41
N ILE B 306 -46.69 -8.04 -6.23
CA ILE B 306 -45.58 -8.54 -7.03
C ILE B 306 -46.09 -9.67 -7.92
N THR B 307 -45.86 -9.53 -9.22
CA THR B 307 -46.28 -10.53 -10.20
C THR B 307 -45.28 -11.67 -10.24
N GLY B 308 -45.72 -12.87 -9.90
CA GLY B 308 -44.92 -14.08 -9.96
C GLY B 308 -45.28 -14.99 -11.13
N ALA B 309 -45.02 -16.29 -10.94
CA ALA B 309 -45.20 -17.27 -12.01
C ALA B 309 -46.67 -17.37 -12.41
N GLY B 310 -46.90 -17.45 -13.71
CA GLY B 310 -48.25 -17.62 -14.22
C GLY B 310 -49.18 -16.45 -13.98
N GLY B 311 -48.63 -15.28 -13.67
CA GLY B 311 -49.44 -14.09 -13.48
C GLY B 311 -50.02 -13.94 -12.10
N LYS B 312 -49.72 -14.86 -11.18
CA LYS B 312 -50.20 -14.77 -9.82
C LYS B 312 -49.51 -13.62 -9.07
N LYS B 313 -50.20 -13.08 -8.08
CA LYS B 313 -49.74 -11.92 -7.35
C LYS B 313 -49.37 -12.34 -5.94
N TYR B 314 -48.23 -11.84 -5.47
CA TYR B 314 -47.75 -12.17 -4.11
C TYR B 314 -47.47 -10.86 -3.38
N ARG B 315 -47.52 -10.91 -2.04
CA ARG B 315 -47.21 -9.72 -1.22
C ARG B 315 -45.73 -9.76 -0.84
N ILE B 316 -45.25 -8.74 -0.13
CA ILE B 316 -43.82 -8.74 0.27
C ILE B 316 -43.59 -9.95 1.19
N SER B 317 -44.62 -10.34 1.94
CA SER B 317 -44.48 -11.43 2.90
C SER B 317 -44.67 -12.81 2.28
N THR B 318 -45.30 -12.90 1.11
CA THR B 318 -45.50 -14.19 0.46
C THR B 318 -44.64 -14.37 -0.79
N ALA B 319 -43.89 -13.36 -1.19
CA ALA B 319 -43.00 -13.54 -2.34
C ALA B 319 -42.02 -14.66 -2.10
N ILE B 320 -41.76 -15.01 -0.84
CA ILE B 320 -40.84 -16.09 -0.52
C ILE B 320 -41.37 -17.45 -0.95
N ASP B 321 -42.64 -17.55 -1.28
CA ASP B 321 -43.24 -18.81 -1.73
C ASP B 321 -43.25 -18.95 -3.25
N ASP B 322 -42.67 -17.99 -3.98
CA ASP B 322 -42.66 -18.03 -5.44
C ASP B 322 -41.42 -17.30 -5.93
N MET B 323 -40.48 -18.05 -6.52
CA MET B 323 -39.19 -17.46 -6.83
C MET B 323 -39.24 -16.47 -8.00
N GLU B 324 -40.21 -16.59 -8.91
CA GLU B 324 -40.32 -15.54 -9.92
C GLU B 324 -40.58 -14.19 -9.28
N ALA B 325 -41.53 -14.14 -8.34
CA ALA B 325 -41.83 -12.89 -7.66
C ALA B 325 -40.64 -12.45 -6.80
N TYR B 326 -40.08 -13.37 -6.00
CA TYR B 326 -38.93 -13.05 -5.15
C TYR B 326 -37.78 -12.44 -5.94
N THR B 327 -37.52 -12.92 -7.17
CA THR B 327 -36.47 -12.30 -7.98
C THR B 327 -36.65 -10.79 -8.03
N LYS B 328 -37.88 -10.32 -8.11
CA LYS B 328 -38.18 -8.89 -8.20
C LYS B 328 -38.32 -8.19 -6.84
N LEU B 329 -38.05 -8.87 -5.74
CA LEU B 329 -38.19 -8.28 -4.40
C LEU B 329 -36.80 -7.90 -3.88
N THR B 330 -36.46 -6.63 -3.99
CA THR B 330 -35.13 -6.15 -3.54
C THR B 330 -35.28 -4.89 -2.70
N ASP B 331 -34.17 -4.23 -2.36
CA ASP B 331 -34.24 -2.97 -1.63
C ASP B 331 -35.16 -1.96 -2.31
N ASN B 332 -35.39 -2.14 -3.62
CA ASN B 332 -36.28 -1.26 -4.36
C ASN B 332 -37.68 -1.14 -3.76
N ILE B 333 -38.12 -2.12 -2.96
CA ILE B 333 -39.44 -2.04 -2.37
C ILE B 333 -39.53 -0.85 -1.43
N PHE B 334 -38.38 -0.45 -0.85
CA PHE B 334 -38.27 0.78 -0.06
C PHE B 334 -38.62 2.01 -0.90
N LEU B 335 -38.00 2.15 -2.07
CA LEU B 335 -38.26 3.32 -2.91
C LEU B 335 -39.67 3.29 -3.53
N GLU B 336 -40.13 2.10 -3.94
CA GLU B 336 -41.49 1.98 -4.46
C GLU B 336 -42.50 2.51 -3.44
N ILE B 337 -42.32 2.20 -2.15
CA ILE B 337 -43.17 2.75 -1.10
C ILE B 337 -42.94 4.25 -0.97
N LEU B 338 -41.68 4.70 -0.96
CA LEU B 338 -41.39 6.11 -0.68
C LEU B 338 -42.02 7.01 -1.72
N TYR B 339 -41.95 6.61 -2.98
CA TYR B 339 -42.36 7.42 -4.12
C TYR B 339 -43.83 7.22 -4.46
N SER B 340 -44.53 6.31 -3.79
CA SER B 340 -45.90 5.98 -4.15
C SER B 340 -46.87 7.13 -3.87
N THR B 341 -47.96 7.14 -4.64
CA THR B 341 -49.06 8.08 -4.43
C THR B 341 -50.34 7.43 -3.92
N ASP B 342 -50.44 6.10 -3.96
CA ASP B 342 -51.62 5.38 -3.49
C ASP B 342 -51.95 5.77 -2.04
N PRO B 343 -53.13 6.32 -1.77
CA PRO B 343 -53.47 6.65 -0.36
C PRO B 343 -53.39 5.44 0.56
N LYS B 344 -53.59 4.22 0.04
CA LYS B 344 -53.51 3.05 0.90
C LYS B 344 -52.09 2.83 1.45
N LEU B 345 -51.09 3.39 0.77
CA LEU B 345 -49.72 3.31 1.25
C LEU B 345 -49.32 4.52 2.11
N LYS B 346 -50.26 5.41 2.43
CA LYS B 346 -49.93 6.61 3.19
C LYS B 346 -49.22 6.28 4.50
N ASP B 347 -49.78 5.35 5.29
CA ASP B 347 -49.20 5.02 6.59
C ASP B 347 -47.77 4.50 6.44
N ALA B 348 -47.54 3.56 5.50
CA ALA B 348 -46.21 3.03 5.24
C ALA B 348 -45.30 4.12 4.73
N ARG B 349 -45.80 4.92 3.78
CA ARG B 349 -45.00 5.99 3.19
C ARG B 349 -44.57 7.00 4.26
N GLU B 350 -45.46 7.30 5.21
CA GLU B 350 -45.11 8.30 6.21
C GLU B 350 -44.01 7.82 7.16
N ILE B 351 -43.95 6.50 7.41
CA ILE B 351 -42.86 5.97 8.22
C ILE B 351 -41.53 6.16 7.50
N LEU B 352 -41.48 5.82 6.20
CA LEU B 352 -40.25 6.04 5.44
C LEU B 352 -39.86 7.51 5.38
N LYS B 353 -40.84 8.40 5.35
CA LYS B 353 -40.54 9.83 5.36
C LYS B 353 -39.93 10.24 6.69
N GLN B 354 -40.29 9.57 7.78
CA GLN B 354 -39.65 9.89 9.06
C GLN B 354 -38.16 9.60 8.99
N ILE B 355 -37.78 8.50 8.34
CA ILE B 355 -36.37 8.15 8.24
C ILE B 355 -35.58 9.25 7.55
N GLU B 356 -36.11 9.78 6.43
CA GLU B 356 -35.41 10.86 5.74
C GLU B 356 -35.27 12.12 6.62
N TYR B 357 -36.30 12.45 7.39
CA TYR B 357 -36.23 13.61 8.27
C TYR B 357 -35.51 13.32 9.58
N ARG B 358 -35.14 12.07 9.84
CA ARG B 358 -34.48 11.67 11.09
C ARG B 358 -35.36 11.89 12.31
N ASN B 359 -36.67 11.75 12.16
CA ASN B 359 -37.56 11.66 13.31
C ASN B 359 -37.75 10.18 13.58
N LEU B 360 -36.77 9.59 14.25
CA LEU B 360 -36.77 8.15 14.46
C LEU B 360 -37.50 7.77 15.73
N PHE B 361 -37.87 6.49 15.83
CA PHE B 361 -38.33 5.93 17.09
C PHE B 361 -37.28 6.20 18.16
N LYS B 362 -37.74 6.48 19.37
CA LYS B 362 -36.85 6.90 20.43
C LYS B 362 -36.40 5.73 21.27
N TYR B 363 -35.14 5.76 21.70
CA TYR B 363 -34.55 4.65 22.42
C TYR B 363 -34.99 4.68 23.88
N VAL B 364 -35.47 3.55 24.38
CA VAL B 364 -35.95 3.43 25.75
C VAL B 364 -34.92 2.77 26.65
N GLY B 365 -34.38 1.63 26.23
CA GLY B 365 -33.37 0.93 27.00
C GLY B 365 -33.05 -0.42 26.40
N GLU B 366 -32.12 -1.10 27.06
CA GLU B 366 -31.62 -2.41 26.65
C GLU B 366 -31.65 -3.38 27.83
N THR B 367 -31.61 -4.68 27.53
CA THR B 367 -31.70 -5.77 28.50
C THR B 367 -31.25 -7.06 27.84
N GLN B 368 -30.88 -8.04 28.67
CA GLN B 368 -30.50 -9.38 28.22
C GLN B 368 -31.21 -10.46 29.02
N PRO B 369 -31.62 -11.59 28.35
CA PRO B 369 -32.23 -12.74 29.02
C PRO B 369 -31.19 -13.64 29.70
N THR B 370 -30.31 -13.03 30.49
CA THR B 370 -29.16 -13.74 31.07
C THR B 370 -29.64 -14.78 32.06
N GLY B 371 -29.31 -16.04 31.80
CA GLY B 371 -29.80 -17.11 32.62
C GLY B 371 -31.23 -17.54 32.33
N GLN B 372 -31.92 -16.89 31.40
CA GLN B 372 -33.29 -17.23 31.06
C GLN B 372 -33.35 -17.94 29.71
N ILE B 373 -34.51 -18.48 29.38
CA ILE B 373 -34.72 -19.02 28.03
C ILE B 373 -34.88 -17.86 27.07
N LYS B 374 -34.15 -17.90 25.96
CA LYS B 374 -34.11 -16.78 25.03
C LYS B 374 -35.41 -16.70 24.22
N ILE B 375 -35.73 -15.47 23.79
CA ILE B 375 -36.95 -15.22 23.03
C ILE B 375 -36.78 -15.73 21.61
N LYS B 376 -37.69 -16.60 21.18
CA LYS B 376 -37.64 -17.11 19.82
C LYS B 376 -38.56 -16.32 18.89
N ARG B 377 -38.30 -16.46 17.58
CA ARG B 377 -38.96 -15.68 16.55
C ARG B 377 -40.48 -15.78 16.65
N GLU B 378 -41.01 -16.98 16.83
CA GLU B 378 -42.46 -17.18 16.83
C GLU B 378 -43.17 -16.29 17.86
N ASP B 379 -42.47 -15.82 18.89
CA ASP B 379 -43.07 -14.96 19.89
C ASP B 379 -42.65 -13.50 19.76
N TYR B 380 -42.02 -13.12 18.64
CA TYR B 380 -41.63 -11.73 18.44
C TYR B 380 -42.83 -10.81 18.47
N GLU B 381 -43.95 -11.23 17.86
CA GLU B 381 -45.07 -10.31 17.73
C GLU B 381 -45.81 -10.08 19.04
N SER B 382 -45.77 -11.05 19.96
CA SER B 382 -46.42 -10.90 21.26
C SER B 382 -45.69 -9.90 22.16
N LEU B 383 -44.44 -9.55 21.84
CA LEU B 383 -43.64 -8.74 22.77
C LEU B 383 -44.16 -7.32 22.96
N PRO B 384 -44.53 -6.56 21.91
CA PRO B 384 -45.09 -5.22 22.15
C PRO B 384 -46.27 -5.18 23.11
N LYS B 385 -47.15 -6.20 23.09
CA LYS B 385 -48.27 -6.21 24.04
C LYS B 385 -47.85 -6.62 25.44
N GLU B 386 -46.83 -7.47 25.55
CA GLU B 386 -46.28 -7.82 26.86
C GLU B 386 -45.75 -6.60 27.59
N VAL B 387 -45.08 -5.69 26.86
CA VAL B 387 -44.55 -4.48 27.50
C VAL B 387 -45.68 -3.51 27.83
N ALA B 388 -46.63 -3.36 26.90
CA ALA B 388 -47.77 -2.48 27.13
C ALA B 388 -48.63 -2.97 28.29
N SER B 389 -48.81 -4.29 28.41
CA SER B 389 -49.65 -4.86 29.46
C SER B 389 -48.93 -5.01 30.78
N ALA B 390 -47.60 -5.04 30.80
CA ALA B 390 -46.86 -5.06 32.06
C ALA B 390 -46.82 -3.64 32.63
N LYS B 391 -48.00 -3.20 33.05
CA LYS B 391 -48.18 -1.86 33.58
C LYS B 391 -47.32 -1.69 34.85
N PRO B 392 -46.63 -0.57 34.97
CA PRO B 392 -45.64 -0.41 36.05
C PRO B 392 -46.33 -0.10 37.38
N LYS B 393 -45.51 0.01 38.43
CA LYS B 393 -46.02 0.12 39.79
C LYS B 393 -46.52 1.52 40.16
N VAL B 394 -46.29 2.52 39.31
CA VAL B 394 -46.81 3.87 39.51
C VAL B 394 -47.50 4.33 38.22
N LEU B 395 -48.67 4.96 38.38
CA LEU B 395 -49.44 5.44 37.25
C LEU B 395 -49.07 6.89 36.95
N LEU B 396 -49.16 7.26 35.66
CA LEU B 396 -48.82 8.59 35.20
C LEU B 396 -49.94 9.14 34.31
N ASP B 397 -49.84 10.42 33.98
CA ASP B 397 -50.78 11.05 33.05
C ASP B 397 -50.92 10.22 31.77
N VAL B 398 -49.79 9.79 31.22
CA VAL B 398 -49.75 9.10 29.94
C VAL B 398 -49.87 7.61 30.18
N LYS B 399 -50.66 6.95 29.33
CA LYS B 399 -50.68 5.49 29.23
C LYS B 399 -50.48 5.11 27.76
N LEU B 400 -50.00 3.89 27.55
CA LEU B 400 -49.58 3.48 26.22
C LEU B 400 -50.19 2.13 25.83
N LYS B 401 -50.26 1.91 24.53
CA LYS B 401 -50.76 0.70 23.92
C LYS B 401 -49.59 -0.03 23.26
N ALA B 402 -49.87 -1.23 22.75
CA ALA B 402 -48.82 -2.03 22.12
C ALA B 402 -48.25 -1.33 20.89
N GLU B 403 -49.12 -0.70 20.09
CA GLU B 403 -48.72 -0.08 18.83
C GLU B 403 -47.59 0.93 19.01
N ASP B 404 -47.50 1.52 20.21
CA ASP B 404 -46.47 2.51 20.51
C ASP B 404 -45.13 1.89 20.86
N PHE B 405 -45.03 0.58 20.94
CA PHE B 405 -43.82 -0.09 21.40
C PHE B 405 -43.24 -0.93 20.27
N ILE B 406 -41.92 -0.85 20.13
CA ILE B 406 -41.14 -1.73 19.28
C ILE B 406 -40.23 -2.53 20.19
N VAL B 407 -40.19 -3.86 20.02
CA VAL B 407 -39.31 -4.71 20.80
C VAL B 407 -38.34 -5.37 19.84
N ASP B 408 -37.07 -5.01 19.94
CA ASP B 408 -36.07 -5.45 18.98
C ASP B 408 -35.19 -6.50 19.64
N VAL B 409 -35.14 -7.70 19.06
CA VAL B 409 -34.39 -8.83 19.58
C VAL B 409 -33.15 -9.01 18.70
N ILE B 410 -31.98 -8.73 19.24
CA ILE B 410 -30.72 -8.78 18.49
C ILE B 410 -29.96 -10.02 18.90
N ASN B 411 -29.62 -10.84 17.92
CA ASN B 411 -28.92 -12.09 18.13
C ASN B 411 -27.61 -12.07 17.35
N MET B 412 -26.59 -12.73 17.89
CA MET B 412 -25.35 -12.87 17.15
C MET B 412 -25.29 -14.15 16.32
N ASP B 413 -25.94 -15.21 16.77
CA ASP B 413 -26.07 -16.45 15.98
C ASP B 413 -27.20 -17.34 16.49
N ASP B 423 -11.79 -22.72 20.91
CA ASP B 423 -12.81 -23.64 21.41
C ASP B 423 -12.85 -24.93 20.58
N HIS B 424 -13.71 -24.96 19.56
CA HIS B 424 -13.84 -26.10 18.66
C HIS B 424 -12.78 -26.12 17.56
N VAL B 425 -11.68 -25.40 17.73
CA VAL B 425 -10.65 -25.29 16.70
C VAL B 425 -9.59 -26.35 16.95
N SER B 426 -9.11 -26.94 15.86
CA SER B 426 -8.07 -27.96 15.89
C SER B 426 -6.81 -27.41 15.24
N PHE B 427 -5.68 -27.58 15.92
CA PHE B 427 -4.38 -27.13 15.45
C PHE B 427 -3.48 -28.33 15.23
N TYR B 428 -2.62 -28.24 14.23
CA TYR B 428 -1.63 -29.27 13.95
C TYR B 428 -0.24 -28.70 14.16
N CYS B 429 0.60 -29.46 14.87
CA CYS B 429 2.03 -29.26 14.84
C CYS B 429 2.61 -29.98 13.63
N LYS B 430 3.65 -29.42 13.03
CA LYS B 430 4.22 -30.02 11.83
C LYS B 430 5.42 -30.92 12.10
N THR B 431 5.80 -31.12 13.36
CA THR B 431 6.66 -32.26 13.68
C THR B 431 5.94 -33.57 13.38
N ALA B 432 4.62 -33.61 13.62
CA ALA B 432 3.73 -34.70 13.19
C ALA B 432 2.61 -34.02 12.43
N PRO B 433 2.80 -33.76 11.13
CA PRO B 433 1.95 -32.78 10.43
C PRO B 433 0.51 -33.24 10.19
N ASN B 434 0.15 -34.48 10.49
CA ASN B 434 -1.14 -35.04 10.06
C ASN B 434 -2.11 -35.35 11.18
N ARG B 435 -1.76 -35.08 12.45
CA ARG B 435 -2.70 -35.21 13.55
C ARG B 435 -2.65 -34.00 14.46
N ALA B 436 -3.77 -33.73 15.11
CA ALA B 436 -3.99 -32.49 15.84
C ALA B 436 -3.67 -32.68 17.32
N ILE B 437 -3.89 -31.60 18.09
CA ILE B 437 -3.66 -31.61 19.53
C ILE B 437 -4.92 -31.96 20.34
N GLU B 454 -25.17 -12.24 23.66
CA GLU B 454 -25.62 -13.30 22.76
C GLU B 454 -27.03 -13.05 22.21
N GLN B 455 -27.94 -12.62 23.10
CA GLN B 455 -29.24 -12.07 22.70
C GLN B 455 -29.48 -10.79 23.49
N LEU B 456 -29.57 -9.67 22.77
CA LEU B 456 -29.92 -8.40 23.38
C LEU B 456 -31.38 -8.09 23.07
N ILE B 457 -32.03 -7.36 23.97
CA ILE B 457 -33.42 -6.95 23.76
C ILE B 457 -33.53 -5.45 24.04
N ARG B 458 -33.90 -4.70 23.02
CA ARG B 458 -34.06 -3.27 23.12
C ARG B 458 -35.50 -2.90 22.81
N VAL B 459 -35.99 -1.87 23.49
CA VAL B 459 -37.35 -1.36 23.31
C VAL B 459 -37.27 0.08 22.84
N TYR B 460 -38.06 0.42 21.82
CA TYR B 460 -38.20 1.79 21.37
C TYR B 460 -39.68 2.17 21.44
N CYS B 461 -39.91 3.48 21.57
CA CYS B 461 -41.26 4.03 21.65
C CYS B 461 -41.51 4.92 20.46
N LYS B 462 -42.69 4.78 19.85
CA LYS B 462 -43.01 5.56 18.66
C LYS B 462 -43.50 6.96 19.00
N LYS B 463 -43.87 7.21 20.25
CA LYS B 463 -44.30 8.53 20.67
C LYS B 463 -43.10 9.32 21.18
N VAL B 464 -43.04 10.60 20.81
CA VAL B 464 -41.83 11.39 20.96
C VAL B 464 -41.95 12.49 22.00
N ASP B 465 -43.11 12.65 22.65
CA ASP B 465 -43.24 13.62 23.71
C ASP B 465 -42.59 13.11 25.00
N ARG B 466 -42.13 14.03 25.84
CA ARG B 466 -41.30 13.67 26.98
C ARG B 466 -42.02 12.77 27.97
N LYS B 467 -43.35 12.91 28.12
CA LYS B 467 -44.03 12.19 29.19
C LYS B 467 -44.35 10.74 28.81
N SER B 468 -44.69 10.50 27.54
CA SER B 468 -44.78 9.12 27.05
C SER B 468 -43.41 8.44 27.02
N LEU B 469 -42.35 9.20 26.75
CA LEU B 469 -40.99 8.66 26.87
C LEU B 469 -40.73 8.19 28.29
N TYR B 470 -41.01 9.04 29.28
CA TYR B 470 -40.83 8.63 30.67
C TYR B 470 -41.70 7.43 31.02
N ALA B 471 -42.94 7.40 30.53
CA ALA B 471 -43.83 6.28 30.85
C ALA B 471 -43.34 4.99 30.21
N ALA B 472 -43.09 5.03 28.90
CA ALA B 472 -42.56 3.87 28.18
C ALA B 472 -41.32 3.30 28.88
N ARG B 473 -40.49 4.17 29.44
CA ARG B 473 -39.37 3.70 30.27
C ARG B 473 -39.86 2.83 31.42
N GLN B 474 -40.87 3.31 32.15
CA GLN B 474 -41.34 2.54 33.29
C GLN B 474 -42.04 1.26 32.87
N TYR B 475 -42.81 1.29 31.78
CA TYR B 475 -43.36 0.05 31.25
C TYR B 475 -42.25 -0.94 30.96
N PHE B 476 -41.09 -0.45 30.53
CA PHE B 476 -39.98 -1.33 30.15
C PHE B 476 -39.27 -1.91 31.37
N VAL B 477 -38.99 -1.08 32.37
CA VAL B 477 -38.33 -1.58 33.58
C VAL B 477 -39.15 -2.69 34.21
N GLN B 478 -40.47 -2.53 34.27
CA GLN B 478 -41.32 -3.55 34.86
C GLN B 478 -41.30 -4.83 34.03
N TRP B 479 -41.36 -4.68 32.70
CA TRP B 479 -41.35 -5.85 31.84
C TRP B 479 -40.10 -6.70 32.09
N CYS B 480 -38.94 -6.05 32.22
CA CYS B 480 -37.72 -6.81 32.49
C CYS B 480 -37.82 -7.51 33.84
N ALA B 481 -38.45 -6.86 34.82
CA ALA B 481 -38.66 -7.50 36.11
C ALA B 481 -39.60 -8.70 35.98
N ASP B 482 -40.72 -8.53 35.27
CA ASP B 482 -41.68 -9.62 35.15
C ASP B 482 -41.05 -10.81 34.44
N ARG B 483 -40.21 -10.56 33.45
CA ARG B 483 -39.59 -11.63 32.68
C ARG B 483 -38.24 -12.07 33.22
N ASN B 484 -37.82 -11.52 34.37
CA ASN B 484 -36.58 -11.91 35.06
C ASN B 484 -35.33 -11.57 34.25
N PHE B 485 -35.44 -10.53 33.42
CA PHE B 485 -34.34 -10.03 32.62
C PHE B 485 -33.52 -9.03 33.45
N THR B 486 -32.30 -8.72 32.97
CA THR B 486 -31.44 -7.79 33.72
C THR B 486 -32.10 -6.41 33.81
N LYS B 487 -31.77 -5.66 34.86
CA LYS B 487 -32.40 -4.33 34.99
C LYS B 487 -31.68 -3.32 34.11
N PRO B 488 -32.41 -2.51 33.34
CA PRO B 488 -31.76 -1.58 32.42
C PRO B 488 -30.82 -0.61 33.12
N GLN B 489 -29.65 -0.40 32.53
CA GLN B 489 -28.68 0.60 32.98
C GLN B 489 -28.97 1.95 32.32
N ASP B 490 -28.22 2.98 32.72
CA ASP B 490 -28.34 4.30 32.08
C ASP B 490 -27.03 4.75 31.43
N MET C 22 -21.89 18.78 18.51
CA MET C 22 -21.93 18.47 17.09
C MET C 22 -22.14 16.98 16.83
N LYS C 23 -22.65 16.67 15.65
CA LYS C 23 -22.85 15.29 15.24
C LYS C 23 -21.64 14.79 14.48
N VAL C 24 -21.26 13.54 14.73
CA VAL C 24 -20.11 12.91 14.12
C VAL C 24 -20.56 11.80 13.20
N ILE C 25 -20.06 11.81 11.97
CA ILE C 25 -20.28 10.75 11.00
C ILE C 25 -18.94 10.06 10.74
N ASN C 26 -18.94 8.73 10.76
CA ASN C 26 -17.72 7.96 10.55
C ASN C 26 -17.63 7.58 9.06
N ASP C 27 -16.66 8.13 8.35
CA ASP C 27 -16.43 7.89 6.94
C ASP C 27 -15.16 7.05 6.74
N PRO C 28 -15.18 6.04 5.85
CA PRO C 28 -13.96 5.26 5.60
C PRO C 28 -12.84 6.05 4.93
N ILE C 29 -13.12 7.17 4.27
CA ILE C 29 -12.05 7.97 3.66
C ILE C 29 -11.51 9.00 4.65
N HIS C 30 -12.39 9.65 5.43
CA HIS C 30 -11.98 10.77 6.24
C HIS C 30 -12.00 10.47 7.73
N GLY C 31 -12.55 9.34 8.14
CA GLY C 31 -12.65 9.05 9.57
C GLY C 31 -13.80 9.81 10.20
N HIS C 32 -13.52 10.52 11.29
CA HIS C 32 -14.56 11.22 12.05
C HIS C 32 -14.87 12.58 11.43
N ILE C 33 -16.05 12.72 10.86
CA ILE C 33 -16.53 13.96 10.27
C ILE C 33 -17.43 14.64 11.31
N GLU C 34 -17.12 15.88 11.68
CA GLU C 34 -17.97 16.64 12.58
C GLU C 34 -18.88 17.57 11.77
N LEU C 35 -20.18 17.54 12.06
CA LEU C 35 -21.16 18.28 11.29
C LEU C 35 -21.81 19.34 12.17
N HIS C 36 -21.82 20.58 11.67
CA HIS C 36 -22.50 21.64 12.37
C HIS C 36 -24.02 21.42 12.30
N PRO C 37 -24.75 21.71 13.39
CA PRO C 37 -26.21 21.47 13.41
C PRO C 37 -26.96 21.95 12.19
N LEU C 38 -26.56 23.09 11.64
CA LEU C 38 -27.19 23.63 10.45
C LEU C 38 -26.98 22.69 9.25
N LEU C 39 -25.75 22.15 9.07
CA LEU C 39 -25.52 21.18 8.01
C LEU C 39 -26.37 19.92 8.21
N VAL C 40 -26.53 19.50 9.47
CA VAL C 40 -27.40 18.36 9.75
C VAL C 40 -28.83 18.64 9.30
N ARG C 41 -29.30 19.89 9.48
CA ARG C 41 -30.65 20.20 9.01
C ARG C 41 -30.75 20.07 7.51
N ILE C 42 -29.75 20.55 6.78
CA ILE C 42 -29.79 20.45 5.33
C ILE C 42 -29.76 19.00 4.88
N ILE C 43 -28.97 18.18 5.58
CA ILE C 43 -28.75 16.79 5.18
C ILE C 43 -30.00 15.96 5.41
N ASP C 44 -30.70 16.20 6.51
CA ASP C 44 -31.87 15.39 6.84
C ASP C 44 -33.12 15.87 6.11
N THR C 45 -33.02 15.98 4.79
CA THR C 45 -34.16 16.39 3.98
C THR C 45 -34.33 15.39 2.85
N PRO C 46 -35.55 15.24 2.34
CA PRO C 46 -35.75 14.38 1.15
C PRO C 46 -34.87 14.79 -0.02
N GLN C 47 -34.60 16.07 -0.18
CA GLN C 47 -33.80 16.50 -1.32
C GLN C 47 -32.33 16.13 -1.13
N PHE C 48 -31.84 16.07 0.10
CA PHE C 48 -30.46 15.64 0.25
C PHE C 48 -30.33 14.12 0.28
N GLN C 49 -31.21 13.43 1.02
CA GLN C 49 -31.19 11.97 1.11
C GLN C 49 -31.40 11.31 -0.24
N ARG C 50 -31.98 12.03 -1.20
CA ARG C 50 -32.12 11.48 -2.55
C ARG C 50 -30.78 11.02 -3.13
N LEU C 51 -29.66 11.60 -2.67
CA LEU C 51 -28.35 11.26 -3.23
C LEU C 51 -27.85 9.88 -2.79
N ARG C 52 -28.49 9.24 -1.82
CA ARG C 52 -28.20 7.86 -1.50
C ARG C 52 -28.62 6.90 -2.60
N TYR C 53 -29.37 7.35 -3.59
CA TYR C 53 -29.92 6.47 -4.60
C TYR C 53 -29.42 6.81 -5.99
N ILE C 54 -28.29 7.51 -6.06
CA ILE C 54 -27.63 7.81 -7.31
C ILE C 54 -26.19 7.27 -7.23
N LYS C 55 -25.86 6.35 -8.14
CA LYS C 55 -24.54 5.74 -8.12
C LYS C 55 -23.46 6.73 -8.61
N GLN C 56 -22.39 6.85 -7.80
CA GLN C 56 -21.34 7.83 -8.09
C GLN C 56 -20.76 7.62 -9.48
N LEU C 57 -20.48 6.37 -9.86
CA LEU C 57 -19.88 6.03 -11.15
C LEU C 57 -20.91 5.58 -12.20
N GLY C 58 -22.20 5.76 -11.96
CA GLY C 58 -23.17 5.44 -13.01
C GLY C 58 -23.15 3.95 -13.34
N GLY C 59 -22.95 3.63 -14.62
CA GLY C 59 -22.81 2.23 -15.01
C GLY C 59 -21.52 1.57 -14.57
N GLY C 60 -20.60 2.34 -13.98
CA GLY C 60 -19.31 1.78 -13.60
C GLY C 60 -19.44 0.56 -12.73
N TYR C 61 -20.51 0.51 -11.91
CA TYR C 61 -20.69 -0.59 -10.96
C TYR C 61 -20.86 -1.93 -11.67
N TYR C 62 -21.34 -1.92 -12.91
CA TYR C 62 -21.50 -3.16 -13.67
C TYR C 62 -20.19 -3.70 -14.22
N VAL C 63 -19.10 -2.98 -14.01
CA VAL C 63 -17.78 -3.45 -14.35
C VAL C 63 -16.89 -3.60 -13.12
N PHE C 64 -17.04 -2.71 -12.15
CA PHE C 64 -16.26 -2.75 -10.91
C PHE C 64 -17.18 -3.02 -9.73
N PRO C 65 -17.22 -4.26 -9.23
CA PRO C 65 -18.14 -4.59 -8.13
C PRO C 65 -17.92 -3.77 -6.89
N GLY C 66 -16.72 -3.21 -6.69
CA GLY C 66 -16.49 -2.34 -5.55
C GLY C 66 -17.11 -0.97 -5.68
N ALA C 67 -17.54 -0.57 -6.86
CA ALA C 67 -18.01 0.80 -7.07
C ALA C 67 -19.53 0.92 -6.85
N SER C 68 -19.95 0.53 -5.64
CA SER C 68 -21.35 0.63 -5.26
C SER C 68 -21.70 1.96 -4.63
N HIS C 69 -20.72 2.86 -4.48
CA HIS C 69 -20.86 4.05 -3.67
C HIS C 69 -21.71 5.10 -4.37
N ASN C 70 -22.34 5.97 -3.56
CA ASN C 70 -23.35 6.89 -4.01
C ASN C 70 -22.93 8.34 -3.77
N ARG C 71 -23.61 9.24 -4.50
CA ARG C 71 -23.33 10.66 -4.41
C ARG C 71 -23.44 11.18 -2.97
N PHE C 72 -24.25 10.52 -2.15
CA PHE C 72 -24.50 10.95 -0.78
C PHE C 72 -23.19 11.01 0.02
N GLU C 73 -22.48 9.88 0.11
CA GLU C 73 -21.26 9.85 0.91
C GLU C 73 -20.18 10.74 0.29
N HIS C 74 -20.19 10.86 -1.03
CA HIS C 74 -19.21 11.74 -1.66
C HIS C 74 -19.44 13.16 -1.18
N SER C 75 -20.71 13.63 -1.23
CA SER C 75 -21.04 15.00 -0.84
C SER C 75 -20.69 15.29 0.61
N LEU C 76 -20.97 14.35 1.52
CA LEU C 76 -20.51 14.52 2.90
C LEU C 76 -19.01 14.81 2.92
N GLY C 77 -18.24 14.07 2.12
CA GLY C 77 -16.82 14.29 2.11
C GLY C 77 -16.43 15.62 1.52
N VAL C 78 -17.17 16.10 0.52
CA VAL C 78 -16.83 17.41 -0.05
C VAL C 78 -17.10 18.52 0.95
N GLY C 79 -18.27 18.48 1.60
CA GLY C 79 -18.56 19.44 2.64
C GLY C 79 -17.49 19.44 3.73
N TYR C 80 -17.00 18.26 4.09
CA TYR C 80 -16.00 18.15 5.14
C TYR C 80 -14.64 18.74 4.69
N LEU C 81 -14.13 18.30 3.54
CA LEU C 81 -12.88 18.85 3.04
C LEU C 81 -12.96 20.35 2.86
N ALA C 82 -14.08 20.83 2.31
CA ALA C 82 -14.24 22.26 2.13
C ALA C 82 -14.09 23.00 3.47
N GLY C 83 -14.70 22.47 4.54
CA GLY C 83 -14.56 23.08 5.84
C GLY C 83 -13.11 23.07 6.33
N CYS C 84 -12.41 21.95 6.12
CA CYS C 84 -11.01 21.86 6.53
C CYS C 84 -10.17 22.94 5.86
N LEU C 85 -10.25 23.02 4.52
CA LEU C 85 -9.41 23.95 3.80
C LEU C 85 -9.66 25.38 4.24
N VAL C 86 -10.93 25.79 4.27
CA VAL C 86 -11.20 27.19 4.59
C VAL C 86 -10.91 27.49 6.07
N HIS C 87 -11.10 26.50 6.94
CA HIS C 87 -10.78 26.69 8.35
C HIS C 87 -9.26 26.73 8.59
N ALA C 88 -8.48 25.91 7.86
CA ALA C 88 -7.04 25.95 7.99
C ALA C 88 -6.46 27.27 7.47
N LEU C 89 -6.98 27.78 6.34
CA LEU C 89 -6.53 29.06 5.83
C LEU C 89 -6.87 30.20 6.80
N GLY C 90 -8.06 30.16 7.37
CA GLY C 90 -8.45 31.20 8.31
C GLY C 90 -7.60 31.19 9.57
N GLU C 91 -7.22 30.01 10.05
CA GLU C 91 -6.45 29.93 11.29
C GLU C 91 -5.02 30.44 11.10
N LYS C 92 -4.43 30.20 9.93
CA LYS C 92 -3.08 30.63 9.66
C LYS C 92 -2.98 32.06 9.14
N GLN C 93 -4.05 32.60 8.53
CA GLN C 93 -4.02 33.94 7.94
C GLN C 93 -5.22 34.76 8.40
N PRO C 94 -5.25 35.16 9.67
CA PRO C 94 -6.39 35.94 10.17
C PRO C 94 -6.58 37.29 9.49
N GLU C 95 -5.61 37.74 8.70
CA GLU C 95 -5.80 38.96 7.93
C GLU C 95 -6.79 38.77 6.81
N LEU C 96 -6.98 37.53 6.35
CA LEU C 96 -7.97 37.26 5.32
C LEU C 96 -9.39 37.54 5.82
N GLN C 97 -9.61 37.50 7.13
CA GLN C 97 -10.90 37.82 7.75
C GLN C 97 -11.99 36.79 7.39
N ILE C 98 -11.66 35.51 7.54
CA ILE C 98 -12.62 34.44 7.29
C ILE C 98 -13.51 34.26 8.50
N SER C 99 -14.80 34.52 8.34
CA SER C 99 -15.69 34.37 9.49
C SER C 99 -16.17 32.92 9.59
N GLU C 100 -16.71 32.58 10.77
CA GLU C 100 -17.36 31.27 10.90
C GLU C 100 -18.55 31.16 9.96
N ARG C 101 -19.13 32.30 9.58
CA ARG C 101 -20.19 32.35 8.59
C ARG C 101 -19.69 31.92 7.21
N ASP C 102 -18.52 32.43 6.80
CA ASP C 102 -17.87 31.98 5.56
C ASP C 102 -17.64 30.47 5.58
N VAL C 103 -17.09 29.95 6.70
CA VAL C 103 -16.84 28.52 6.83
C VAL C 103 -18.11 27.71 6.53
N LEU C 104 -19.23 28.11 7.14
CA LEU C 104 -20.48 27.39 6.95
C LEU C 104 -20.96 27.47 5.50
N CYS C 105 -20.91 28.68 4.92
CA CYS C 105 -21.36 28.86 3.54
C CYS C 105 -20.57 28.00 2.58
N VAL C 106 -19.26 27.92 2.80
CA VAL C 106 -18.43 27.11 1.93
C VAL C 106 -18.73 25.63 2.15
N GLN C 107 -19.00 25.24 3.41
CA GLN C 107 -19.34 23.84 3.67
C GLN C 107 -20.67 23.44 3.03
N ILE C 108 -21.65 24.36 3.06
CA ILE C 108 -22.95 24.08 2.46
C ILE C 108 -22.80 23.95 0.95
N ALA C 109 -22.03 24.87 0.33
CA ALA C 109 -21.76 24.72 -1.09
C ALA C 109 -21.15 23.37 -1.38
N GLY C 110 -20.23 22.93 -0.53
CA GLY C 110 -19.55 21.68 -0.77
C GLY C 110 -20.48 20.49 -0.64
N LEU C 111 -21.39 20.55 0.34
CA LEU C 111 -22.36 19.48 0.58
C LEU C 111 -23.34 19.36 -0.56
N CYS C 112 -23.72 20.49 -1.16
CA CYS C 112 -24.88 20.61 -2.04
C CYS C 112 -24.52 20.68 -3.50
N HIS C 113 -23.23 20.74 -3.81
N HIS C 113 -23.23 20.78 -3.82
CA HIS C 113 -22.79 20.97 -5.19
CA HIS C 113 -22.84 21.00 -5.21
C HIS C 113 -23.33 19.92 -6.14
C HIS C 113 -23.41 19.94 -6.14
N ASP C 114 -23.59 18.72 -5.64
CA ASP C 114 -24.06 17.62 -6.48
C ASP C 114 -25.55 17.31 -6.29
N LEU C 115 -26.34 18.28 -5.77
CA LEU C 115 -27.75 18.04 -5.57
C LEU C 115 -28.49 17.81 -6.89
N GLY C 116 -27.97 18.37 -7.98
CA GLY C 116 -28.62 18.32 -9.31
C GLY C 116 -28.31 17.06 -10.11
N HIS C 117 -27.44 16.20 -9.61
CA HIS C 117 -27.10 14.95 -10.35
C HIS C 117 -28.37 14.10 -10.51
N GLY C 118 -28.53 13.49 -11.69
CA GLY C 118 -29.70 12.63 -11.95
C GLY C 118 -29.33 11.17 -11.94
N PRO C 119 -30.22 10.26 -12.38
CA PRO C 119 -29.91 8.83 -12.41
C PRO C 119 -28.59 8.51 -13.11
N PHE C 120 -27.73 7.76 -12.44
CA PHE C 120 -26.40 7.30 -12.95
C PHE C 120 -25.45 8.48 -13.19
N SER C 121 -25.59 9.53 -12.39
CA SER C 121 -24.73 10.74 -12.38
C SER C 121 -24.52 11.36 -13.77
N HIS C 122 -23.29 11.29 -14.29
CA HIS C 122 -22.87 11.93 -15.56
C HIS C 122 -23.61 11.39 -16.79
N MET C 123 -24.09 10.15 -16.75
CA MET C 123 -24.82 9.60 -17.91
C MET C 123 -26.14 10.36 -18.07
N PHE C 124 -26.62 11.05 -17.04
CA PHE C 124 -27.92 11.70 -17.14
C PHE C 124 -27.84 13.05 -17.83
N ASP C 125 -26.95 13.93 -17.38
CA ASP C 125 -26.78 15.20 -18.09
C ASP C 125 -25.76 15.11 -19.23
N GLY C 126 -24.80 14.18 -19.15
CA GLY C 126 -23.86 14.03 -20.24
C GLY C 126 -24.45 13.41 -21.49
N ARG C 127 -25.40 12.45 -21.33
CA ARG C 127 -25.90 11.77 -22.52
C ARG C 127 -27.43 11.68 -22.65
N PHE C 128 -28.16 11.38 -21.57
CA PHE C 128 -29.60 11.09 -21.72
C PHE C 128 -30.38 12.33 -22.12
N ILE C 129 -30.31 13.41 -21.31
CA ILE C 129 -31.00 14.66 -21.66
C ILE C 129 -30.60 15.20 -23.04
N PRO C 130 -29.32 15.22 -23.43
CA PRO C 130 -29.00 15.55 -24.83
C PRO C 130 -29.79 14.75 -25.85
N LEU C 131 -29.84 13.42 -25.69
CA LEU C 131 -30.55 12.59 -26.66
C LEU C 131 -32.06 12.74 -26.55
N ALA C 132 -32.59 13.00 -25.35
CA ALA C 132 -34.03 13.02 -25.20
C ALA C 132 -34.62 14.37 -25.60
N ARG C 133 -33.87 15.44 -25.36
CA ARG C 133 -34.35 16.81 -25.57
C ARG C 133 -33.16 17.61 -26.06
N PRO C 134 -32.79 17.46 -27.35
CA PRO C 134 -31.62 18.18 -27.86
C PRO C 134 -31.75 19.68 -27.72
N GLU C 135 -32.99 20.17 -27.55
CA GLU C 135 -33.30 21.59 -27.53
C GLU C 135 -32.83 22.26 -26.23
N VAL C 136 -32.92 21.56 -25.10
CA VAL C 136 -32.74 22.14 -23.78
C VAL C 136 -31.25 22.17 -23.40
N LYS C 137 -30.83 23.24 -22.72
CA LYS C 137 -29.50 23.34 -22.11
C LYS C 137 -29.66 22.91 -20.66
N TRP C 138 -29.03 21.79 -20.28
CA TRP C 138 -29.15 21.29 -18.92
C TRP C 138 -27.79 20.81 -18.41
N THR C 139 -27.47 21.16 -17.17
CA THR C 139 -26.33 20.62 -16.47
C THR C 139 -26.78 20.26 -15.07
N HIS C 140 -26.16 19.23 -14.49
CA HIS C 140 -26.44 18.94 -13.10
C HIS C 140 -26.14 20.12 -12.19
N GLU C 141 -25.23 21.01 -12.59
CA GLU C 141 -24.94 22.15 -11.72
C GLU C 141 -26.14 23.08 -11.62
N GLN C 142 -26.79 23.40 -12.76
CA GLN C 142 -28.05 24.15 -12.70
C GLN C 142 -29.09 23.39 -11.89
N GLY C 143 -29.13 22.07 -12.04
CA GLY C 143 -30.01 21.26 -11.21
C GLY C 143 -29.70 21.42 -9.74
N SER C 144 -28.41 21.43 -9.39
CA SER C 144 -28.03 21.62 -8.00
C SER C 144 -28.60 22.92 -7.45
N VAL C 145 -28.52 24.00 -8.23
CA VAL C 145 -29.00 25.28 -7.74
C VAL C 145 -30.51 25.22 -7.55
N MET C 146 -31.23 24.67 -8.52
CA MET C 146 -32.69 24.53 -8.36
C MET C 146 -33.03 23.59 -7.21
N MET C 147 -32.33 22.47 -7.12
CA MET C 147 -32.59 21.53 -6.04
C MET C 147 -32.38 22.18 -4.68
N PHE C 148 -31.32 22.99 -4.55
CA PHE C 148 -30.96 23.60 -3.26
C PHE C 148 -32.03 24.60 -2.81
N GLU C 149 -32.39 25.53 -3.70
CA GLU C 149 -33.49 26.43 -3.42
C GLU C 149 -34.76 25.67 -3.02
N HIS C 150 -35.08 24.60 -3.75
CA HIS C 150 -36.24 23.81 -3.37
C HIS C 150 -36.05 23.15 -2.00
N LEU C 151 -34.84 22.69 -1.68
CA LEU C 151 -34.55 22.15 -0.36
C LEU C 151 -34.80 23.19 0.76
N ILE C 152 -34.37 24.43 0.55
CA ILE C 152 -34.51 25.47 1.57
C ILE C 152 -35.97 25.82 1.80
N ASN C 153 -36.76 25.97 0.73
CA ASN C 153 -38.14 26.39 0.90
C ASN C 153 -38.98 25.30 1.53
N SER C 154 -38.77 24.04 1.15
CA SER C 154 -39.62 22.94 1.62
C SER C 154 -39.31 22.55 3.05
N ASN C 155 -38.22 23.08 3.64
CA ASN C 155 -37.74 22.61 4.93
C ASN C 155 -37.44 23.76 5.90
N GLY C 156 -38.00 24.94 5.64
CA GLY C 156 -37.79 26.11 6.47
C GLY C 156 -36.37 26.31 6.92
N ILE C 157 -35.43 26.25 5.97
CA ILE C 157 -34.02 26.33 6.32
C ILE C 157 -33.61 27.76 6.65
N LYS C 158 -34.27 28.75 6.06
CA LYS C 158 -33.90 30.15 6.30
C LYS C 158 -33.84 30.53 7.78
N PRO C 159 -34.87 30.29 8.60
CA PRO C 159 -34.74 30.66 10.02
C PRO C 159 -33.67 29.86 10.74
N VAL C 160 -33.43 28.62 10.32
CA VAL C 160 -32.33 27.86 10.90
C VAL C 160 -30.99 28.51 10.55
N MET C 161 -30.90 29.11 9.35
CA MET C 161 -29.67 29.80 8.97
C MET C 161 -29.48 31.07 9.77
N GLU C 162 -30.55 31.84 9.98
CA GLU C 162 -30.43 33.06 10.75
C GLU C 162 -30.06 32.75 12.20
N GLN C 163 -30.65 31.71 12.76
CA GLN C 163 -30.31 31.24 14.09
C GLN C 163 -28.82 30.90 14.24
N TYR C 164 -28.10 30.66 13.14
CA TYR C 164 -26.69 30.29 13.23
C TYR C 164 -25.75 31.36 12.69
N GLY C 165 -26.26 32.56 12.39
CA GLY C 165 -25.42 33.70 12.09
C GLY C 165 -25.39 34.08 10.64
N LEU C 166 -25.96 33.26 9.76
CA LEU C 166 -25.98 33.53 8.32
C LEU C 166 -27.03 34.59 7.98
N ILE C 167 -26.80 35.31 6.90
CA ILE C 167 -27.78 36.27 6.37
C ILE C 167 -28.31 35.71 5.06
N PRO C 168 -29.48 35.06 5.08
CA PRO C 168 -29.87 34.20 3.96
C PRO C 168 -29.74 34.79 2.56
N GLU C 169 -30.13 36.03 2.32
CA GLU C 169 -30.20 36.49 0.93
C GLU C 169 -28.81 36.54 0.29
N GLU C 170 -27.85 37.16 0.96
CA GLU C 170 -26.51 37.14 0.40
C GLU C 170 -25.87 35.75 0.51
N ASP C 171 -26.10 35.03 1.61
CA ASP C 171 -25.43 33.75 1.78
C ASP C 171 -25.95 32.71 0.80
N ILE C 172 -27.27 32.65 0.57
CA ILE C 172 -27.81 31.71 -0.42
C ILE C 172 -27.24 32.03 -1.81
N CYS C 173 -27.07 33.31 -2.10
CA CYS C 173 -26.44 33.72 -3.37
C CYS C 173 -24.99 33.26 -3.44
N PHE C 174 -24.23 33.49 -2.37
CA PHE C 174 -22.87 33.00 -2.30
C PHE C 174 -22.82 31.48 -2.46
N ILE C 175 -23.77 30.76 -1.87
CA ILE C 175 -23.75 29.31 -1.95
C ILE C 175 -23.99 28.84 -3.38
N LYS C 176 -25.00 29.41 -4.05
CA LYS C 176 -25.29 29.05 -5.43
C LYS C 176 -24.14 29.43 -6.36
N GLU C 177 -23.52 30.59 -6.11
CA GLU C 177 -22.42 31.02 -6.97
C GLU C 177 -21.21 30.10 -6.85
N GLN C 178 -21.01 29.45 -5.70
CA GLN C 178 -19.93 28.46 -5.61
C GLN C 178 -20.26 27.22 -6.43
N ILE C 179 -21.54 26.94 -6.60
CA ILE C 179 -21.91 25.74 -7.33
C ILE C 179 -21.87 25.98 -8.83
N VAL C 180 -22.48 27.06 -9.29
CA VAL C 180 -22.75 27.23 -10.71
C VAL C 180 -21.88 28.30 -11.37
N GLY C 181 -21.32 29.23 -10.61
CA GLY C 181 -20.54 30.30 -11.18
C GLY C 181 -21.29 31.61 -11.17
N PRO C 182 -20.68 32.67 -11.67
CA PRO C 182 -21.35 33.97 -11.70
C PRO C 182 -22.32 34.04 -12.87
N LEU C 183 -23.46 34.69 -12.64
CA LEU C 183 -24.47 34.81 -13.70
C LEU C 183 -24.07 35.87 -14.74
N LEU C 191 -13.58 43.18 -14.29
CA LEU C 191 -14.45 43.62 -13.20
C LEU C 191 -15.14 42.43 -12.51
N TRP C 192 -15.34 42.56 -11.20
CA TRP C 192 -15.81 41.47 -10.33
C TRP C 192 -17.25 41.10 -10.66
N PRO C 193 -17.53 39.83 -11.04
CA PRO C 193 -18.90 39.45 -11.44
C PRO C 193 -19.76 38.84 -10.35
N TYR C 194 -19.19 38.62 -9.16
CA TYR C 194 -19.89 37.95 -8.06
C TYR C 194 -20.62 38.96 -7.20
N LYS C 195 -21.73 38.51 -6.61
CA LYS C 195 -22.56 39.35 -5.75
C LYS C 195 -22.77 38.81 -4.35
N GLY C 196 -22.21 37.64 -4.02
CA GLY C 196 -22.43 37.06 -2.71
C GLY C 196 -21.28 37.31 -1.77
N ARG C 197 -20.10 37.64 -2.31
CA ARG C 197 -18.95 38.03 -1.53
C ARG C 197 -18.13 38.98 -2.39
N PRO C 198 -17.40 39.90 -1.77
CA PRO C 198 -16.61 40.88 -2.55
C PRO C 198 -15.25 40.32 -2.96
N GLU C 199 -14.48 41.15 -3.69
CA GLU C 199 -13.21 40.69 -4.27
C GLU C 199 -12.20 40.29 -3.19
N ASN C 200 -12.20 40.97 -2.04
CA ASN C 200 -11.20 40.64 -1.03
C ASN C 200 -11.32 39.19 -0.55
N LYS C 201 -12.39 38.50 -0.91
CA LYS C 201 -12.60 37.11 -0.56
C LYS C 201 -12.79 36.22 -1.79
N SER C 202 -12.29 36.66 -2.94
CA SER C 202 -12.40 35.89 -4.17
C SER C 202 -11.86 34.48 -4.01
N PHE C 203 -10.81 34.31 -3.20
CA PHE C 203 -10.22 32.97 -3.02
C PHE C 203 -11.24 31.96 -2.51
N LEU C 204 -12.30 32.42 -1.82
CA LEU C 204 -13.34 31.51 -1.35
C LEU C 204 -13.98 30.71 -2.49
N TYR C 205 -14.15 31.34 -3.67
CA TYR C 205 -14.77 30.67 -4.81
C TYR C 205 -13.87 29.62 -5.47
N GLU C 206 -12.63 29.46 -5.03
CA GLU C 206 -11.79 28.40 -5.58
C GLU C 206 -11.86 27.09 -4.79
N ILE C 207 -12.63 27.03 -3.70
CA ILE C 207 -12.60 25.86 -2.83
C ILE C 207 -13.47 24.72 -3.38
N VAL C 208 -14.74 24.99 -3.68
CA VAL C 208 -15.64 23.88 -4.03
C VAL C 208 -15.47 23.46 -5.49
N SER C 209 -15.47 24.44 -6.39
CA SER C 209 -15.42 24.18 -7.83
C SER C 209 -14.50 25.21 -8.47
N ASN C 210 -13.37 24.74 -8.99
CA ASN C 210 -12.44 25.66 -9.60
C ASN C 210 -12.66 25.74 -11.11
N ASN C 213 -8.78 26.74 -12.47
CA ASN C 213 -7.68 25.82 -12.76
C ASN C 213 -8.16 24.36 -12.77
N GLY C 214 -9.19 24.05 -11.99
CA GLY C 214 -9.67 22.69 -11.85
C GLY C 214 -9.14 21.91 -10.66
N ILE C 215 -8.57 22.57 -9.65
CA ILE C 215 -8.09 21.93 -8.42
C ILE C 215 -8.99 22.39 -7.28
N ASP C 216 -9.81 21.49 -6.79
CA ASP C 216 -10.82 21.80 -5.80
C ASP C 216 -11.02 20.60 -4.89
N VAL C 217 -11.69 20.85 -3.78
CA VAL C 217 -11.79 19.80 -2.79
C VAL C 217 -12.68 18.64 -3.24
N ALA C 218 -13.67 18.90 -4.11
CA ALA C 218 -14.47 17.80 -4.65
C ALA C 218 -13.59 16.73 -5.31
N LYS C 219 -12.72 17.15 -6.24
CA LYS C 219 -11.77 16.20 -6.84
C LYS C 219 -10.98 15.44 -5.78
N TRP C 220 -10.59 16.10 -4.68
CA TRP C 220 -9.87 15.40 -3.62
C TRP C 220 -10.70 14.25 -3.07
N ASP C 221 -11.98 14.50 -2.79
CA ASP C 221 -12.80 13.43 -2.22
C ASP C 221 -12.98 12.31 -3.23
N TYR C 222 -13.29 12.63 -4.47
CA TYR C 222 -13.67 11.50 -5.32
C TYR C 222 -12.47 10.73 -5.83
N PHE C 223 -11.32 11.39 -6.04
CA PHE C 223 -10.08 10.64 -6.27
C PHE C 223 -9.86 9.61 -5.17
N ALA C 224 -9.92 10.04 -3.90
CA ALA C 224 -9.68 9.11 -2.81
C ALA C 224 -10.77 8.05 -2.73
N ARG C 225 -12.04 8.46 -2.87
CA ARG C 225 -13.12 7.50 -2.69
C ARG C 225 -13.14 6.49 -3.83
N ASP C 226 -13.12 6.97 -5.07
CA ASP C 226 -13.10 6.03 -6.19
C ASP C 226 -11.90 5.10 -6.12
N CYS C 227 -10.70 5.62 -5.79
CA CYS C 227 -9.55 4.72 -5.66
C CYS C 227 -9.84 3.63 -4.64
N HIS C 228 -10.40 4.03 -3.49
CA HIS C 228 -10.71 3.10 -2.43
C HIS C 228 -11.77 2.07 -2.84
N HIS C 229 -12.71 2.45 -3.70
CA HIS C 229 -13.75 1.51 -4.11
C HIS C 229 -13.32 0.67 -5.29
N LEU C 230 -12.42 1.22 -6.11
CA LEU C 230 -11.97 0.58 -7.32
C LEU C 230 -10.78 -0.35 -7.12
N GLY C 231 -10.08 -0.26 -5.99
CA GLY C 231 -8.84 -0.98 -5.81
C GLY C 231 -7.62 -0.24 -6.30
N ILE C 232 -7.80 0.88 -7.01
CA ILE C 232 -6.68 1.60 -7.58
C ILE C 232 -5.90 2.33 -6.49
N GLN C 233 -4.61 2.52 -6.74
CA GLN C 233 -3.73 3.12 -5.75
C GLN C 233 -3.80 4.64 -5.82
N ASN C 234 -3.80 5.28 -4.66
CA ASN C 234 -3.81 6.74 -4.55
C ASN C 234 -2.73 7.16 -3.56
N ASN C 235 -1.71 7.86 -4.05
CA ASN C 235 -0.68 8.40 -3.16
C ASN C 235 -0.57 9.92 -3.24
N PHE C 236 -1.66 10.59 -3.63
CA PHE C 236 -1.87 12.01 -3.33
C PHE C 236 -2.40 12.10 -1.90
N ASP C 237 -1.88 13.04 -1.12
CA ASP C 237 -2.33 13.22 0.26
C ASP C 237 -2.93 14.60 0.44
N TYR C 238 -4.26 14.66 0.53
CA TYR C 238 -4.93 15.94 0.64
C TYR C 238 -4.57 16.65 1.96
N LYS C 239 -4.41 15.89 3.04
CA LYS C 239 -4.09 16.50 4.33
C LYS C 239 -2.82 17.33 4.27
N ARG C 240 -1.81 16.82 3.54
CA ARG C 240 -0.56 17.55 3.37
C ARG C 240 -0.78 18.84 2.59
N PHE C 241 -1.64 18.81 1.58
CA PHE C 241 -1.93 20.02 0.82
C PHE C 241 -2.70 21.02 1.67
N ILE C 242 -3.60 20.54 2.54
CA ILE C 242 -4.29 21.47 3.42
C ILE C 242 -3.32 22.13 4.40
N LYS C 243 -2.43 21.34 5.03
CA LYS C 243 -1.56 21.89 6.07
C LYS C 243 -0.71 23.05 5.56
N PHE C 244 -0.35 23.04 4.27
CA PHE C 244 0.63 23.97 3.73
C PHE C 244 0.05 24.93 2.70
N ALA C 245 -1.28 25.04 2.60
CA ALA C 245 -1.91 25.91 1.63
C ALA C 245 -2.01 27.32 2.20
N ARG C 246 -1.90 28.31 1.30
CA ARG C 246 -1.90 29.71 1.69
C ARG C 246 -2.51 30.55 0.57
N VAL C 247 -3.20 31.62 0.96
CA VAL C 247 -3.67 32.62 0.03
C VAL C 247 -2.59 33.67 -0.17
N CYS C 248 -2.26 33.93 -1.44
CA CYS C 248 -1.21 34.91 -1.81
C CYS C 248 -1.69 35.75 -3.00
N GLU C 249 -1.20 36.98 -3.10
CA GLU C 249 -1.58 37.87 -4.23
C GLU C 249 -0.82 37.41 -5.47
N VAL C 250 -1.56 37.03 -6.53
CA VAL C 250 -0.93 36.54 -7.79
C VAL C 250 -1.64 37.21 -8.97
N ASP C 251 -0.97 38.16 -9.62
CA ASP C 251 -1.52 38.88 -10.80
C ASP C 251 -2.82 39.60 -10.44
N ASN C 252 -2.73 40.56 -9.51
CA ASN C 252 -3.86 41.43 -9.08
C ASN C 252 -5.04 40.64 -8.51
N GLU C 253 -4.82 39.49 -7.88
CA GLU C 253 -5.96 38.73 -7.29
C GLU C 253 -5.47 37.77 -6.20
N LEU C 254 -6.32 37.54 -5.19
CA LEU C 254 -5.99 36.59 -4.08
C LEU C 254 -6.28 35.18 -4.57
N ARG C 255 -5.29 34.29 -4.50
CA ARG C 255 -5.45 32.93 -4.99
C ARG C 255 -4.79 31.94 -4.04
N ILE C 256 -5.43 30.77 -3.91
CA ILE C 256 -4.89 29.71 -3.07
C ILE C 256 -3.65 29.11 -3.74
N CYS C 257 -2.56 28.98 -2.98
CA CYS C 257 -1.26 28.56 -3.50
C CYS C 257 -0.69 27.39 -2.70
N ALA C 258 0.05 26.51 -3.38
CA ALA C 258 0.74 25.40 -2.73
C ALA C 258 2.17 25.82 -2.41
N ARG C 259 2.84 25.01 -1.60
CA ARG C 259 4.23 25.25 -1.21
C ARG C 259 5.23 24.62 -2.18
N ASP C 260 6.52 24.74 -1.84
CA ASP C 260 7.59 24.16 -2.63
C ASP C 260 7.51 22.65 -2.65
N LYS C 261 7.64 22.03 -1.48
CA LYS C 261 7.79 20.58 -1.40
C LYS C 261 6.59 19.85 -1.97
N GLU C 262 5.41 20.47 -1.92
CA GLU C 262 4.19 19.81 -2.35
C GLU C 262 4.00 19.83 -3.86
N VAL C 263 5.05 20.18 -4.63
CA VAL C 263 4.99 19.98 -6.07
C VAL C 263 4.96 18.50 -6.43
N GLY C 264 5.70 17.66 -5.68
CA GLY C 264 5.63 16.23 -5.93
C GLY C 264 4.24 15.65 -5.67
N ASN C 265 3.56 16.16 -4.65
CA ASN C 265 2.26 15.62 -4.34
C ASN C 265 1.24 16.01 -5.41
N LEU C 266 1.41 17.18 -6.03
CA LEU C 266 0.51 17.56 -7.11
C LEU C 266 0.72 16.68 -8.34
N TYR C 267 1.97 16.36 -8.69
CA TYR C 267 2.22 15.39 -9.76
C TYR C 267 1.57 14.06 -9.43
N ASP C 268 1.66 13.62 -8.17
CA ASP C 268 1.01 12.38 -7.78
C ASP C 268 -0.50 12.46 -8.02
N MET C 269 -1.11 13.61 -7.71
CA MET C 269 -2.54 13.78 -7.91
C MET C 269 -2.90 13.69 -9.39
N PHE C 270 -2.15 14.40 -10.24
CA PHE C 270 -2.42 14.35 -11.67
C PHE C 270 -2.25 12.94 -12.22
N HIS C 271 -1.35 12.14 -11.65
CA HIS C 271 -1.26 10.75 -12.09
C HIS C 271 -2.44 9.95 -11.58
N THR C 272 -2.83 10.12 -10.32
CA THR C 272 -4.03 9.44 -9.84
C THR C 272 -5.23 9.77 -10.71
N ARG C 273 -5.42 11.06 -11.02
CA ARG C 273 -6.49 11.46 -11.93
C ARG C 273 -6.37 10.75 -13.29
N ASN C 274 -5.18 10.79 -13.89
CA ASN C 274 -5.00 10.12 -15.17
C ASN C 274 -5.29 8.62 -15.11
N SER C 275 -5.00 7.96 -13.98
CA SER C 275 -5.31 6.54 -13.91
C SER C 275 -6.82 6.30 -13.79
N LEU C 276 -7.49 7.09 -12.95
CA LEU C 276 -8.94 6.94 -12.79
C LEU C 276 -9.65 7.10 -14.14
N HIS C 277 -9.32 8.18 -14.87
CA HIS C 277 -9.93 8.38 -16.19
C HIS C 277 -9.61 7.23 -17.13
N ARG C 278 -8.34 6.82 -17.17
CA ARG C 278 -7.91 5.76 -18.09
C ARG C 278 -8.49 4.42 -17.71
N ARG C 279 -8.52 4.08 -16.42
CA ARG C 279 -8.89 2.73 -15.97
C ARG C 279 -10.38 2.59 -15.69
N ALA C 280 -11.04 3.64 -15.17
CA ALA C 280 -12.45 3.53 -14.77
C ALA C 280 -13.39 4.44 -15.56
N TYR C 281 -13.17 5.74 -15.57
CA TYR C 281 -14.15 6.66 -16.15
C TYR C 281 -14.35 6.42 -17.64
N GLN C 282 -13.30 6.05 -18.36
CA GLN C 282 -13.34 5.84 -19.81
C GLN C 282 -13.23 4.36 -20.17
N HIS C 283 -13.51 3.50 -19.22
CA HIS C 283 -13.49 2.07 -19.46
C HIS C 283 -14.49 1.70 -20.55
N LYS C 284 -14.08 0.82 -21.48
CA LYS C 284 -14.84 0.63 -22.71
C LYS C 284 -16.15 -0.13 -22.49
N VAL C 285 -16.12 -1.17 -21.65
CA VAL C 285 -17.35 -1.90 -21.37
C VAL C 285 -18.30 -1.06 -20.53
N GLY C 286 -17.74 -0.32 -19.57
CA GLY C 286 -18.57 0.45 -18.68
C GLY C 286 -19.22 1.62 -19.37
N ASN C 287 -18.54 2.20 -20.36
CA ASN C 287 -19.19 3.21 -21.19
C ASN C 287 -20.28 2.60 -22.08
N ILE C 288 -20.02 1.41 -22.64
CA ILE C 288 -21.05 0.73 -23.41
C ILE C 288 -22.31 0.53 -22.57
N ILE C 289 -22.13 -0.04 -21.37
CA ILE C 289 -23.24 -0.21 -20.44
C ILE C 289 -23.96 1.10 -20.19
N ASP C 290 -23.21 2.22 -20.15
CA ASP C 290 -23.86 3.51 -19.93
C ASP C 290 -24.83 3.83 -21.07
N THR C 291 -24.40 3.61 -22.32
CA THR C 291 -25.28 3.87 -23.46
C THR C 291 -26.44 2.90 -23.50
N MET C 292 -26.27 1.67 -23.01
CA MET C 292 -27.40 0.73 -22.95
C MET C 292 -28.49 1.24 -22.00
N ILE C 293 -28.11 1.60 -20.76
CA ILE C 293 -29.06 2.18 -19.82
C ILE C 293 -29.72 3.40 -20.42
N THR C 294 -28.93 4.27 -21.06
CA THR C 294 -29.50 5.42 -21.75
C THR C 294 -30.51 4.97 -22.81
N ASP C 295 -30.12 4.02 -23.67
CA ASP C 295 -31.02 3.50 -24.69
C ASP C 295 -32.33 3.04 -24.07
N ALA C 296 -32.27 2.34 -22.93
CA ALA C 296 -33.48 1.86 -22.29
C ALA C 296 -34.32 3.01 -21.76
N PHE C 297 -33.67 4.07 -21.25
CA PHE C 297 -34.40 5.23 -20.77
C PHE C 297 -35.16 5.90 -21.91
N LEU C 298 -34.53 5.99 -23.08
CA LEU C 298 -35.18 6.64 -24.22
C LEU C 298 -36.42 5.87 -24.65
N LYS C 299 -36.35 4.53 -24.60
CA LYS C 299 -37.51 3.71 -24.96
C LYS C 299 -38.55 3.66 -23.86
N ALA C 300 -38.18 3.98 -22.61
CA ALA C 300 -39.17 4.02 -21.56
C ALA C 300 -39.80 5.40 -21.40
N ASP C 301 -39.21 6.43 -22.02
CA ASP C 301 -39.48 7.82 -21.64
C ASP C 301 -40.91 8.28 -21.94
N ASP C 302 -41.61 7.63 -22.88
CA ASP C 302 -42.98 8.00 -23.18
C ASP C 302 -43.99 7.35 -22.25
N TYR C 303 -43.57 6.43 -21.38
CA TYR C 303 -44.49 5.64 -20.58
C TYR C 303 -44.25 5.72 -19.08
N ILE C 304 -43.14 6.23 -18.63
CA ILE C 304 -42.93 6.37 -17.19
C ILE C 304 -43.55 7.68 -16.74
N GLU C 305 -44.25 7.66 -15.61
CA GLU C 305 -44.88 8.84 -15.06
C GLU C 305 -44.28 9.14 -13.70
N ILE C 306 -43.80 10.36 -13.52
CA ILE C 306 -43.28 10.82 -12.23
C ILE C 306 -44.15 11.97 -11.76
N THR C 307 -44.62 11.89 -10.53
CA THR C 307 -45.53 12.91 -10.05
C THR C 307 -44.73 14.09 -9.52
N GLY C 308 -45.06 15.27 -10.03
CA GLY C 308 -44.45 16.49 -9.61
C GLY C 308 -45.35 17.31 -8.70
N ALA C 309 -45.03 18.59 -8.59
CA ALA C 309 -45.79 19.49 -7.75
C ALA C 309 -47.21 19.60 -8.29
N GLY C 310 -48.19 19.56 -7.39
CA GLY C 310 -49.59 19.68 -7.73
C GLY C 310 -50.17 18.50 -8.49
N GLY C 311 -49.50 17.35 -8.42
CA GLY C 311 -49.96 16.20 -9.15
C GLY C 311 -49.67 16.22 -10.64
N LYS C 312 -49.06 17.30 -11.18
CA LYS C 312 -48.68 17.29 -12.61
C LYS C 312 -47.77 16.08 -12.86
N LYS C 313 -47.89 15.52 -14.05
CA LYS C 313 -47.11 14.34 -14.36
C LYS C 313 -45.95 14.67 -15.28
N TYR C 314 -44.88 13.92 -15.11
CA TYR C 314 -43.65 14.21 -15.82
C TYR C 314 -43.03 12.90 -16.28
N ARG C 315 -42.21 13.05 -17.32
CA ARG C 315 -41.41 11.98 -17.85
C ARG C 315 -39.99 12.06 -17.30
N ILE C 316 -39.22 10.99 -17.53
CA ILE C 316 -37.82 10.99 -17.12
C ILE C 316 -37.13 12.22 -17.67
N SER C 317 -37.40 12.53 -18.95
CA SER C 317 -36.70 13.60 -19.63
C SER C 317 -37.20 14.98 -19.20
N THR C 318 -38.40 15.07 -18.61
CA THR C 318 -38.96 16.35 -18.20
C THR C 318 -39.03 16.51 -16.68
N ALA C 319 -38.67 15.49 -15.91
CA ALA C 319 -38.56 15.66 -14.47
C ALA C 319 -37.62 16.81 -14.11
N ILE C 320 -36.63 17.10 -14.96
CA ILE C 320 -35.73 18.21 -14.66
C ILE C 320 -36.45 19.54 -14.60
N ASP C 321 -37.66 19.65 -15.14
CA ASP C 321 -38.39 20.91 -15.16
C ASP C 321 -39.19 21.16 -13.88
N ASP C 322 -39.21 20.21 -12.94
CA ASP C 322 -39.99 20.35 -11.72
C ASP C 322 -39.28 19.61 -10.60
N MET C 323 -38.87 20.33 -9.55
CA MET C 323 -37.96 19.75 -8.56
C MET C 323 -38.64 18.75 -7.64
N GLU C 324 -39.97 18.83 -7.48
CA GLU C 324 -40.68 17.82 -6.72
C GLU C 324 -40.64 16.48 -7.42
N ALA C 325 -40.78 16.49 -8.75
CA ALA C 325 -40.63 15.25 -9.50
C ALA C 325 -39.17 14.80 -9.51
N TYR C 326 -38.26 15.72 -9.80
CA TYR C 326 -36.85 15.38 -9.82
C TYR C 326 -36.42 14.76 -8.50
N THR C 327 -37.05 15.17 -7.40
CA THR C 327 -36.72 14.58 -6.10
C THR C 327 -36.89 13.06 -6.12
N LYS C 328 -37.91 12.57 -6.82
CA LYS C 328 -38.18 11.14 -6.89
C LYS C 328 -37.57 10.46 -8.12
N LEU C 329 -36.63 11.12 -8.83
CA LEU C 329 -35.95 10.51 -9.97
C LEU C 329 -34.53 10.09 -9.58
N THR C 330 -34.37 8.82 -9.26
CA THR C 330 -33.08 8.26 -8.88
C THR C 330 -32.77 7.01 -9.72
N ASP C 331 -31.73 6.26 -9.33
CA ASP C 331 -31.43 5.02 -10.03
C ASP C 331 -32.59 4.05 -9.96
N ASN C 332 -33.53 4.28 -9.03
CA ASN C 332 -34.72 3.47 -8.91
C ASN C 332 -35.43 3.26 -10.25
N ILE C 333 -35.40 4.27 -11.12
CA ILE C 333 -36.01 4.18 -12.44
C ILE C 333 -35.43 3.02 -13.27
N PHE C 334 -34.21 2.57 -12.97
CA PHE C 334 -33.69 1.37 -13.61
C PHE C 334 -34.49 0.15 -13.20
N LEU C 335 -34.74 -0.01 -11.90
CA LEU C 335 -35.50 -1.18 -11.45
C LEU C 335 -36.99 -1.05 -11.74
N GLU C 336 -37.50 0.18 -11.85
CA GLU C 336 -38.90 0.33 -12.23
C GLU C 336 -39.14 -0.09 -13.67
N ILE C 337 -38.18 0.21 -14.57
CA ILE C 337 -38.18 -0.39 -15.91
C ILE C 337 -37.97 -1.91 -15.83
N LEU C 338 -36.99 -2.35 -15.02
CA LEU C 338 -36.66 -3.78 -15.00
C LEU C 338 -37.81 -4.64 -14.47
N TYR C 339 -38.51 -4.17 -13.44
CA TYR C 339 -39.55 -4.96 -12.81
C TYR C 339 -40.93 -4.76 -13.46
N SER C 340 -41.04 -3.88 -14.46
CA SER C 340 -42.34 -3.53 -15.00
C SER C 340 -42.98 -4.70 -15.76
N THR C 341 -44.31 -4.63 -15.90
CA THR C 341 -45.08 -5.56 -16.71
C THR C 341 -45.80 -4.90 -17.89
N ASP C 342 -45.99 -3.58 -17.87
CA ASP C 342 -46.67 -2.87 -18.94
C ASP C 342 -46.11 -3.30 -20.29
N PRO C 343 -46.95 -3.72 -21.24
CA PRO C 343 -46.43 -4.11 -22.56
C PRO C 343 -45.72 -2.99 -23.29
N LYS C 344 -46.04 -1.74 -22.98
CA LYS C 344 -45.37 -0.62 -23.63
C LYS C 344 -43.94 -0.40 -23.14
N LEU C 345 -43.56 -0.98 -21.99
CA LEU C 345 -42.19 -0.90 -21.52
C LEU C 345 -41.35 -2.10 -21.94
N LYS C 346 -41.86 -2.93 -22.84
CA LYS C 346 -41.18 -4.17 -23.18
C LYS C 346 -39.84 -3.91 -23.86
N ASP C 347 -39.77 -2.91 -24.74
CA ASP C 347 -38.51 -2.63 -25.42
C ASP C 347 -37.46 -2.13 -24.42
N ALA C 348 -37.82 -1.10 -23.64
CA ALA C 348 -36.97 -0.63 -22.56
C ALA C 348 -36.58 -1.77 -21.63
N ARG C 349 -37.53 -2.63 -21.28
CA ARG C 349 -37.22 -3.73 -20.38
C ARG C 349 -36.18 -4.65 -21.00
N GLU C 350 -36.36 -5.01 -22.27
CA GLU C 350 -35.51 -6.03 -22.87
C GLU C 350 -34.06 -5.58 -22.95
N ILE C 351 -33.83 -4.28 -23.15
CA ILE C 351 -32.47 -3.77 -23.15
C ILE C 351 -31.81 -3.99 -21.80
N LEU C 352 -32.51 -3.61 -20.71
CA LEU C 352 -31.96 -3.85 -19.39
C LEU C 352 -31.70 -5.33 -19.14
N LYS C 353 -32.61 -6.19 -19.56
CA LYS C 353 -32.43 -7.65 -19.39
C LYS C 353 -31.18 -8.08 -20.16
N GLN C 354 -30.82 -7.34 -21.19
CA GLN C 354 -29.60 -7.61 -22.00
C GLN C 354 -28.36 -7.34 -21.16
N ILE C 355 -28.42 -6.43 -20.20
CA ILE C 355 -27.27 -6.12 -19.33
C ILE C 355 -27.07 -7.26 -18.34
N GLU C 356 -28.12 -7.78 -17.71
CA GLU C 356 -27.95 -8.88 -16.76
C GLU C 356 -27.36 -10.12 -17.44
N TYR C 357 -27.83 -10.45 -18.64
CA TYR C 357 -27.32 -11.59 -19.39
C TYR C 357 -25.95 -11.33 -20.03
N ARG C 358 -25.39 -10.11 -19.89
CA ARG C 358 -24.15 -9.70 -20.56
C ARG C 358 -24.21 -9.87 -22.09
N ASN C 359 -25.35 -9.58 -22.69
CA ASN C 359 -25.45 -9.49 -24.15
C ASN C 359 -25.40 -8.02 -24.53
N LEU C 360 -24.18 -7.47 -24.57
CA LEU C 360 -23.98 -6.03 -24.68
C LEU C 360 -23.81 -5.58 -26.13
N PHE C 361 -23.98 -4.28 -26.33
CA PHE C 361 -23.58 -3.67 -27.60
C PHE C 361 -22.09 -3.93 -27.83
N LYS C 362 -21.69 -3.95 -29.10
CA LYS C 362 -20.34 -4.35 -29.43
C LYS C 362 -19.51 -3.15 -29.87
N TYR C 363 -18.28 -3.08 -29.35
CA TYR C 363 -17.37 -2.01 -29.71
C TYR C 363 -16.99 -2.12 -31.18
N VAL C 364 -17.05 -1.00 -31.90
CA VAL C 364 -16.72 -0.94 -33.31
C VAL C 364 -15.44 -0.14 -33.54
N GLY C 365 -15.22 0.93 -32.80
CA GLY C 365 -14.07 1.76 -33.05
C GLY C 365 -14.13 3.08 -32.32
N GLU C 366 -13.09 3.88 -32.57
CA GLU C 366 -12.80 5.12 -31.85
C GLU C 366 -12.08 6.05 -32.80
N THR C 367 -12.24 7.34 -32.56
CA THR C 367 -11.56 8.37 -33.33
C THR C 367 -11.71 9.67 -32.56
N GLN C 368 -11.12 10.74 -33.09
CA GLN C 368 -11.16 12.05 -32.50
C GLN C 368 -11.37 13.06 -33.62
N PRO C 369 -11.93 14.22 -33.32
CA PRO C 369 -11.83 15.35 -34.26
C PRO C 369 -10.43 15.94 -34.20
N THR C 370 -10.06 16.64 -35.28
CA THR C 370 -8.69 17.12 -35.52
C THR C 370 -8.38 18.43 -34.77
N GLY C 371 -8.44 18.38 -33.44
CA GLY C 371 -8.31 19.61 -32.67
C GLY C 371 -9.33 20.66 -33.06
N GLN C 372 -10.54 20.22 -33.40
CA GLN C 372 -11.58 20.92 -34.11
C GLN C 372 -12.71 21.41 -33.21
N ILE C 373 -13.84 21.61 -33.86
CA ILE C 373 -15.17 21.59 -33.31
C ILE C 373 -15.20 20.60 -32.16
N LYS C 374 -15.81 21.02 -31.06
CA LYS C 374 -16.42 20.07 -30.16
C LYS C 374 -17.66 19.55 -30.87
N ILE C 375 -17.81 18.24 -30.93
CA ILE C 375 -19.14 17.72 -31.17
C ILE C 375 -20.00 18.14 -29.99
N LYS C 376 -21.03 18.93 -30.24
CA LYS C 376 -21.82 19.51 -29.16
C LYS C 376 -23.03 18.63 -28.83
N ARG C 377 -23.47 18.72 -27.57
CA ARG C 377 -24.58 17.89 -27.06
C ARG C 377 -25.83 18.00 -27.94
N GLU C 378 -26.17 19.21 -28.42
CA GLU C 378 -27.35 19.36 -29.26
C GLU C 378 -27.28 18.50 -30.53
N ASP C 379 -26.09 18.05 -30.94
CA ASP C 379 -25.93 17.27 -32.15
C ASP C 379 -25.78 15.78 -31.91
N TYR C 380 -25.86 15.33 -30.65
CA TYR C 380 -25.66 13.92 -30.35
C TYR C 380 -26.66 13.05 -31.08
N GLU C 381 -27.93 13.48 -31.12
CA GLU C 381 -28.97 12.65 -31.69
C GLU C 381 -28.75 12.41 -33.17
N SER C 382 -28.15 13.38 -33.87
CA SER C 382 -27.94 13.27 -35.31
C SER C 382 -26.75 12.40 -35.68
N LEU C 383 -25.87 12.05 -34.73
CA LEU C 383 -24.67 11.29 -35.08
C LEU C 383 -24.96 9.91 -35.64
N PRO C 384 -25.84 9.09 -35.03
CA PRO C 384 -26.08 7.76 -35.60
C PRO C 384 -26.61 7.81 -37.01
N LYS C 385 -27.43 8.81 -37.33
CA LYS C 385 -27.90 8.97 -38.70
C LYS C 385 -26.75 9.23 -39.65
N GLU C 386 -25.82 10.12 -39.26
CA GLU C 386 -24.67 10.43 -40.11
C GLU C 386 -23.83 9.20 -40.40
N VAL C 387 -23.73 8.26 -39.46
CA VAL C 387 -22.89 7.08 -39.68
C VAL C 387 -23.55 6.09 -40.64
N ALA C 388 -24.87 5.88 -40.48
CA ALA C 388 -25.59 4.97 -41.37
C ALA C 388 -25.70 5.53 -42.78
N SER C 389 -25.74 6.85 -42.93
CA SER C 389 -25.84 7.47 -44.25
C SER C 389 -24.50 7.43 -44.99
N ALA C 390 -23.39 7.45 -44.28
CA ALA C 390 -22.10 7.31 -44.93
C ALA C 390 -21.92 5.85 -45.32
N LYS C 391 -21.91 5.57 -46.63
CA LYS C 391 -21.79 4.20 -47.13
C LYS C 391 -20.40 3.95 -47.69
N PRO C 392 -19.78 2.81 -47.37
CA PRO C 392 -18.38 2.57 -47.76
C PRO C 392 -18.20 2.25 -49.24
N LYS C 393 -16.94 2.20 -49.64
CA LYS C 393 -16.55 1.96 -51.03
C LYS C 393 -16.72 0.50 -51.43
N VAL C 394 -16.50 -0.41 -50.49
CA VAL C 394 -16.54 -1.84 -50.74
C VAL C 394 -17.91 -2.32 -50.27
N LEU C 395 -18.89 -2.19 -51.15
CA LEU C 395 -20.31 -2.53 -50.84
C LEU C 395 -20.44 -3.98 -50.38
N LEU C 396 -21.27 -4.21 -49.36
CA LEU C 396 -21.56 -5.58 -48.86
C LEU C 396 -23.08 -5.79 -48.83
N ASP C 397 -23.51 -7.04 -48.64
CA ASP C 397 -24.96 -7.38 -48.62
C ASP C 397 -25.64 -6.71 -47.44
N VAL C 398 -25.36 -7.19 -46.22
CA VAL C 398 -25.97 -6.67 -44.96
C VAL C 398 -25.97 -5.14 -44.93
N LYS C 399 -27.15 -4.54 -44.78
CA LYS C 399 -27.31 -3.06 -44.70
C LYS C 399 -27.59 -2.70 -43.24
N LEU C 400 -27.14 -1.52 -42.81
CA LEU C 400 -27.32 -1.11 -41.41
C LEU C 400 -28.11 0.18 -41.34
N LYS C 401 -28.94 0.27 -40.30
CA LYS C 401 -29.80 1.43 -40.05
C LYS C 401 -29.25 2.25 -38.90
N ALA C 402 -29.54 3.54 -38.92
CA ALA C 402 -29.09 4.47 -37.89
C ALA C 402 -29.31 3.97 -36.47
N GLU C 403 -30.47 3.38 -36.20
CA GLU C 403 -30.69 2.97 -34.82
C GLU C 403 -29.89 1.72 -34.45
N ASP C 404 -29.14 1.14 -35.38
CA ASP C 404 -28.25 0.04 -35.03
C ASP C 404 -26.93 0.56 -34.49
N PHE C 405 -26.72 1.86 -34.54
CA PHE C 405 -25.44 2.46 -34.14
C PHE C 405 -25.60 3.32 -32.89
N ILE C 406 -24.65 3.19 -31.98
CA ILE C 406 -24.51 4.08 -30.83
C ILE C 406 -23.25 4.90 -31.04
N VAL C 407 -23.35 6.21 -30.85
CA VAL C 407 -22.23 7.13 -30.99
C VAL C 407 -22.01 7.80 -29.64
N ASP C 408 -20.84 7.58 -29.05
CA ASP C 408 -20.55 7.95 -27.66
C ASP C 408 -19.48 9.03 -27.68
N VAL C 409 -19.84 10.23 -27.28
CA VAL C 409 -18.94 11.36 -27.24
C VAL C 409 -18.41 11.47 -25.81
N ILE C 410 -17.11 11.26 -25.67
CA ILE C 410 -16.41 11.23 -24.38
C ILE C 410 -15.58 12.50 -24.27
N ASN C 411 -15.93 13.37 -23.33
CA ASN C 411 -15.24 14.62 -23.10
C ASN C 411 -14.37 14.50 -21.87
N MET C 412 -13.30 15.28 -21.81
CA MET C 412 -12.48 15.39 -20.60
C MET C 412 -12.99 16.49 -19.67
N VAL C 425 -1.37 26.53 -12.01
CA VAL C 425 -1.17 26.39 -10.57
C VAL C 425 -0.14 27.39 -10.04
N SER C 426 -0.46 28.01 -8.91
CA SER C 426 0.41 28.99 -8.27
C SER C 426 1.04 28.41 -7.02
N PHE C 427 2.31 28.70 -6.79
CA PHE C 427 2.98 28.27 -5.57
C PHE C 427 3.59 29.49 -4.87
N TYR C 428 4.13 29.24 -3.69
CA TYR C 428 4.78 30.28 -2.90
C TYR C 428 5.98 29.67 -2.20
N CYS C 429 7.04 30.45 -2.07
CA CYS C 429 8.20 30.04 -1.29
C CYS C 429 8.05 30.53 0.14
N LYS C 430 8.61 29.78 1.09
CA LYS C 430 8.29 30.03 2.50
C LYS C 430 8.99 31.27 3.05
N THR C 431 10.31 31.39 2.86
CA THR C 431 10.99 32.58 3.38
C THR C 431 10.48 33.89 2.76
N ALA C 432 9.59 33.80 1.78
CA ALA C 432 8.87 34.95 1.25
C ALA C 432 7.43 34.50 0.98
N PRO C 433 6.53 34.62 2.00
CA PRO C 433 5.19 34.00 1.93
C PRO C 433 4.09 34.73 1.16
N ASN C 434 4.11 36.07 1.08
CA ASN C 434 3.12 36.85 0.29
C ASN C 434 3.34 36.72 -1.21
N ARG C 435 4.20 35.80 -1.62
CA ARG C 435 4.91 35.89 -2.89
C ARG C 435 4.47 34.77 -3.83
N ALA C 436 4.38 35.10 -5.10
CA ALA C 436 4.09 34.16 -6.16
C ALA C 436 5.39 33.65 -6.77
N ILE C 437 5.34 32.46 -7.36
CA ILE C 437 6.47 31.96 -8.13
C ILE C 437 6.17 31.91 -9.64
N GLU C 454 -8.74 15.72 -26.60
CA GLU C 454 -9.72 16.80 -26.61
C GLU C 454 -11.12 16.26 -26.41
N GLN C 455 -11.47 15.25 -27.20
CA GLN C 455 -12.78 14.63 -27.20
C GLN C 455 -12.59 13.28 -27.86
N LEU C 456 -13.15 12.23 -27.27
CA LEU C 456 -13.09 10.90 -27.84
C LEU C 456 -14.46 10.54 -28.39
N ILE C 457 -14.48 9.83 -29.51
CA ILE C 457 -15.72 9.41 -30.15
C ILE C 457 -15.65 7.91 -30.39
N ARG C 458 -16.49 7.18 -29.69
CA ARG C 458 -16.63 5.75 -29.89
C ARG C 458 -17.98 5.44 -30.55
N VAL C 459 -18.00 4.33 -31.26
CA VAL C 459 -19.16 3.86 -31.98
C VAL C 459 -19.34 2.40 -31.63
N TYR C 460 -20.55 2.03 -31.21
CA TYR C 460 -20.90 0.65 -30.93
C TYR C 460 -22.00 0.23 -31.88
N CYS C 461 -22.23 -1.07 -31.99
CA CYS C 461 -23.26 -1.58 -32.88
C CYS C 461 -24.19 -2.50 -32.09
N LYS C 462 -25.49 -2.37 -32.34
CA LYS C 462 -26.47 -3.16 -31.61
C LYS C 462 -26.63 -4.57 -32.16
N LYS C 463 -26.26 -4.80 -33.43
CA LYS C 463 -26.25 -6.14 -34.01
C LYS C 463 -24.88 -6.73 -33.80
N VAL C 464 -24.81 -7.90 -33.15
CA VAL C 464 -23.54 -8.40 -32.64
C VAL C 464 -22.96 -9.55 -33.46
N ASP C 465 -23.59 -9.92 -34.56
CA ASP C 465 -23.07 -10.98 -35.42
C ASP C 465 -21.83 -10.49 -36.17
N ARG C 466 -21.02 -11.45 -36.62
CA ARG C 466 -19.73 -11.12 -37.23
C ARG C 466 -19.89 -10.27 -38.49
N LYS C 467 -20.99 -10.43 -39.22
CA LYS C 467 -21.12 -9.77 -40.51
C LYS C 467 -21.63 -8.33 -40.37
N SER C 468 -22.62 -8.10 -39.50
CA SER C 468 -23.03 -6.73 -39.19
C SER C 468 -21.89 -5.94 -38.54
N LEU C 469 -21.08 -6.61 -37.70
CA LEU C 469 -19.94 -5.94 -37.08
C LEU C 469 -18.92 -5.51 -38.14
N TYR C 470 -18.66 -6.38 -39.12
CA TYR C 470 -17.74 -6.01 -40.19
C TYR C 470 -18.28 -4.86 -41.02
N ALA C 471 -19.59 -4.87 -41.30
CA ALA C 471 -20.18 -3.77 -42.05
C ALA C 471 -20.19 -2.48 -41.23
N ALA C 472 -20.61 -2.57 -39.97
CA ALA C 472 -20.59 -1.40 -39.08
C ALA C 472 -19.20 -0.75 -39.02
N ARG C 473 -18.14 -1.56 -39.08
CA ARG C 473 -16.80 -0.99 -39.13
C ARG C 473 -16.58 -0.18 -40.40
N GLN C 474 -17.13 -0.65 -41.53
CA GLN C 474 -16.99 0.08 -42.78
C GLN C 474 -17.77 1.39 -42.76
N TYR C 475 -18.99 1.38 -42.20
CA TYR C 475 -19.70 2.64 -42.00
C TYR C 475 -18.86 3.62 -41.18
N PHE C 476 -18.25 3.14 -40.10
CA PHE C 476 -17.48 4.00 -39.21
C PHE C 476 -16.27 4.61 -39.91
N VAL C 477 -15.51 3.79 -40.66
CA VAL C 477 -14.32 4.32 -41.32
C VAL C 477 -14.71 5.38 -42.34
N GLN C 478 -15.78 5.14 -43.10
CA GLN C 478 -16.26 6.15 -44.03
C GLN C 478 -16.69 7.41 -43.29
N TRP C 479 -17.46 7.24 -42.20
CA TRP C 479 -17.95 8.41 -41.48
C TRP C 479 -16.79 9.28 -41.00
N CYS C 480 -15.73 8.68 -40.45
CA CYS C 480 -14.55 9.45 -40.09
C CYS C 480 -13.93 10.13 -41.31
N ALA C 481 -13.98 9.49 -42.47
CA ALA C 481 -13.42 10.10 -43.66
C ALA C 481 -14.23 11.33 -44.09
N ASP C 482 -15.56 11.23 -44.00
CA ASP C 482 -16.41 12.32 -44.46
C ASP C 482 -16.31 13.54 -43.53
N ARG C 483 -16.07 13.33 -42.25
CA ARG C 483 -15.96 14.42 -41.30
C ARG C 483 -14.52 14.83 -41.02
N ASN C 484 -13.55 14.24 -41.73
CA ASN C 484 -12.12 14.50 -41.50
C ASN C 484 -11.72 14.28 -40.03
N PHE C 485 -12.18 13.17 -39.47
CA PHE C 485 -11.70 12.71 -38.18
C PHE C 485 -10.49 11.80 -38.39
N THR C 486 -9.71 11.62 -37.32
CA THR C 486 -8.54 10.76 -37.40
C THR C 486 -8.94 9.33 -37.76
N LYS C 487 -8.10 8.66 -38.54
CA LYS C 487 -8.47 7.37 -39.09
C LYS C 487 -8.42 6.30 -37.99
N PRO C 488 -9.50 5.53 -37.80
CA PRO C 488 -9.53 4.55 -36.72
C PRO C 488 -8.47 3.46 -36.86
N GLN C 489 -7.95 3.03 -35.71
CA GLN C 489 -6.83 2.09 -35.60
C GLN C 489 -7.30 0.65 -35.40
N MET D 22 10.66 21.32 13.20
CA MET D 22 11.41 20.09 13.39
C MET D 22 11.92 19.57 12.04
N LYS D 23 12.93 18.71 12.05
CA LYS D 23 13.41 18.12 10.81
C LYS D 23 12.89 16.71 10.62
N VAL D 24 12.48 16.42 9.40
CA VAL D 24 11.85 15.15 9.07
C VAL D 24 12.85 14.28 8.33
N ILE D 25 12.91 13.00 8.69
CA ILE D 25 13.73 12.00 8.00
C ILE D 25 12.78 10.93 7.46
N ASN D 26 12.79 10.72 6.14
CA ASN D 26 11.88 9.74 5.54
C ASN D 26 12.54 8.37 5.51
N ASP D 27 11.99 7.43 6.29
CA ASP D 27 12.47 6.07 6.50
C ASP D 27 11.48 5.09 5.85
N PRO D 28 11.95 4.02 5.23
CA PRO D 28 11.01 3.06 4.59
C PRO D 28 10.17 2.27 5.59
N ILE D 29 10.63 2.07 6.82
CA ILE D 29 9.85 1.30 7.79
C ILE D 29 8.78 2.17 8.43
N HIS D 30 9.08 3.45 8.69
CA HIS D 30 8.23 4.27 9.53
C HIS D 30 7.65 5.49 8.82
N GLY D 31 7.95 5.70 7.55
CA GLY D 31 7.49 6.91 6.90
C GLY D 31 8.28 8.11 7.39
N HIS D 32 7.57 9.16 7.79
CA HIS D 32 8.18 10.40 8.24
C HIS D 32 8.54 10.28 9.71
N ILE D 33 9.79 10.59 10.04
CA ILE D 33 10.30 10.67 11.40
C ILE D 33 10.58 12.14 11.67
N GLU D 34 9.96 12.70 12.72
CA GLU D 34 10.25 14.06 13.15
C GLU D 34 11.31 14.05 14.25
N LEU D 35 12.31 14.90 14.10
CA LEU D 35 13.43 14.92 15.04
C LEU D 35 13.49 16.28 15.71
N HIS D 36 13.43 16.27 17.04
CA HIS D 36 13.63 17.47 17.83
C HIS D 36 15.06 17.98 17.62
N PRO D 37 15.26 19.30 17.64
CA PRO D 37 16.59 19.86 17.34
C PRO D 37 17.73 19.26 18.17
N LEU D 38 17.47 18.92 19.44
CA LEU D 38 18.49 18.26 20.25
C LEU D 38 18.92 16.93 19.63
N LEU D 39 17.95 16.14 19.13
CA LEU D 39 18.32 14.84 18.54
C LEU D 39 19.16 15.04 17.29
N VAL D 40 18.84 16.04 16.47
CA VAL D 40 19.66 16.33 15.30
C VAL D 40 21.10 16.61 15.70
N ARG D 41 21.28 17.33 16.81
CA ARG D 41 22.63 17.66 17.26
C ARG D 41 23.39 16.41 17.67
N ILE D 42 22.72 15.48 18.33
CA ILE D 42 23.34 14.20 18.68
C ILE D 42 23.65 13.39 17.41
N ILE D 43 22.71 13.37 16.45
CA ILE D 43 22.87 12.58 15.23
C ILE D 43 24.03 13.10 14.38
N ASP D 44 24.20 14.42 14.29
CA ASP D 44 25.21 14.99 13.40
C ASP D 44 26.60 15.08 14.05
N THR D 45 27.06 13.96 14.59
CA THR D 45 28.38 13.85 15.18
C THR D 45 29.09 12.67 14.56
N PRO D 46 30.42 12.65 14.58
CA PRO D 46 31.14 11.49 14.07
C PRO D 46 30.83 10.23 14.85
N GLN D 47 30.51 10.37 16.16
CA GLN D 47 30.23 9.20 16.98
C GLN D 47 28.96 8.51 16.53
N PHE D 48 27.95 9.29 16.12
CA PHE D 48 26.69 8.71 15.67
C PHE D 48 26.76 8.31 14.20
N GLN D 49 27.42 9.11 13.36
CA GLN D 49 27.49 8.79 11.93
C GLN D 49 28.29 7.53 11.67
N ARG D 50 29.20 7.20 12.58
CA ARG D 50 29.97 5.96 12.59
C ARG D 50 29.07 4.78 12.27
N LEU D 51 27.85 4.81 12.81
CA LEU D 51 26.92 3.71 12.66
C LEU D 51 26.51 3.46 11.21
N ARG D 52 26.78 4.36 10.27
CA ARG D 52 26.53 4.07 8.87
C ARG D 52 27.47 2.99 8.33
N TYR D 53 28.55 2.67 9.05
CA TYR D 53 29.63 1.84 8.56
C TYR D 53 29.72 0.52 9.31
N ILE D 54 28.60 0.06 9.88
CA ILE D 54 28.54 -1.21 10.60
C ILE D 54 27.26 -1.94 10.18
N LYS D 55 27.39 -3.09 9.53
CA LYS D 55 26.20 -3.83 9.08
C LYS D 55 25.36 -4.32 10.26
N GLN D 56 24.03 -4.11 10.17
CA GLN D 56 23.14 -4.56 11.23
C GLN D 56 23.26 -6.06 11.47
N LEU D 57 23.34 -6.85 10.40
CA LEU D 57 23.37 -8.30 10.51
C LEU D 57 24.79 -8.87 10.30
N GLY D 58 25.81 -8.03 10.36
CA GLY D 58 27.19 -8.51 10.31
C GLY D 58 27.48 -9.28 9.05
N GLY D 59 28.00 -10.50 9.21
CA GLY D 59 28.30 -11.34 8.07
C GLY D 59 27.07 -11.81 7.29
N GLY D 60 25.88 -11.71 7.87
CA GLY D 60 24.64 -12.10 7.18
C GLY D 60 24.44 -11.47 5.82
N TYR D 61 25.09 -10.33 5.54
CA TYR D 61 25.02 -9.76 4.20
C TYR D 61 25.59 -10.72 3.16
N TYR D 62 26.48 -11.61 3.57
CA TYR D 62 27.11 -12.48 2.59
C TYR D 62 26.22 -13.65 2.20
N VAL D 63 25.12 -13.86 2.94
CA VAL D 63 24.11 -14.82 2.56
C VAL D 63 22.83 -14.14 2.05
N PHE D 64 22.41 -13.03 2.68
CA PHE D 64 21.21 -12.30 2.25
C PHE D 64 21.56 -10.99 1.54
N PRO D 65 21.50 -10.92 0.21
CA PRO D 65 21.92 -9.69 -0.49
C PRO D 65 21.09 -8.46 -0.17
N GLY D 66 19.86 -8.64 0.34
CA GLY D 66 19.05 -7.51 0.76
C GLY D 66 19.47 -6.92 2.09
N ALA D 67 20.15 -7.68 2.92
CA ALA D 67 20.58 -7.27 4.26
C ALA D 67 21.79 -6.32 4.22
N SER D 68 21.72 -5.26 3.42
CA SER D 68 22.80 -4.29 3.36
C SER D 68 22.66 -3.21 4.43
N HIS D 69 21.61 -3.28 5.25
CA HIS D 69 21.30 -2.21 6.19
C HIS D 69 22.30 -2.17 7.35
N ASN D 70 22.55 -0.95 7.84
CA ASN D 70 23.54 -0.65 8.86
C ASN D 70 22.89 -0.20 10.16
N ARG D 71 23.72 -0.05 11.19
CA ARG D 71 23.20 0.27 12.53
C ARG D 71 22.54 1.65 12.60
N PHE D 72 22.92 2.56 11.70
CA PHE D 72 22.45 3.95 11.73
C PHE D 72 20.93 4.04 11.54
N GLU D 73 20.44 3.54 10.40
CA GLU D 73 19.00 3.64 10.11
C GLU D 73 18.19 2.94 11.19
N HIS D 74 18.70 1.82 11.70
CA HIS D 74 18.02 1.13 12.78
C HIS D 74 17.91 2.03 14.01
N SER D 75 19.02 2.73 14.34
CA SER D 75 19.06 3.55 15.55
C SER D 75 18.06 4.71 15.48
N LEU D 76 17.91 5.31 14.30
CA LEU D 76 16.90 6.36 14.13
C LEU D 76 15.51 5.79 14.36
N GLY D 77 15.25 4.60 13.79
CA GLY D 77 13.98 3.93 14.05
C GLY D 77 13.74 3.72 15.54
N VAL D 78 14.78 3.33 16.28
CA VAL D 78 14.59 3.04 17.70
C VAL D 78 14.28 4.30 18.48
N GLY D 79 14.99 5.40 18.19
CA GLY D 79 14.62 6.68 18.78
C GLY D 79 13.19 7.10 18.44
N TYR D 80 12.80 6.95 17.17
CA TYR D 80 11.44 7.29 16.77
C TYR D 80 10.41 6.46 17.52
N LEU D 81 10.54 5.13 17.45
CA LEU D 81 9.62 4.26 18.17
C LEU D 81 9.58 4.57 19.67
N ALA D 82 10.74 4.95 20.26
CA ALA D 82 10.76 5.23 21.70
C ALA D 82 9.92 6.45 22.02
N GLY D 83 10.06 7.51 21.23
CA GLY D 83 9.23 8.68 21.41
C GLY D 83 7.77 8.38 21.23
N CYS D 84 7.42 7.62 20.19
CA CYS D 84 6.02 7.28 19.95
C CYS D 84 5.40 6.63 21.19
N LEU D 85 6.08 5.63 21.77
CA LEU D 85 5.52 4.93 22.92
C LEU D 85 5.40 5.85 24.13
N VAL D 86 6.50 6.52 24.49
CA VAL D 86 6.49 7.38 25.68
C VAL D 86 5.53 8.55 25.50
N HIS D 87 5.41 9.05 24.28
CA HIS D 87 4.50 10.17 24.06
C HIS D 87 3.04 9.74 24.10
N ALA D 88 2.72 8.52 23.63
CA ALA D 88 1.33 8.06 23.65
C ALA D 88 0.87 7.68 25.06
N LEU D 89 1.79 7.20 25.89
CA LEU D 89 1.45 6.91 27.27
C LEU D 89 1.07 8.20 28.00
N GLY D 90 1.92 9.23 27.88
CA GLY D 90 1.72 10.44 28.64
C GLY D 90 0.49 11.21 28.23
N GLU D 91 0.14 11.17 26.96
CA GLU D 91 -1.03 11.89 26.51
C GLU D 91 -2.34 11.18 26.91
N LYS D 92 -2.31 9.85 27.04
CA LYS D 92 -3.47 9.06 27.46
C LYS D 92 -3.58 8.89 28.96
N GLN D 93 -2.50 9.01 29.70
CA GLN D 93 -2.52 8.89 31.16
C GLN D 93 -1.77 10.07 31.75
N PRO D 94 -2.39 11.26 31.80
CA PRO D 94 -1.71 12.42 32.39
C PRO D 94 -1.27 12.22 33.83
N GLU D 95 -1.80 11.23 34.54
CA GLU D 95 -1.36 10.96 35.91
C GLU D 95 0.08 10.46 35.99
N LEU D 96 0.67 10.02 34.88
CA LEU D 96 2.03 9.52 34.90
C LEU D 96 3.07 10.64 35.03
N GLN D 97 2.66 11.91 34.86
CA GLN D 97 3.56 13.06 35.04
C GLN D 97 4.75 13.03 34.07
N ILE D 98 4.48 12.66 32.81
CA ILE D 98 5.53 12.44 31.82
C ILE D 98 5.88 13.78 31.18
N SER D 99 7.06 14.30 31.52
CA SER D 99 7.51 15.59 31.04
C SER D 99 7.96 15.47 29.58
N GLU D 100 8.33 16.59 28.99
CA GLU D 100 9.02 16.51 27.71
C GLU D 100 10.51 16.23 27.87
N ARG D 101 11.08 16.63 29.02
CA ARG D 101 12.40 16.15 29.40
C ARG D 101 12.44 14.62 29.38
N ASP D 102 11.40 13.98 29.92
CA ASP D 102 11.34 12.53 29.92
C ASP D 102 11.30 11.96 28.50
N VAL D 103 10.51 12.58 27.63
CA VAL D 103 10.38 12.08 26.25
C VAL D 103 11.71 12.20 25.51
N LEU D 104 12.35 13.37 25.62
CA LEU D 104 13.60 13.59 24.94
C LEU D 104 14.67 12.62 25.43
N CYS D 105 14.72 12.38 26.75
CA CYS D 105 15.68 11.42 27.30
C CYS D 105 15.44 10.01 26.79
N VAL D 106 14.17 9.58 26.70
CA VAL D 106 13.91 8.24 26.19
C VAL D 106 14.22 8.15 24.69
N GLN D 107 13.95 9.21 23.93
CA GLN D 107 14.41 9.25 22.54
C GLN D 107 15.93 9.13 22.44
N ILE D 108 16.67 9.92 23.23
CA ILE D 108 18.12 9.87 23.15
C ILE D 108 18.62 8.46 23.48
N ALA D 109 18.05 7.88 24.55
CA ALA D 109 18.40 6.50 24.88
C ALA D 109 18.13 5.57 23.70
N GLY D 110 16.97 5.72 23.04
CA GLY D 110 16.70 4.93 21.85
C GLY D 110 17.68 5.20 20.72
N LEU D 111 18.01 6.48 20.51
CA LEU D 111 18.94 6.84 19.42
C LEU D 111 20.31 6.24 19.63
N CYS D 112 20.73 6.06 20.88
CA CYS D 112 22.13 5.84 21.25
C CYS D 112 22.38 4.47 21.85
N HIS D 113 21.33 3.66 22.02
CA HIS D 113 21.49 2.36 22.66
C HIS D 113 22.51 1.47 21.94
N ASP D 114 22.69 1.66 20.63
CA ASP D 114 23.61 0.84 19.89
C ASP D 114 24.93 1.53 19.56
N LEU D 115 25.25 2.64 20.24
CA LEU D 115 26.44 3.42 19.89
C LEU D 115 27.70 2.56 19.97
N GLY D 116 27.69 1.58 20.88
CA GLY D 116 28.89 0.75 21.17
C GLY D 116 29.08 -0.46 20.28
N HIS D 117 28.22 -0.67 19.28
CA HIS D 117 28.40 -1.85 18.40
C HIS D 117 29.73 -1.75 17.64
N GLY D 118 30.42 -2.88 17.47
CA GLY D 118 31.71 -2.89 16.77
C GLY D 118 31.57 -3.45 15.36
N PRO D 119 32.66 -3.65 14.61
CA PRO D 119 32.59 -4.18 13.24
C PRO D 119 31.75 -5.46 13.16
N PHE D 120 30.82 -5.49 12.20
CA PHE D 120 29.90 -6.64 11.96
C PHE D 120 29.01 -6.89 13.18
N SER D 121 28.59 -5.80 13.83
CA SER D 121 27.69 -5.77 15.01
C SER D 121 28.02 -6.85 16.05
N HIS D 122 27.13 -7.84 16.19
CA HIS D 122 27.21 -8.91 17.21
C HIS D 122 28.43 -9.83 17.05
N MET D 123 28.99 -9.94 15.86
CA MET D 123 30.17 -10.81 15.65
C MET D 123 31.38 -10.25 16.40
N PHE D 124 31.34 -8.96 16.77
CA PHE D 124 32.47 -8.34 17.44
C PHE D 124 32.50 -8.68 18.93
N ASP D 125 31.47 -8.28 19.66
CA ASP D 125 31.43 -8.59 21.08
C ASP D 125 30.95 -10.00 21.37
N GLY D 126 30.23 -10.62 20.42
CA GLY D 126 29.81 -11.99 20.62
C GLY D 126 30.90 -13.01 20.39
N ARG D 127 31.79 -12.77 19.43
CA ARG D 127 32.82 -13.79 19.27
C ARG D 127 34.24 -13.27 19.33
N PHE D 128 34.53 -12.10 18.73
CA PHE D 128 35.90 -11.63 18.57
C PHE D 128 36.54 -11.28 19.92
N ILE D 129 35.96 -10.31 20.63
CA ILE D 129 36.55 -9.90 21.91
C ILE D 129 36.75 -11.06 22.88
N PRO D 130 35.82 -12.01 23.03
CA PRO D 130 36.14 -13.24 23.79
C PRO D 130 37.38 -13.99 23.29
N LEU D 131 37.51 -14.19 21.97
CA LEU D 131 38.66 -14.95 21.46
C LEU D 131 39.97 -14.17 21.56
N ALA D 132 39.93 -12.84 21.57
CA ALA D 132 41.16 -12.06 21.53
C ALA D 132 41.65 -11.67 22.92
N ARG D 133 40.73 -11.40 23.83
CA ARG D 133 41.05 -10.97 25.19
C ARG D 133 40.08 -11.67 26.12
N PRO D 134 40.31 -12.96 26.41
CA PRO D 134 39.36 -13.70 27.25
C PRO D 134 39.28 -13.18 28.66
N GLU D 135 40.26 -12.37 29.09
CA GLU D 135 40.21 -11.77 30.41
C GLU D 135 39.06 -10.78 30.52
N VAL D 136 38.96 -9.84 29.58
CA VAL D 136 38.03 -8.73 29.69
C VAL D 136 36.61 -9.23 29.45
N LYS D 137 35.66 -8.61 30.14
CA LYS D 137 34.25 -8.88 29.92
C LYS D 137 33.58 -7.61 29.43
N TRP D 138 33.27 -7.59 28.13
CA TRP D 138 32.86 -6.41 27.40
C TRP D 138 31.54 -6.67 26.69
N THR D 139 30.68 -5.66 26.66
CA THR D 139 29.47 -5.72 25.85
C THR D 139 29.34 -4.43 25.06
N HIS D 140 28.64 -4.52 23.92
CA HIS D 140 28.40 -3.31 23.12
C HIS D 140 27.62 -2.26 23.92
N GLU D 141 26.71 -2.69 24.81
CA GLU D 141 26.03 -1.72 25.66
C GLU D 141 27.02 -0.90 26.48
N GLN D 142 28.02 -1.56 27.09
CA GLN D 142 29.07 -0.81 27.79
C GLN D 142 29.76 0.17 26.84
N GLY D 143 30.03 -0.27 25.61
CA GLY D 143 30.55 0.64 24.61
C GLY D 143 29.65 1.83 24.36
N SER D 144 28.33 1.59 24.27
CA SER D 144 27.37 2.67 24.02
C SER D 144 27.40 3.72 25.13
N VAL D 145 27.48 3.29 26.39
CA VAL D 145 27.64 4.25 27.48
C VAL D 145 28.93 5.06 27.29
N MET D 146 30.06 4.39 27.07
CA MET D 146 31.31 5.10 26.82
C MET D 146 31.22 5.97 25.56
N MET D 147 30.65 5.43 24.47
CA MET D 147 30.57 6.21 23.25
C MET D 147 29.63 7.40 23.41
N PHE D 148 28.54 7.23 24.14
CA PHE D 148 27.64 8.35 24.41
C PHE D 148 28.36 9.46 25.16
N GLU D 149 28.94 9.12 26.33
CA GLU D 149 29.74 10.09 27.08
C GLU D 149 30.77 10.75 26.18
N HIS D 150 31.44 9.96 25.35
CA HIS D 150 32.40 10.54 24.41
C HIS D 150 31.70 11.44 23.40
N LEU D 151 30.51 11.04 22.93
CA LEU D 151 29.76 11.88 21.99
C LEU D 151 29.35 13.21 22.63
N ILE D 152 28.82 13.16 23.85
CA ILE D 152 28.34 14.39 24.54
C ILE D 152 29.48 15.42 24.72
N ASN D 153 30.66 14.99 25.14
CA ASN D 153 31.80 15.90 25.45
C ASN D 153 32.52 16.39 24.19
N SER D 154 32.60 15.58 23.14
CA SER D 154 33.35 15.97 21.91
C SER D 154 32.58 16.98 21.06
N ASN D 155 31.31 17.21 21.35
CA ASN D 155 30.47 18.07 20.53
C ASN D 155 29.65 19.05 21.35
N GLY D 156 29.98 19.25 22.64
CA GLY D 156 29.32 20.27 23.43
C GLY D 156 27.80 20.13 23.51
N ILE D 157 27.34 18.90 23.76
CA ILE D 157 25.92 18.60 23.84
C ILE D 157 25.32 19.05 25.17
N LYS D 158 26.12 19.12 26.23
CA LYS D 158 25.60 19.54 27.54
C LYS D 158 24.94 20.91 27.50
N PRO D 159 25.58 21.97 26.97
CA PRO D 159 24.88 23.27 26.85
C PRO D 159 23.61 23.20 26.00
N VAL D 160 23.62 22.39 24.92
CA VAL D 160 22.43 22.27 24.08
C VAL D 160 21.31 21.57 24.84
N MET D 161 21.65 20.53 25.61
CA MET D 161 20.66 19.88 26.48
C MET D 161 20.02 20.90 27.42
N GLU D 162 20.82 21.81 27.98
CA GLU D 162 20.31 22.79 28.93
C GLU D 162 19.36 23.78 28.26
N GLN D 163 19.76 24.33 27.11
CA GLN D 163 18.91 25.27 26.41
C GLN D 163 17.61 24.64 25.94
N TYR D 164 17.44 23.32 26.10
CA TYR D 164 16.19 22.64 25.77
C TYR D 164 15.60 21.94 26.99
N GLY D 165 15.95 22.38 28.20
CA GLY D 165 15.23 21.99 29.39
C GLY D 165 15.73 20.74 30.08
N LEU D 166 16.77 20.10 29.58
CA LEU D 166 17.31 18.93 30.23
C LEU D 166 18.26 19.34 31.34
N ILE D 167 18.26 18.60 32.44
CA ILE D 167 19.26 18.78 33.48
C ILE D 167 20.34 17.73 33.23
N PRO D 168 21.48 18.13 32.65
CA PRO D 168 22.44 17.12 32.15
C PRO D 168 22.90 16.09 33.16
N GLU D 169 23.25 16.50 34.38
CA GLU D 169 23.91 15.55 35.26
C GLU D 169 22.99 14.37 35.61
N GLU D 170 21.71 14.63 35.85
CA GLU D 170 20.82 13.52 36.14
C GLU D 170 20.23 12.89 34.88
N ASP D 171 20.09 13.66 33.80
CA ASP D 171 19.52 13.11 32.56
C ASP D 171 20.52 12.21 31.83
N ILE D 172 21.80 12.58 31.85
CA ILE D 172 22.82 11.70 31.28
C ILE D 172 22.88 10.38 32.04
N CYS D 173 22.72 10.43 33.36
CA CYS D 173 22.58 9.20 34.13
C CYS D 173 21.34 8.40 33.70
N PHE D 174 20.20 9.08 33.52
CA PHE D 174 18.98 8.39 33.11
C PHE D 174 19.13 7.77 31.71
N ILE D 175 19.78 8.47 30.78
CA ILE D 175 20.01 7.90 29.46
C ILE D 175 20.93 6.70 29.54
N LYS D 176 22.02 6.83 30.30
CA LYS D 176 22.97 5.72 30.46
C LYS D 176 22.30 4.50 31.07
N GLU D 177 21.45 4.70 32.08
CA GLU D 177 20.78 3.58 32.74
C GLU D 177 19.79 2.87 31.82
N GLN D 178 19.12 3.61 30.93
CA GLN D 178 18.28 2.96 29.92
C GLN D 178 19.08 2.03 29.02
N ILE D 179 20.35 2.37 28.75
CA ILE D 179 21.12 1.60 27.78
C ILE D 179 21.74 0.36 28.42
N VAL D 180 22.33 0.51 29.60
CA VAL D 180 23.11 -0.56 30.21
C VAL D 180 22.50 -1.13 31.48
N GLY D 181 21.57 -0.44 32.13
CA GLY D 181 20.95 -0.93 33.33
C GLY D 181 21.51 -0.29 34.58
N PRO D 182 21.08 -0.78 35.75
CA PRO D 182 21.59 -0.22 37.00
C PRO D 182 22.92 -0.85 37.38
N LEU D 183 23.69 -0.13 38.19
CA LEU D 183 24.94 -0.67 38.74
C LEU D 183 24.65 -1.93 39.54
N LEU D 191 15.36 -2.78 47.08
CA LEU D 191 15.64 -1.35 46.94
C LEU D 191 15.66 -0.91 45.47
N TRP D 192 15.56 0.41 45.24
CA TRP D 192 15.46 0.95 43.90
C TRP D 192 16.86 1.24 43.38
N PRO D 193 17.40 0.45 42.44
CA PRO D 193 18.80 0.61 42.03
C PRO D 193 19.06 1.74 41.04
N TYR D 194 18.03 2.35 40.47
CA TYR D 194 18.23 3.41 39.49
C TYR D 194 18.38 4.74 40.19
N LYS D 195 19.15 5.64 39.58
CA LYS D 195 19.35 6.97 40.13
C LYS D 195 19.05 8.10 39.14
N GLY D 196 18.59 7.77 37.93
CA GLY D 196 18.28 8.80 36.97
C GLY D 196 16.86 9.30 37.08
N ARG D 197 15.96 8.43 37.54
CA ARG D 197 14.55 8.76 37.68
C ARG D 197 14.01 8.03 38.89
N PRO D 198 13.01 8.60 39.55
CA PRO D 198 12.45 7.96 40.76
C PRO D 198 11.59 6.76 40.40
N GLU D 199 11.24 5.99 41.44
CA GLU D 199 10.46 4.77 41.24
C GLU D 199 9.09 5.07 40.64
N ASN D 200 8.52 6.25 40.90
CA ASN D 200 7.20 6.56 40.34
C ASN D 200 7.21 6.72 38.82
N LYS D 201 8.39 6.64 38.19
CA LYS D 201 8.54 6.60 36.75
C LYS D 201 9.31 5.36 36.32
N SER D 202 9.10 4.27 37.05
CA SER D 202 9.76 3.00 36.75
C SER D 202 9.48 2.54 35.33
N PHE D 203 8.29 2.85 34.81
CA PHE D 203 7.89 2.36 33.49
C PHE D 203 8.80 2.89 32.39
N LEU D 204 9.38 4.08 32.57
CA LEU D 204 10.24 4.65 31.55
C LEU D 204 11.47 3.79 31.27
N TYR D 205 11.85 2.91 32.20
CA TYR D 205 13.01 2.04 31.98
C TYR D 205 12.68 0.80 31.17
N GLU D 206 11.46 0.68 30.65
CA GLU D 206 11.04 -0.49 29.92
C GLU D 206 10.92 -0.25 28.42
N ILE D 207 11.13 0.98 27.98
CA ILE D 207 10.82 1.35 26.60
C ILE D 207 11.96 0.97 25.65
N VAL D 208 13.18 1.37 25.98
CA VAL D 208 14.28 1.14 25.05
C VAL D 208 14.73 -0.32 25.05
N SER D 209 15.00 -0.89 26.23
CA SER D 209 15.36 -2.30 26.31
C SER D 209 14.82 -2.92 27.58
N ASN D 210 14.15 -4.06 27.44
CA ASN D 210 13.57 -4.77 28.57
C ASN D 210 14.24 -6.13 28.73
N ASN D 213 11.44 -8.85 30.32
CA ASN D 213 10.51 -9.71 29.60
C ASN D 213 10.75 -9.75 28.08
N GLY D 214 11.58 -8.83 27.59
CA GLY D 214 11.95 -8.80 26.19
C GLY D 214 10.97 -8.12 25.25
N ILE D 215 10.22 -7.13 25.72
CA ILE D 215 9.28 -6.38 24.88
C ILE D 215 9.65 -4.90 24.95
N ASP D 216 10.27 -4.40 23.90
CA ASP D 216 10.75 -3.03 23.86
C ASP D 216 10.77 -2.56 22.41
N VAL D 217 10.90 -1.24 22.24
CA VAL D 217 10.85 -0.64 20.91
C VAL D 217 12.02 -1.07 20.04
N ALA D 218 13.17 -1.43 20.64
CA ALA D 218 14.32 -1.86 19.83
C ALA D 218 13.98 -3.10 19.01
N LYS D 219 13.47 -4.13 19.67
CA LYS D 219 13.05 -5.31 18.93
C LYS D 219 12.03 -4.97 17.85
N TRP D 220 11.12 -4.03 18.13
CA TRP D 220 10.10 -3.68 17.15
C TRP D 220 10.73 -3.17 15.86
N ASP D 221 11.68 -2.24 15.97
CA ASP D 221 12.32 -1.70 14.76
C ASP D 221 13.06 -2.78 13.99
N TYR D 222 13.85 -3.62 14.68
CA TYR D 222 14.67 -4.55 13.91
C TYR D 222 13.89 -5.74 13.39
N PHE D 223 12.83 -6.16 14.10
CA PHE D 223 11.86 -7.08 13.54
C PHE D 223 11.35 -6.57 12.19
N ALA D 224 10.83 -5.34 12.17
CA ALA D 224 10.32 -4.80 10.91
C ALA D 224 11.45 -4.55 9.92
N ARG D 225 12.55 -3.95 10.39
CA ARG D 225 13.63 -3.58 9.47
C ARG D 225 14.27 -4.82 8.87
N ASP D 226 14.51 -5.85 9.70
CA ASP D 226 15.13 -7.06 9.17
C ASP D 226 14.20 -7.82 8.23
N CYS D 227 12.91 -7.94 8.59
CA CYS D 227 11.97 -8.60 7.68
C CYS D 227 11.96 -7.89 6.32
N HIS D 228 11.94 -6.56 6.36
CA HIS D 228 11.89 -5.78 5.13
C HIS D 228 13.06 -6.08 4.20
N HIS D 229 14.28 -6.20 4.76
CA HIS D 229 15.47 -6.45 3.94
C HIS D 229 15.70 -7.91 3.64
N LEU D 230 15.15 -8.81 4.45
CA LEU D 230 15.27 -10.25 4.26
C LEU D 230 14.17 -10.85 3.40
N GLY D 231 13.07 -10.12 3.15
CA GLY D 231 11.95 -10.72 2.46
C GLY D 231 11.20 -11.75 3.28
N ILE D 232 11.31 -11.69 4.60
CA ILE D 232 10.48 -12.48 5.51
C ILE D 232 9.30 -11.61 5.90
N GLN D 233 8.15 -12.22 6.18
CA GLN D 233 6.96 -11.45 6.54
C GLN D 233 6.93 -11.19 8.05
N ASN D 234 6.64 -9.95 8.41
CA ASN D 234 6.47 -9.55 9.81
C ASN D 234 4.97 -9.42 10.09
N ASN D 235 4.43 -10.32 10.92
CA ASN D 235 3.01 -10.33 11.26
C ASN D 235 2.69 -9.54 12.53
N PHE D 236 3.68 -8.93 13.17
CA PHE D 236 3.46 -8.08 14.34
C PHE D 236 3.24 -6.66 13.86
N ASP D 237 2.21 -6.00 14.40
CA ASP D 237 1.93 -4.60 14.09
C ASP D 237 2.24 -3.76 15.33
N TYR D 238 3.40 -3.09 15.32
CA TYR D 238 3.80 -2.31 16.50
C TYR D 238 2.87 -1.12 16.73
N LYS D 239 2.29 -0.55 15.67
CA LYS D 239 1.41 0.62 15.83
C LYS D 239 0.21 0.29 16.69
N ARG D 240 -0.37 -0.89 16.48
CA ARG D 240 -1.51 -1.32 17.28
C ARG D 240 -1.11 -1.55 18.74
N PHE D 241 0.08 -2.12 18.96
CA PHE D 241 0.54 -2.26 20.34
C PHE D 241 0.70 -0.89 21.00
N ILE D 242 1.21 0.09 20.27
CA ILE D 242 1.52 1.38 20.87
C ILE D 242 0.25 2.10 21.32
N LYS D 243 -0.74 2.21 20.44
CA LYS D 243 -1.90 3.02 20.79
C LYS D 243 -2.77 2.37 21.86
N PHE D 244 -2.65 1.07 22.08
CA PHE D 244 -3.44 0.39 23.09
C PHE D 244 -2.66 0.07 24.36
N ALA D 245 -1.44 0.57 24.49
CA ALA D 245 -0.63 0.26 25.66
C ALA D 245 -1.03 1.17 26.83
N ARG D 246 -0.93 0.62 28.05
CA ARG D 246 -1.30 1.36 29.26
C ARG D 246 -0.33 1.00 30.38
N VAL D 247 0.03 1.99 31.19
CA VAL D 247 0.81 1.74 32.39
C VAL D 247 -0.14 1.43 33.54
N CYS D 248 0.07 0.30 34.20
CA CYS D 248 -0.76 -0.16 35.30
C CYS D 248 0.14 -0.63 36.44
N GLU D 249 -0.45 -0.76 37.62
CA GLU D 249 0.27 -1.24 38.78
C GLU D 249 0.17 -2.76 38.82
N VAL D 250 1.32 -3.42 38.93
CA VAL D 250 1.42 -4.87 38.95
C VAL D 250 2.49 -5.22 39.98
N ASP D 251 2.06 -5.75 41.14
CA ASP D 251 2.97 -6.13 42.22
C ASP D 251 3.81 -4.94 42.69
N ASN D 252 3.14 -3.84 43.01
CA ASN D 252 3.70 -2.60 43.55
C ASN D 252 4.56 -1.82 42.55
N GLU D 253 4.74 -2.31 41.33
CA GLU D 253 5.55 -1.62 40.34
C GLU D 253 4.68 -1.28 39.13
N LEU D 254 4.90 -0.08 38.58
CA LEU D 254 4.18 0.35 37.38
C LEU D 254 4.84 -0.26 36.15
N ARG D 255 4.12 -1.13 35.46
CA ARG D 255 4.62 -1.83 34.29
C ARG D 255 3.78 -1.48 33.08
N ILE D 256 4.42 -1.45 31.91
CA ILE D 256 3.71 -1.22 30.65
C ILE D 256 2.93 -2.47 30.30
N CYS D 257 1.62 -2.32 30.07
CA CYS D 257 0.71 -3.43 29.84
C CYS D 257 0.00 -3.27 28.49
N ALA D 258 -0.14 -4.39 27.78
CA ALA D 258 -0.90 -4.43 26.54
C ALA D 258 -2.36 -4.68 26.84
N ARG D 259 -3.22 -4.25 25.94
CA ARG D 259 -4.64 -4.52 26.11
C ARG D 259 -4.95 -5.97 25.78
N ASP D 260 -5.99 -6.49 26.44
CA ASP D 260 -6.34 -7.91 26.30
C ASP D 260 -6.48 -8.32 24.84
N LYS D 261 -7.15 -7.50 24.02
CA LYS D 261 -7.39 -7.82 22.62
C LYS D 261 -6.12 -7.88 21.79
N GLU D 262 -5.00 -7.36 22.30
CA GLU D 262 -3.73 -7.42 21.57
C GLU D 262 -2.96 -8.71 21.79
N VAL D 263 -3.53 -9.67 22.52
CA VAL D 263 -2.80 -10.91 22.78
C VAL D 263 -2.48 -11.66 21.49
N GLY D 264 -3.35 -11.61 20.49
CA GLY D 264 -3.01 -12.21 19.20
C GLY D 264 -1.82 -11.53 18.53
N ASN D 265 -1.72 -10.21 18.66
CA ASN D 265 -0.55 -9.49 18.15
C ASN D 265 0.73 -9.95 18.84
N LEU D 266 0.65 -10.22 20.15
CA LEU D 266 1.82 -10.67 20.89
C LEU D 266 2.28 -12.03 20.42
N TYR D 267 1.36 -12.95 20.14
CA TYR D 267 1.76 -14.24 19.59
C TYR D 267 2.49 -14.05 18.26
N ASP D 268 1.94 -13.25 17.36
CA ASP D 268 2.62 -12.99 16.09
C ASP D 268 3.99 -12.36 16.33
N MET D 269 4.11 -11.48 17.32
CA MET D 269 5.41 -10.90 17.63
C MET D 269 6.40 -11.97 18.04
N PHE D 270 6.01 -12.82 18.99
CA PHE D 270 6.88 -13.90 19.45
C PHE D 270 7.20 -14.90 18.36
N HIS D 271 6.34 -15.04 17.36
CA HIS D 271 6.63 -15.98 16.29
C HIS D 271 7.55 -15.41 15.22
N THR D 272 7.35 -14.15 14.83
CA THR D 272 8.27 -13.57 13.86
C THR D 272 9.66 -13.43 14.47
N ARG D 273 9.74 -13.19 15.79
CA ARG D 273 11.01 -13.22 16.48
C ARG D 273 11.69 -14.57 16.29
N ASN D 274 10.93 -15.65 16.49
CA ASN D 274 11.53 -16.97 16.37
C ASN D 274 11.82 -17.36 14.92
N SER D 275 11.04 -16.86 13.96
CA SER D 275 11.37 -17.11 12.56
C SER D 275 12.63 -16.36 12.14
N LEU D 276 12.88 -15.19 12.72
CA LEU D 276 14.07 -14.42 12.34
C LEU D 276 15.34 -15.10 12.87
N HIS D 277 15.28 -15.64 14.09
CA HIS D 277 16.44 -16.31 14.64
C HIS D 277 16.75 -17.59 13.87
N ARG D 278 15.73 -18.39 13.59
CA ARG D 278 15.97 -19.68 12.96
C ARG D 278 16.34 -19.55 11.49
N ARG D 279 15.78 -18.58 10.78
CA ARG D 279 16.02 -18.43 9.36
C ARG D 279 17.18 -17.48 9.04
N ALA D 280 17.40 -16.46 9.87
CA ALA D 280 18.40 -15.45 9.54
C ALA D 280 19.58 -15.46 10.52
N TYR D 281 19.34 -15.23 11.81
CA TYR D 281 20.44 -14.99 12.73
C TYR D 281 21.28 -16.25 12.93
N GLN D 282 20.63 -17.42 13.00
CA GLN D 282 21.32 -18.69 13.18
C GLN D 282 21.52 -19.44 11.87
N HIS D 283 21.43 -18.74 10.74
CA HIS D 283 21.73 -19.34 9.44
C HIS D 283 23.12 -19.97 9.43
N LYS D 284 23.21 -21.16 8.82
CA LYS D 284 24.44 -21.94 8.92
C LYS D 284 25.61 -21.27 8.20
N VAL D 285 25.42 -20.88 6.94
CA VAL D 285 26.52 -20.32 6.17
C VAL D 285 26.92 -18.96 6.70
N GLY D 286 25.93 -18.12 7.06
CA GLY D 286 26.24 -16.81 7.59
C GLY D 286 27.03 -16.86 8.89
N ASN D 287 26.72 -17.84 9.76
CA ASN D 287 27.52 -18.01 10.96
C ASN D 287 28.93 -18.50 10.63
N ILE D 288 29.06 -19.40 9.65
CA ILE D 288 30.38 -19.80 9.19
C ILE D 288 31.17 -18.60 8.68
N ILE D 289 30.52 -17.73 7.89
CA ILE D 289 31.19 -16.54 7.38
C ILE D 289 31.60 -15.62 8.52
N ASP D 290 30.72 -15.42 9.50
CA ASP D 290 31.08 -14.64 10.67
C ASP D 290 32.36 -15.16 11.33
N THR D 291 32.53 -16.47 11.43
CA THR D 291 33.71 -17.00 12.09
C THR D 291 34.93 -16.87 11.19
N MET D 292 34.73 -16.78 9.87
CA MET D 292 35.87 -16.56 8.99
C MET D 292 36.40 -15.14 9.11
N ILE D 293 35.50 -14.16 9.24
CA ILE D 293 35.90 -12.77 9.49
C ILE D 293 36.61 -12.68 10.84
N THR D 294 36.04 -13.29 11.88
CA THR D 294 36.67 -13.27 13.20
C THR D 294 38.07 -13.84 13.14
N ASP D 295 38.22 -14.98 12.44
CA ASP D 295 39.55 -15.58 12.24
C ASP D 295 40.47 -14.61 11.53
N ALA D 296 40.00 -13.96 10.47
CA ALA D 296 40.78 -12.93 9.80
C ALA D 296 41.22 -11.84 10.78
N PHE D 297 40.29 -11.37 11.62
CA PHE D 297 40.61 -10.29 12.55
C PHE D 297 41.66 -10.70 13.58
N LEU D 298 41.60 -11.95 14.07
CA LEU D 298 42.57 -12.39 15.07
C LEU D 298 43.96 -12.50 14.46
N LYS D 299 44.05 -12.85 13.18
CA LYS D 299 45.35 -12.96 12.54
C LYS D 299 45.88 -11.63 12.07
N ALA D 300 45.02 -10.63 11.95
CA ALA D 300 45.44 -9.27 11.65
C ALA D 300 45.69 -8.45 12.90
N ASP D 301 45.24 -8.93 14.07
CA ASP D 301 45.17 -8.11 15.27
C ASP D 301 46.53 -7.54 15.69
N ASP D 302 47.62 -8.27 15.50
CA ASP D 302 48.91 -7.76 15.95
C ASP D 302 49.52 -6.73 15.01
N TYR D 303 48.91 -6.45 13.86
CA TYR D 303 49.56 -5.62 12.84
C TYR D 303 48.73 -4.45 12.33
N ILE D 304 47.52 -4.24 12.82
CA ILE D 304 46.75 -3.04 12.52
C ILE D 304 46.97 -2.04 13.64
N GLU D 305 47.19 -0.77 13.28
CA GLU D 305 47.35 0.29 14.28
C GLU D 305 46.28 1.36 14.05
N ILE D 306 45.44 1.57 15.06
CA ILE D 306 44.46 2.64 15.06
C ILE D 306 44.89 3.66 16.10
N THR D 307 44.94 4.93 15.68
CA THR D 307 45.37 6.02 16.55
C THR D 307 44.20 6.51 17.41
N GLY D 308 44.36 6.45 18.73
CA GLY D 308 43.40 6.99 19.67
C GLY D 308 43.88 8.27 20.33
N ALA D 309 43.30 8.57 21.48
CA ALA D 309 43.58 9.85 22.12
C ALA D 309 45.06 9.94 22.51
N GLY D 310 45.64 11.13 22.32
CA GLY D 310 47.02 11.37 22.70
C GLY D 310 48.06 10.81 21.77
N GLY D 311 47.68 10.34 20.59
CA GLY D 311 48.60 9.68 19.70
C GLY D 311 48.85 8.23 20.03
N LYS D 312 48.28 7.70 21.10
CA LYS D 312 48.50 6.31 21.47
C LYS D 312 47.90 5.38 20.41
N LYS D 313 48.54 4.24 20.20
CA LYS D 313 48.10 3.30 19.17
C LYS D 313 47.37 2.13 19.82
N TYR D 314 46.38 1.61 19.12
CA TYR D 314 45.56 0.51 19.64
C TYR D 314 45.35 -0.52 18.54
N ARG D 315 44.96 -1.71 18.95
CA ARG D 315 44.63 -2.80 18.04
C ARG D 315 43.11 -2.94 17.89
N ILE D 316 42.69 -3.84 16.99
CA ILE D 316 41.27 -4.16 16.86
C ILE D 316 40.69 -4.58 18.19
N SER D 317 41.49 -5.29 19.01
CA SER D 317 41.06 -5.79 20.30
C SER D 317 41.16 -4.76 21.44
N THR D 318 41.96 -3.71 21.30
CA THR D 318 42.07 -2.73 22.36
C THR D 318 41.40 -1.40 22.04
N ALA D 319 41.00 -1.21 20.78
CA ALA D 319 40.22 -0.03 20.43
C ALA D 319 39.04 0.15 21.38
N ILE D 320 38.50 -0.94 21.96
CA ILE D 320 37.40 -0.82 22.91
C ILE D 320 37.75 -0.07 24.19
N ASP D 321 39.04 0.13 24.47
CA ASP D 321 39.49 0.83 25.68
C ASP D 321 39.75 2.31 25.43
N ASP D 322 39.44 2.83 24.24
CA ASP D 322 39.71 4.23 23.92
C ASP D 322 38.75 4.68 22.82
N MET D 323 37.77 5.51 23.19
CA MET D 323 36.64 5.80 22.29
C MET D 323 37.05 6.60 21.05
N GLU D 324 38.10 7.43 21.15
CA GLU D 324 38.64 8.11 19.96
C GLU D 324 39.09 7.09 18.92
N ALA D 325 39.80 6.04 19.36
CA ALA D 325 40.17 4.96 18.46
C ALA D 325 38.93 4.20 17.98
N TYR D 326 38.04 3.84 18.92
CA TYR D 326 36.84 3.08 18.57
C TYR D 326 35.98 3.80 17.53
N THR D 327 35.98 5.13 17.52
CA THR D 327 35.24 5.88 16.51
C THR D 327 35.68 5.50 15.11
N LYS D 328 36.92 5.05 14.95
CA LYS D 328 37.46 4.75 13.63
C LYS D 328 37.48 3.25 13.33
N LEU D 329 36.90 2.42 14.18
CA LEU D 329 36.89 0.98 13.99
C LEU D 329 35.49 0.54 13.52
N THR D 330 35.32 0.43 12.21
CA THR D 330 34.06 0.00 11.60
C THR D 330 34.30 -1.17 10.66
N ASP D 331 33.26 -1.55 9.89
CA ASP D 331 33.41 -2.65 8.93
C ASP D 331 34.50 -2.34 7.90
N ASN D 332 34.91 -1.09 7.78
CA ASN D 332 36.06 -0.75 6.95
C ASN D 332 37.31 -1.56 7.34
N ILE D 333 37.43 -2.05 8.57
CA ILE D 333 38.61 -2.85 8.91
C ILE D 333 38.68 -4.11 8.05
N PHE D 334 37.51 -4.59 7.58
CA PHE D 334 37.44 -5.71 6.64
C PHE D 334 38.14 -5.37 5.34
N LEU D 335 37.82 -4.20 4.75
CA LEU D 335 38.43 -3.83 3.46
C LEU D 335 39.89 -3.41 3.62
N GLU D 336 40.25 -2.77 4.75
CA GLU D 336 41.64 -2.43 4.95
C GLU D 336 42.51 -3.69 4.89
N ILE D 337 42.11 -4.75 5.60
CA ILE D 337 42.81 -6.02 5.48
C ILE D 337 42.80 -6.51 4.04
N LEU D 338 41.63 -6.45 3.37
CA LEU D 338 41.50 -7.08 2.05
C LEU D 338 42.35 -6.37 1.00
N TYR D 339 42.48 -5.06 1.11
CA TYR D 339 43.28 -4.28 0.18
C TYR D 339 44.73 -4.09 0.64
N SER D 340 45.13 -4.72 1.74
CA SER D 340 46.45 -4.47 2.30
C SER D 340 47.54 -5.15 1.48
N THR D 341 48.74 -4.55 1.50
CA THR D 341 49.91 -5.15 0.88
C THR D 341 50.99 -5.57 1.88
N ASP D 342 50.84 -5.21 3.15
CA ASP D 342 51.80 -5.64 4.16
C ASP D 342 51.93 -7.16 4.14
N PRO D 343 53.16 -7.70 4.04
CA PRO D 343 53.34 -9.16 4.18
C PRO D 343 52.86 -9.72 5.51
N LYS D 344 52.90 -8.91 6.58
CA LYS D 344 52.45 -9.38 7.88
C LYS D 344 50.94 -9.54 7.96
N LEU D 345 50.20 -8.99 6.99
CA LEU D 345 48.76 -9.14 6.92
C LEU D 345 48.32 -10.19 5.90
N LYS D 346 49.28 -10.97 5.37
CA LYS D 346 48.93 -11.91 4.32
C LYS D 346 48.00 -13.02 4.84
N ASP D 347 48.24 -13.51 6.05
CA ASP D 347 47.42 -14.59 6.57
C ASP D 347 45.97 -14.12 6.74
N ALA D 348 45.78 -12.94 7.33
CA ALA D 348 44.45 -12.39 7.47
C ALA D 348 43.82 -12.12 6.11
N ARG D 349 44.59 -11.47 5.21
CA ARG D 349 44.12 -11.17 3.87
C ARG D 349 43.62 -12.42 3.14
N GLU D 350 44.34 -13.54 3.29
CA GLU D 350 43.97 -14.72 2.52
C GLU D 350 42.68 -15.36 3.02
N ILE D 351 42.37 -15.21 4.29
CA ILE D 351 41.08 -15.67 4.78
C ILE D 351 39.95 -14.85 4.16
N LEU D 352 40.10 -13.53 4.12
CA LEU D 352 39.09 -12.70 3.46
C LEU D 352 38.98 -13.04 1.98
N LYS D 353 40.13 -13.26 1.33
CA LYS D 353 40.11 -13.64 -0.08
C LYS D 353 39.42 -14.98 -0.29
N GLN D 354 39.44 -15.84 0.72
CA GLN D 354 38.70 -17.08 0.61
C GLN D 354 37.22 -16.86 0.77
N ILE D 355 36.80 -15.78 1.43
CA ILE D 355 35.38 -15.49 1.47
C ILE D 355 34.88 -15.07 0.09
N GLU D 356 35.63 -14.20 -0.60
CA GLU D 356 35.23 -13.76 -1.92
C GLU D 356 35.09 -14.93 -2.89
N TYR D 357 36.01 -15.90 -2.82
CA TYR D 357 35.97 -17.04 -3.71
C TYR D 357 34.90 -18.07 -3.33
N ARG D 358 34.29 -17.95 -2.14
CA ARG D 358 33.38 -18.98 -1.61
C ARG D 358 34.07 -20.32 -1.40
N ASN D 359 35.28 -20.28 -0.86
CA ASN D 359 35.93 -21.47 -0.31
C ASN D 359 35.89 -21.29 1.20
N LEU D 360 34.76 -21.64 1.79
CA LEU D 360 34.48 -21.37 3.19
C LEU D 360 34.81 -22.59 4.05
N PHE D 361 34.85 -22.37 5.36
CA PHE D 361 34.93 -23.47 6.29
C PHE D 361 33.74 -24.41 6.05
N LYS D 362 33.87 -25.64 6.52
CA LYS D 362 32.86 -26.69 6.28
C LYS D 362 32.09 -27.04 7.55
N TYR D 363 30.78 -27.22 7.41
CA TYR D 363 29.95 -27.57 8.55
C TYR D 363 30.18 -29.02 8.95
N VAL D 364 30.35 -29.26 10.26
CA VAL D 364 30.59 -30.60 10.79
C VAL D 364 29.39 -31.13 11.57
N GLY D 365 28.80 -30.29 12.41
CA GLY D 365 27.62 -30.72 13.15
C GLY D 365 27.21 -29.72 14.21
N GLU D 366 26.11 -30.06 14.90
CA GLU D 366 25.46 -29.22 15.89
C GLU D 366 25.22 -30.02 17.16
N THR D 367 25.17 -29.31 18.29
CA THR D 367 24.91 -29.93 19.59
C THR D 367 24.46 -28.86 20.58
N GLN D 368 23.92 -29.29 21.72
CA GLN D 368 23.44 -28.38 22.76
C GLN D 368 23.85 -28.89 24.14
N PRO D 369 24.11 -27.97 25.09
CA PRO D 369 24.37 -28.38 26.49
C PRO D 369 23.09 -28.65 27.26
N THR D 370 22.50 -29.82 26.99
CA THR D 370 21.25 -30.23 27.63
C THR D 370 21.48 -30.38 29.12
N GLY D 371 20.73 -29.62 29.90
CA GLY D 371 20.82 -29.69 31.33
C GLY D 371 22.18 -29.36 31.87
N GLN D 372 23.11 -28.95 31.02
CA GLN D 372 24.47 -28.68 31.44
C GLN D 372 24.66 -27.19 31.69
N ILE D 373 25.76 -26.90 32.36
CA ILE D 373 26.24 -25.54 32.49
C ILE D 373 26.43 -24.95 31.10
N LYS D 374 25.81 -23.80 30.87
CA LYS D 374 25.99 -23.10 29.59
C LYS D 374 27.45 -22.68 29.43
N ILE D 375 27.97 -22.89 28.22
CA ILE D 375 29.34 -22.49 27.92
C ILE D 375 29.48 -20.98 28.00
N LYS D 376 30.54 -20.52 28.66
CA LYS D 376 30.73 -19.11 28.90
C LYS D 376 31.81 -18.55 27.97
N ARG D 377 31.80 -17.22 27.83
CA ARG D 377 32.66 -16.56 26.84
C ARG D 377 34.13 -16.77 27.15
N GLU D 378 34.50 -16.71 28.44
CA GLU D 378 35.90 -16.86 28.84
C GLU D 378 36.51 -18.18 28.37
N ASP D 379 35.69 -19.19 28.05
CA ASP D 379 36.16 -20.50 27.63
C ASP D 379 36.09 -20.71 26.12
N TYR D 380 35.73 -19.68 25.36
CA TYR D 380 35.53 -19.84 23.91
C TYR D 380 36.79 -20.32 23.21
N GLU D 381 37.95 -19.76 23.56
CA GLU D 381 39.20 -20.10 22.89
C GLU D 381 39.72 -21.49 23.25
N SER D 382 39.32 -22.02 24.40
CA SER D 382 39.77 -23.36 24.79
C SER D 382 39.10 -24.44 23.97
N LEU D 383 37.94 -24.15 23.38
CA LEU D 383 37.15 -25.19 22.72
C LEU D 383 37.82 -25.84 21.51
N PRO D 384 38.49 -25.11 20.60
CA PRO D 384 39.05 -25.78 19.41
C PRO D 384 40.13 -26.79 19.73
N LYS D 385 40.82 -26.65 20.87
CA LYS D 385 41.78 -27.68 21.25
C LYS D 385 41.11 -28.85 21.97
N GLU D 386 40.00 -28.62 22.69
CA GLU D 386 39.26 -29.73 23.26
C GLU D 386 38.71 -30.67 22.18
N VAL D 387 38.40 -30.14 21.00
CA VAL D 387 37.90 -31.00 19.93
C VAL D 387 39.03 -31.84 19.34
N ALA D 388 40.18 -31.22 19.08
CA ALA D 388 41.35 -32.00 18.67
C ALA D 388 41.85 -32.91 19.78
N SER D 389 41.58 -32.55 21.04
CA SER D 389 41.95 -33.41 22.17
C SER D 389 41.21 -34.74 22.11
N ALA D 390 39.88 -34.69 22.08
CA ALA D 390 39.08 -35.90 22.16
C ALA D 390 39.12 -36.65 20.84
N LYS D 391 39.56 -37.90 20.86
CA LYS D 391 39.50 -38.76 19.68
C LYS D 391 39.09 -40.17 20.06
N ASP D 397 43.00 -42.51 9.31
CA ASP D 397 44.37 -42.29 8.89
C ASP D 397 44.78 -40.84 9.13
N VAL D 398 43.99 -39.91 8.61
CA VAL D 398 44.27 -38.48 8.74
C VAL D 398 43.87 -38.00 10.13
N LYS D 399 44.71 -37.18 10.75
CA LYS D 399 44.41 -36.57 12.03
C LYS D 399 44.52 -35.05 11.96
N LEU D 400 43.74 -34.35 12.78
CA LEU D 400 43.56 -32.91 12.65
C LEU D 400 43.94 -32.19 13.93
N LYS D 401 44.39 -30.97 13.78
CA LYS D 401 44.89 -30.19 14.91
C LYS D 401 43.92 -29.09 15.22
N ALA D 402 44.16 -28.44 16.35
CA ALA D 402 43.24 -27.41 16.80
C ALA D 402 43.03 -26.32 15.75
N GLU D 403 44.08 -26.03 14.97
CA GLU D 403 43.98 -25.06 13.88
C GLU D 403 42.82 -25.37 12.94
N ASP D 404 42.43 -26.63 12.82
CA ASP D 404 41.44 -27.05 11.85
C ASP D 404 40.01 -26.96 12.37
N PHE D 405 39.82 -26.59 13.64
CA PHE D 405 38.50 -26.61 14.25
C PHE D 405 38.05 -25.20 14.60
N ILE D 406 36.81 -24.88 14.25
CA ILE D 406 36.13 -23.68 14.74
C ILE D 406 34.97 -24.16 15.60
N VAL D 407 34.84 -23.59 16.79
CA VAL D 407 33.74 -23.90 17.68
C VAL D 407 32.94 -22.62 17.88
N ASP D 408 31.70 -22.62 17.45
CA ASP D 408 30.86 -21.43 17.51
C ASP D 408 29.73 -21.65 18.50
N VAL D 409 29.50 -20.66 19.36
CA VAL D 409 28.52 -20.77 20.44
C VAL D 409 27.42 -19.76 20.19
N ILE D 410 26.24 -20.27 19.80
CA ILE D 410 25.14 -19.44 19.32
C ILE D 410 24.12 -19.29 20.45
N ASN D 411 23.89 -18.05 20.87
CA ASN D 411 22.99 -17.76 21.97
C ASN D 411 21.82 -16.93 21.46
N MET D 412 20.63 -17.16 22.03
CA MET D 412 19.51 -16.27 21.74
C MET D 412 19.59 -15.00 22.58
N ASP D 413 19.92 -15.14 23.86
CA ASP D 413 20.18 -14.00 24.75
C ASP D 413 21.47 -14.24 25.53
N ILE D 422 5.59 -16.79 27.23
CA ILE D 422 4.20 -16.76 27.68
C ILE D 422 4.01 -15.64 28.72
N ASP D 423 4.77 -15.74 29.81
CA ASP D 423 4.55 -14.97 31.02
C ASP D 423 5.24 -13.61 30.94
N HIS D 424 5.34 -12.95 32.10
CA HIS D 424 6.07 -11.70 32.32
C HIS D 424 5.56 -10.55 31.46
N VAL D 425 4.45 -10.75 30.75
CA VAL D 425 3.74 -9.67 30.07
C VAL D 425 2.32 -9.65 30.64
N SER D 426 1.88 -8.48 31.08
CA SER D 426 0.57 -8.35 31.71
C SER D 426 -0.38 -7.59 30.80
N PHE D 427 -1.65 -8.01 30.81
CA PHE D 427 -2.69 -7.44 29.97
C PHE D 427 -3.70 -6.74 30.85
N TYR D 428 -4.49 -5.85 30.25
CA TYR D 428 -5.56 -5.17 30.96
C TYR D 428 -6.85 -5.23 30.16
N CYS D 429 -7.97 -5.24 30.88
CA CYS D 429 -9.29 -5.23 30.27
C CYS D 429 -9.83 -3.79 30.18
N LYS D 430 -10.73 -3.57 29.22
CA LYS D 430 -11.23 -2.22 28.94
C LYS D 430 -11.94 -1.61 30.14
N THR D 431 -12.80 -2.39 30.80
CA THR D 431 -13.60 -1.87 31.91
C THR D 431 -12.79 -1.70 33.20
N ALA D 432 -11.68 -2.42 33.35
CA ALA D 432 -10.75 -2.25 34.47
C ALA D 432 -9.41 -1.81 33.91
N PRO D 433 -9.24 -0.50 33.64
CA PRO D 433 -8.06 -0.04 32.91
C PRO D 433 -6.82 0.21 33.77
N ASN D 434 -6.89 -0.02 35.08
CA ASN D 434 -5.74 0.21 35.96
C ASN D 434 -5.22 -1.04 36.65
N ARG D 435 -5.84 -2.20 36.41
CA ARG D 435 -5.42 -3.45 37.02
C ARG D 435 -5.22 -4.51 35.94
N ALA D 436 -4.14 -5.28 36.07
CA ALA D 436 -3.80 -6.31 35.11
C ALA D 436 -4.15 -7.70 35.63
N ILE D 437 -4.03 -8.68 34.75
CA ILE D 437 -4.30 -10.07 35.11
C ILE D 437 -3.07 -10.94 34.83
N GLN D 455 21.10 -22.42 24.12
CA GLN D 455 22.46 -22.34 23.55
C GLN D 455 22.72 -23.46 22.53
N LEU D 456 23.18 -23.06 21.36
CA LEU D 456 23.59 -23.97 20.31
C LEU D 456 25.11 -23.95 20.21
N ILE D 457 25.69 -25.07 19.82
CA ILE D 457 27.14 -25.19 19.65
C ILE D 457 27.40 -25.86 18.31
N ARG D 458 28.06 -25.14 17.41
CA ARG D 458 28.40 -25.71 16.12
C ARG D 458 29.92 -25.80 15.95
N VAL D 459 30.35 -26.83 15.23
CA VAL D 459 31.76 -27.04 14.92
C VAL D 459 31.94 -27.01 13.41
N TYR D 460 32.90 -26.23 12.94
CA TYR D 460 33.30 -26.20 11.55
C TYR D 460 34.74 -26.67 11.41
N CYS D 461 35.07 -27.17 10.23
CA CYS D 461 36.40 -27.61 9.88
C CYS D 461 36.98 -26.68 8.81
N LYS D 462 38.30 -26.46 8.88
CA LYS D 462 38.99 -25.62 7.90
C LYS D 462 39.59 -26.42 6.74
N LYS D 463 39.68 -27.73 6.85
CA LYS D 463 40.19 -28.59 5.78
C LYS D 463 39.01 -29.30 5.14
N VAL D 464 38.85 -29.14 3.83
CA VAL D 464 37.59 -29.42 3.18
C VAL D 464 37.64 -30.67 2.31
N ASP D 465 38.75 -31.41 2.36
CA ASP D 465 38.81 -32.73 1.73
C ASP D 465 37.91 -33.71 2.48
N ARG D 466 37.35 -34.67 1.74
CA ARG D 466 36.38 -35.60 2.31
C ARG D 466 36.98 -36.42 3.45
N LYS D 467 38.29 -36.62 3.42
CA LYS D 467 38.98 -37.44 4.41
C LYS D 467 39.11 -36.71 5.75
N SER D 468 39.58 -35.46 5.72
CA SER D 468 39.63 -34.66 6.94
C SER D 468 38.24 -34.30 7.43
N LEU D 469 37.27 -34.22 6.52
CA LEU D 469 35.91 -33.86 6.91
C LEU D 469 35.24 -34.97 7.70
N TYR D 470 35.40 -36.22 7.26
CA TYR D 470 34.85 -37.33 8.03
C TYR D 470 35.60 -37.52 9.34
N ALA D 471 36.90 -37.22 9.37
CA ALA D 471 37.66 -37.32 10.62
C ALA D 471 37.13 -36.34 11.66
N ALA D 472 36.98 -35.05 11.28
CA ALA D 472 36.50 -34.03 12.20
C ALA D 472 35.12 -34.37 12.78
N ARG D 473 34.29 -35.08 12.02
CA ARG D 473 33.00 -35.51 12.54
C ARG D 473 33.16 -36.36 13.81
N GLN D 474 34.14 -37.29 13.81
CA GLN D 474 34.31 -38.17 14.96
C GLN D 474 34.94 -37.46 16.14
N TYR D 475 35.90 -36.58 15.89
CA TYR D 475 36.40 -35.71 16.95
C TYR D 475 35.23 -35.01 17.63
N PHE D 476 34.30 -34.48 16.82
CA PHE D 476 33.15 -33.75 17.36
C PHE D 476 32.26 -34.64 18.23
N VAL D 477 31.79 -35.77 17.67
CA VAL D 477 30.84 -36.63 18.39
C VAL D 477 31.43 -37.14 19.70
N GLN D 478 32.71 -37.50 19.69
CA GLN D 478 33.40 -37.89 20.92
C GLN D 478 33.48 -36.74 21.90
N TRP D 479 33.80 -35.52 21.42
CA TRP D 479 33.90 -34.36 22.30
C TRP D 479 32.60 -34.11 23.05
N CYS D 480 31.45 -34.32 22.39
CA CYS D 480 30.17 -34.16 23.09
C CYS D 480 29.94 -35.25 24.12
N ALA D 481 30.46 -36.45 23.88
CA ALA D 481 30.37 -37.51 24.89
C ALA D 481 31.12 -37.11 26.15
N ASP D 482 32.33 -36.55 26.00
CA ASP D 482 33.11 -36.13 27.16
C ASP D 482 32.47 -34.98 27.90
N ARG D 483 31.61 -34.20 27.24
CA ARG D 483 31.08 -32.98 27.84
C ARG D 483 29.58 -33.05 28.11
N ASN D 484 28.96 -34.23 28.01
CA ASN D 484 27.56 -34.45 28.34
C ASN D 484 26.59 -33.75 27.40
N PHE D 485 26.97 -33.58 26.13
CA PHE D 485 26.13 -32.90 25.15
C PHE D 485 25.41 -33.92 24.26
N THR D 486 24.39 -33.43 23.57
CA THR D 486 23.59 -34.29 22.71
C THR D 486 24.43 -34.88 21.58
N LYS D 487 24.01 -36.05 21.11
CA LYS D 487 24.68 -36.69 19.99
C LYS D 487 24.07 -36.17 18.69
N PRO D 488 24.86 -35.63 17.77
CA PRO D 488 24.30 -34.96 16.59
C PRO D 488 23.55 -35.89 15.65
N GLN D 489 22.58 -35.31 14.95
CA GLN D 489 21.81 -36.00 13.90
C GLN D 489 22.61 -35.99 12.60
N ASP D 490 21.97 -36.40 11.51
CA ASP D 490 22.57 -36.33 10.18
C ASP D 490 22.06 -35.12 9.40
#